data_8CMM
# 
_entry.id   8CMM 
# 
_audit_conform.dict_name       mmcif_pdbx.dic 
_audit_conform.dict_version    5.408 
_audit_conform.dict_location   http://mmcif.pdb.org/dictionaries/ascii/mmcif_pdbx.dic 
# 
loop_
_database_2.database_id 
_database_2.database_code 
_database_2.pdbx_database_accession 
_database_2.pdbx_DOI 
PDB   8CMM         pdb_00008cmm 10.2210/pdb8cmm/pdb 
WWPDB D_1292128714 ?            ?                   
# 
loop_
_pdbx_audit_revision_history.ordinal 
_pdbx_audit_revision_history.data_content_type 
_pdbx_audit_revision_history.major_revision 
_pdbx_audit_revision_history.minor_revision 
_pdbx_audit_revision_history.revision_date 
_pdbx_audit_revision_history.part_number 
1 'Structure model' 1 0 2024-03-06 ? 
2 'Structure model' 2 0 2024-06-12 ? 
3 'Structure model' 2 1 2024-07-03 ? 
4 'Structure model' 3 0 2025-12-10 ? 
# 
loop_
_pdbx_audit_revision_details.ordinal 
_pdbx_audit_revision_details.revision_ordinal 
_pdbx_audit_revision_details.data_content_type 
_pdbx_audit_revision_details.provider 
_pdbx_audit_revision_details.type 
_pdbx_audit_revision_details.description 
_pdbx_audit_revision_details.details 
1 1 'Structure model' repository 'Initial release'        ?                                                  ? 
2 2 'Structure model' author     'Coordinate replacement' 'Occupancy of atoms on special symmetry positions' ? 
# 
loop_
_pdbx_audit_revision_group.ordinal 
_pdbx_audit_revision_group.revision_ordinal 
_pdbx_audit_revision_group.data_content_type 
_pdbx_audit_revision_group.group 
1  2 'Structure model' Advisory                     
2  2 'Structure model' 'Atomic model'               
3  2 'Structure model' 'Author supporting evidence' 
4  2 'Structure model' 'Data collection'            
5  2 'Structure model' 'Database references'        
6  2 'Structure model' 'Derived calculations'       
7  2 'Structure model' 'Non-polymer description'    
8  2 'Structure model' Other                        
9  2 'Structure model' 'Refinement description'     
10 2 'Structure model' 'Source and taxonomy'        
11 2 'Structure model' 'Structure summary'          
12 3 'Structure model' 'Database references'        
13 4 'Structure model' 'Data collection'            
14 4 'Structure model' 'Non-polymer description'    
15 4 'Structure model' 'Structure summary'          
# 
loop_
_pdbx_audit_revision_category.ordinal 
_pdbx_audit_revision_category.revision_ordinal 
_pdbx_audit_revision_category.data_content_type 
_pdbx_audit_revision_category.category 
1  2 'Structure model' atom_site                    
2  2 'Structure model' atom_site_anisotrop          
3  2 'Structure model' atom_type                    
4  2 'Structure model' cell                         
5  2 'Structure model' chem_comp                    
6  2 'Structure model' chem_comp_atom               
7  2 'Structure model' citation                     
8  2 'Structure model' citation_author              
9  2 'Structure model' entity                       
10 2 'Structure model' entity_src_gen               
11 2 'Structure model' ndb_struct_conf_na           
12 2 'Structure model' ndb_struct_na_base_pair      
13 2 'Structure model' ndb_struct_na_base_pair_step 
14 2 'Structure model' pdbx_contact_author          
15 2 'Structure model' pdbx_distant_solvent_atoms   
16 2 'Structure model' pdbx_entity_instance_feature 
17 2 'Structure model' pdbx_entity_nonpoly          
18 2 'Structure model' pdbx_entity_src_syn          
19 2 'Structure model' pdbx_nonpoly_scheme          
20 2 'Structure model' pdbx_refine_tls              
21 2 'Structure model' pdbx_refine_tls_group        
22 2 'Structure model' pdbx_struct_assembly_gen     
23 2 'Structure model' pdbx_struct_conn_angle       
24 2 'Structure model' pdbx_struct_special_symmetry 
25 2 'Structure model' pdbx_validate_close_contact  
26 2 'Structure model' pdbx_validate_planes         
27 2 'Structure model' pdbx_validate_rmsd_angle     
28 2 'Structure model' pdbx_validate_symm_contact   
29 2 'Structure model' refine                       
30 2 'Structure model' refine_hist                  
31 2 'Structure model' refine_ls_restr              
32 2 'Structure model' refine_ls_shell              
33 2 'Structure model' software                     
34 2 'Structure model' struct                       
35 2 'Structure model' struct_asym                  
36 2 'Structure model' struct_conn                  
37 2 'Structure model' symmetry                     
38 3 'Structure model' citation                     
39 3 'Structure model' citation_author              
40 4 'Structure model' chem_comp                    
41 4 'Structure model' chem_comp_atom               
42 4 'Structure model' chem_comp_bond               
43 4 'Structure model' entity                       
44 4 'Structure model' pdbx_entry_details           
# 
loop_
_pdbx_audit_revision_item.ordinal 
_pdbx_audit_revision_item.revision_ordinal 
_pdbx_audit_revision_item.data_content_type 
_pdbx_audit_revision_item.item 
1  2 'Structure model' '_cell.volume'                                 
2  2 'Structure model' '_chem_comp.formula'                           
3  2 'Structure model' '_chem_comp.formula_weight'                    
4  2 'Structure model' '_chem_comp.id'                                
5  2 'Structure model' '_chem_comp.name'                              
6  2 'Structure model' '_citation.country'                            
7  2 'Structure model' '_citation.journal_abbrev'                     
8  2 'Structure model' '_citation.journal_id_CSD'                     
9  2 'Structure model' '_citation.journal_id_ISSN'                    
10 2 'Structure model' '_citation.pdbx_database_id_DOI'               
11 2 'Structure model' '_citation.title'                              
12 2 'Structure model' '_citation.year'                               
13 2 'Structure model' '_ndb_struct_na_base_pair.buckle'              
14 2 'Structure model' '_ndb_struct_na_base_pair.opening'             
15 2 'Structure model' '_ndb_struct_na_base_pair.propeller'           
16 2 'Structure model' '_ndb_struct_na_base_pair.shear'               
17 2 'Structure model' '_ndb_struct_na_base_pair.stagger'             
18 2 'Structure model' '_ndb_struct_na_base_pair.stretch'             
19 2 'Structure model' '_ndb_struct_na_base_pair_step.helical_rise'   
20 2 'Structure model' '_ndb_struct_na_base_pair_step.helical_twist'  
21 2 'Structure model' '_ndb_struct_na_base_pair_step.inclination'    
22 2 'Structure model' '_ndb_struct_na_base_pair_step.rise'           
23 2 'Structure model' '_ndb_struct_na_base_pair_step.roll'           
24 2 'Structure model' '_ndb_struct_na_base_pair_step.shift'          
25 2 'Structure model' '_ndb_struct_na_base_pair_step.slide'          
26 2 'Structure model' '_ndb_struct_na_base_pair_step.tilt'           
27 2 'Structure model' '_ndb_struct_na_base_pair_step.tip'            
28 2 'Structure model' '_ndb_struct_na_base_pair_step.twist'          
29 2 'Structure model' '_ndb_struct_na_base_pair_step.x_displacement' 
30 2 'Structure model' '_ndb_struct_na_base_pair_step.y_displacement' 
31 2 'Structure model' '_pdbx_entity_instance_feature.auth_comp_id'   
32 2 'Structure model' '_pdbx_entity_instance_feature.comp_id'        
33 2 'Structure model' '_pdbx_struct_assembly_gen.asym_id_list'       
34 2 'Structure model' '_refine.B_iso_mean'                           
35 2 'Structure model' '_refine.aniso_B[1][1]'                        
36 2 'Structure model' '_refine.aniso_B[1][2]'                        
37 2 'Structure model' '_refine.aniso_B[1][3]'                        
38 2 'Structure model' '_refine.aniso_B[2][2]'                        
39 2 'Structure model' '_refine.aniso_B[2][3]'                        
40 2 'Structure model' '_refine.aniso_B[3][3]'                        
41 2 'Structure model' '_refine.correlation_coeff_Fo_to_Fc'           
42 2 'Structure model' '_refine.correlation_coeff_Fo_to_Fc_free'      
43 2 'Structure model' '_refine.details'                              
44 2 'Structure model' '_refine.ls_R_factor_R_free'                   
45 2 'Structure model' '_refine.ls_R_factor_R_work'                   
46 2 'Structure model' '_refine.ls_R_factor_obs'                      
47 2 'Structure model' '_refine.ls_number_reflns_R_free'              
48 2 'Structure model' '_refine.ls_number_reflns_R_work'              
49 2 'Structure model' '_refine.ls_number_reflns_obs'                 
50 2 'Structure model' '_refine.ls_percent_reflns_R_free'             
51 2 'Structure model' '_refine.ls_percent_reflns_obs'                
52 2 'Structure model' '_refine.overall_SU_B'                         
53 2 'Structure model' '_refine.overall_SU_ML'                        
54 2 'Structure model' '_refine.pdbx_R_Free_selection_details'        
55 2 'Structure model' '_refine.pdbx_ls_cross_valid_method'           
56 2 'Structure model' '_refine.pdbx_ls_sigma_F'                      
57 2 'Structure model' '_refine.pdbx_overall_ESU_R'                   
58 2 'Structure model' '_refine.pdbx_overall_ESU_R_Free'              
59 2 'Structure model' '_refine.pdbx_overall_phase_error'             
60 2 'Structure model' '_refine.pdbx_solvent_ion_probe_radii'         
61 2 'Structure model' '_refine.pdbx_solvent_shrinkage_radii'         
62 2 'Structure model' '_refine.pdbx_solvent_vdw_probe_radii'         
63 2 'Structure model' '_refine.pdbx_stereochemistry_target_values'   
64 2 'Structure model' '_refine.solvent_model_details'                
65 2 'Structure model' '_refine_hist.cycle_id'                        
66 2 'Structure model' '_refine_hist.number_atoms_solvent'            
67 2 'Structure model' '_refine_hist.number_atoms_total'              
68 2 'Structure model' '_refine_hist.pdbx_number_atoms_ligand'        
69 2 'Structure model' '_software.name'                               
70 2 'Structure model' '_software.version'                            
71 2 'Structure model' '_struct.title'                                
72 2 'Structure model' '_symmetry.space_group_name_Hall'              
73 3 'Structure model' '_citation.journal_id_ISSN'                    
74 3 'Structure model' '_citation.journal_volume'                     
75 3 'Structure model' '_citation.page_first'                         
76 3 'Structure model' '_citation.page_last'                          
77 3 'Structure model' '_citation.pdbx_database_id_DOI'               
78 3 'Structure model' '_citation.pdbx_database_id_PubMed'            
79 3 'Structure model' '_citation.title'                              
80 3 'Structure model' '_citation_author.identifier_ORCID'            
81 4 'Structure model' '_chem_comp.formula'                           
82 4 'Structure model' '_chem_comp.formula_weight'                    
83 4 'Structure model' '_entity.formula_weight'                       
84 4 'Structure model' '_pdbx_entry_details.has_protein_modification' 
# 
_pdbx_database_status.status_code                     REL 
_pdbx_database_status.status_code_sf                  REL 
_pdbx_database_status.status_code_mr                  ? 
_pdbx_database_status.entry_id                        8CMM 
_pdbx_database_status.recvd_initial_deposition_date   2023-02-20 
_pdbx_database_status.SG_entry                        N 
_pdbx_database_status.deposit_site                    PDBE 
_pdbx_database_status.process_site                    PDBE 
_pdbx_database_status.status_code_cs                  ? 
_pdbx_database_status.status_code_nmr_data            ? 
_pdbx_database_status.methods_development_category    ? 
_pdbx_database_status.pdb_format_compatible           Y 
# 
_pdbx_contact_author.id                 2 
_pdbx_contact_author.email              c.j.cardin@reading.ac.uk 
_pdbx_contact_author.name_first         Christine 
_pdbx_contact_author.name_last          Cardin 
_pdbx_contact_author.name_mi            J 
_pdbx_contact_author.role               'principal investigator/group leader' 
_pdbx_contact_author.identifier_ORCID   0000-0002-2556-9995 
# 
loop_
_audit_author.name 
_audit_author.pdbx_ordinal 
_audit_author.identifier_ORCID 
'Prieto Otoya, T.D.' 1 0000-0003-3168-8568 
'Cardin, C.J.'       2 0000-0002-2556-9995 
'McQuaid, K.M.'      3 0000-0002-3222-5584 
# 
_citation.abstract                  ? 
_citation.abstract_id_CAS           ? 
_citation.book_id_ISBN              ? 
_citation.book_publisher            ? 
_citation.book_publisher_city       ? 
_citation.book_title                ? 
_citation.coordinate_linkage        ? 
_citation.country                   UK 
_citation.database_id_Medline       ? 
_citation.details                   ? 
_citation.id                        primary 
_citation.journal_abbrev            'Chem Sci' 
_citation.journal_id_ASTM           ? 
_citation.journal_id_CSD            ? 
_citation.journal_id_ISSN           2041-6520 
_citation.journal_full              ? 
_citation.journal_issue             ? 
_citation.journal_volume            15 
_citation.language                  ? 
_citation.page_first                9096 
_citation.page_last                 9103 
_citation.title                     'Re-pairing DNA: binding of a ruthenium phi complex to a double mismatch.' 
_citation.year                      2024 
_citation.database_id_CSD           ? 
_citation.pdbx_database_id_DOI      10.1039/d4sc01448k 
_citation.pdbx_database_id_PubMed   38903237 
_citation.pdbx_database_id_patent   ? 
_citation.unpublished_flag          ? 
# 
loop_
_citation_author.citation_id 
_citation_author.name 
_citation_author.ordinal 
_citation_author.identifier_ORCID 
primary 'Prieto Otoya, T.D.' 1 ?                   
primary 'McQuaid, K.T.'      2 ?                   
primary 'Paterson, N.G.'     3 ?                   
primary 'Cardin, D.J.'       4 ?                   
primary 'Kellett, A.'        5 0000-0002-8947-1401 
primary 'Cardin, C.J.'       6 0000-0002-2556-9995 
# 
loop_
_entity.id 
_entity.type 
_entity.src_method 
_entity.pdbx_description 
_entity.formula_weight 
_entity.pdbx_number_of_molecules 
_entity.pdbx_ec 
_entity.pdbx_mutation 
_entity.pdbx_fragment 
_entity.details 
1 polymer     syn 
;DNA (5'-D(*CP*GP*CP*TP*AP*TP*AP*AP*TP*GP*CP*G)-3')
;
3662.404 1  ? ? ? ? 
2 non-polymer syn 'ruthenium polypyridyl complex (delta enantiomer)'   667.723  1  ? ? ? ? 
3 non-polymer syn 'ruthenium polypyridyl complex (lambda enantiomer)'  667.723  1  ? ? ? ? 
4 non-polymer syn 'POTASSIUM ION'                                      39.098   2  ? ? ? ? 
5 non-polymer nat 'LITHIUM ION'                                        6.941    1  ? ? ? ? 
6 water       nat water                                                18.015   70 ? ? ? ? 
# 
_entity_poly.entity_id                      1 
_entity_poly.type                           polydeoxyribonucleotide 
_entity_poly.nstd_linkage                   no 
_entity_poly.nstd_monomer                   no 
_entity_poly.pdbx_seq_one_letter_code       '(DC)(DG)(DC)(DT)(DA)(DT)(DA)(DA)(DT)(DG)(DC)(DG)' 
_entity_poly.pdbx_seq_one_letter_code_can   CGCTATAATGCG 
_entity_poly.pdbx_strand_id                 A 
_entity_poly.pdbx_target_identifier         ? 
# 
loop_
_pdbx_entity_nonpoly.entity_id 
_pdbx_entity_nonpoly.name 
_pdbx_entity_nonpoly.comp_id 
2 'ruthenium polypyridyl complex (delta enantiomer)'  V70 
3 'ruthenium polypyridyl complex (lambda enantiomer)' V7F 
4 'POTASSIUM ION'                                     K   
5 'LITHIUM ION'                                       LI  
6 water                                               HOH 
# 
loop_
_entity_poly_seq.entity_id 
_entity_poly_seq.num 
_entity_poly_seq.mon_id 
_entity_poly_seq.hetero 
1 1  DC n 
1 2  DG n 
1 3  DC n 
1 4  DT n 
1 5  DA n 
1 6  DT n 
1 7  DA n 
1 8  DA n 
1 9  DT n 
1 10 DG n 
1 11 DC n 
1 12 DG n 
# 
_pdbx_entity_src_syn.entity_id              1 
_pdbx_entity_src_syn.pdbx_src_id            1 
_pdbx_entity_src_syn.pdbx_alt_source_flag   sample 
_pdbx_entity_src_syn.pdbx_beg_seq_num       1 
_pdbx_entity_src_syn.pdbx_end_seq_num       12 
_pdbx_entity_src_syn.organism_scientific    'synthetic construct' 
_pdbx_entity_src_syn.organism_common_name   ? 
_pdbx_entity_src_syn.ncbi_taxonomy_id       32630 
_pdbx_entity_src_syn.details                ? 
# 
loop_
_chem_comp.id 
_chem_comp.type 
_chem_comp.mon_nstd_flag 
_chem_comp.name 
_chem_comp.pdbx_synonyms 
_chem_comp.formula 
_chem_comp.formula_weight 
DA  'DNA linking' y "2'-DEOXYADENOSINE-5'-MONOPHOSPHATE"                ? 'C10 H14 N5 O6 P' 331.222 
DC  'DNA linking' y "2'-DEOXYCYTIDINE-5'-MONOPHOSPHATE"                 ? 'C9 H14 N3 O7 P'  307.197 
DG  'DNA linking' y "2'-DEOXYGUANOSINE-5'-MONOPHOSPHATE"                ? 'C10 H14 N5 O7 P' 347.221 
DT  'DNA linking' y "THYMIDINE-5'-MONOPHOSPHATE"                        ? 'C10 H15 N2 O8 P' 322.208 
HOH non-polymer   . WATER                                               ? 'H2 O'            18.015  
K   non-polymer   . 'POTASSIUM ION'                                     ? 'K 1'             39.098  
LI  non-polymer   . 'LITHIUM ION'                                       ? 'Li 1'            6.941   
V70 non-polymer   . 'ruthenium polypyridyl complex (delta enantiomer)'  ? 'C38 H26 N6 Ru 4' 667.723 
V7F non-polymer   . 'ruthenium polypyridyl complex (lambda enantiomer)' ? 'C38 H26 N6 Ru 4' 667.723 
# 
loop_
_pdbx_poly_seq_scheme.asym_id 
_pdbx_poly_seq_scheme.entity_id 
_pdbx_poly_seq_scheme.seq_id 
_pdbx_poly_seq_scheme.mon_id 
_pdbx_poly_seq_scheme.ndb_seq_num 
_pdbx_poly_seq_scheme.pdb_seq_num 
_pdbx_poly_seq_scheme.auth_seq_num 
_pdbx_poly_seq_scheme.pdb_mon_id 
_pdbx_poly_seq_scheme.auth_mon_id 
_pdbx_poly_seq_scheme.pdb_strand_id 
_pdbx_poly_seq_scheme.pdb_ins_code 
_pdbx_poly_seq_scheme.hetero 
A 1 1  DC 1  1  1  DC DC A . n 
A 1 2  DG 2  2  2  DG DG A . n 
A 1 3  DC 3  3  3  DC DC A . n 
A 1 4  DT 4  4  4  DT DT A . n 
A 1 5  DA 5  5  5  DA DA A . n 
A 1 6  DT 6  6  6  DT DT A . n 
A 1 7  DA 7  7  7  DA DA A . n 
A 1 8  DA 8  8  8  DA DA A . n 
A 1 9  DT 9  9  9  DT DT A . n 
A 1 10 DG 10 10 10 DG DG A . n 
A 1 11 DC 11 11 11 DC DC A . n 
A 1 12 DG 12 12 12 DG DG A . n 
# 
loop_
_pdbx_entity_instance_feature.ordinal 
_pdbx_entity_instance_feature.comp_id 
_pdbx_entity_instance_feature.asym_id 
_pdbx_entity_instance_feature.seq_num 
_pdbx_entity_instance_feature.auth_comp_id 
_pdbx_entity_instance_feature.auth_asym_id 
_pdbx_entity_instance_feature.auth_seq_num 
_pdbx_entity_instance_feature.feature_type 
_pdbx_entity_instance_feature.details 
1 V70 ? ? V70 ? ? 'SUBJECT OF INVESTIGATION' ? 
2 V7F ? ? V7F ? ? 'SUBJECT OF INVESTIGATION' ? 
# 
loop_
_pdbx_nonpoly_scheme.asym_id 
_pdbx_nonpoly_scheme.entity_id 
_pdbx_nonpoly_scheme.mon_id 
_pdbx_nonpoly_scheme.ndb_seq_num 
_pdbx_nonpoly_scheme.pdb_seq_num 
_pdbx_nonpoly_scheme.auth_seq_num 
_pdbx_nonpoly_scheme.pdb_mon_id 
_pdbx_nonpoly_scheme.auth_mon_id 
_pdbx_nonpoly_scheme.pdb_strand_id 
_pdbx_nonpoly_scheme.pdb_ins_code 
B 2 V70 1  101 1  V70 DPP A . 
C 3 V7F 1  102 2  V7F LPP A . 
D 4 K   1  103 1  K   K   A . 
E 4 K   1  104 2  K   K   A . 
F 5 LI  1  105 1  LI  LI  A . 
G 6 HOH 1  201 54 HOH HOH A . 
G 6 HOH 2  202 81 HOH HOH A . 
G 6 HOH 3  203 55 HOH HOH A . 
G 6 HOH 4  204 74 HOH HOH A . 
G 6 HOH 5  205 53 HOH HOH A . 
G 6 HOH 6  206 48 HOH HOH A . 
G 6 HOH 7  207 37 HOH HOH A . 
G 6 HOH 8  208 3  HOH HOH A . 
G 6 HOH 9  209 62 HOH HOH A . 
G 6 HOH 10 210 6  HOH HOH A . 
G 6 HOH 11 211 14 HOH HOH A . 
G 6 HOH 12 212 7  HOH HOH A . 
G 6 HOH 13 213 22 HOH HOH A . 
G 6 HOH 14 214 40 HOH HOH A . 
G 6 HOH 15 215 31 HOH HOH A . 
G 6 HOH 16 216 35 HOH HOH A . 
G 6 HOH 17 217 67 HOH HOH A . 
G 6 HOH 18 218 23 HOH HOH A . 
G 6 HOH 19 219 52 HOH HOH A . 
G 6 HOH 20 220 29 HOH HOH A . 
G 6 HOH 21 221 11 HOH HOH A . 
G 6 HOH 22 222 10 HOH HOH A . 
G 6 HOH 23 223 45 HOH HOH A . 
G 6 HOH 24 224 8  HOH HOH A . 
G 6 HOH 25 225 32 HOH HOH A . 
G 6 HOH 26 226 16 HOH HOH A . 
G 6 HOH 27 227 33 HOH HOH A . 
G 6 HOH 28 228 9  HOH HOH A . 
G 6 HOH 29 229 69 HOH HOH A . 
G 6 HOH 30 230 27 HOH HOH A . 
G 6 HOH 31 231 68 HOH HOH A . 
G 6 HOH 32 232 28 HOH HOH A . 
G 6 HOH 33 233 19 HOH HOH A . 
G 6 HOH 34 234 77 HOH HOH A . 
G 6 HOH 35 235 43 HOH HOH A . 
G 6 HOH 36 236 70 HOH HOH A . 
G 6 HOH 37 237 26 HOH HOH A . 
G 6 HOH 38 238 38 HOH HOH A . 
G 6 HOH 39 239 12 HOH HOH A . 
G 6 HOH 40 240 65 HOH HOH A . 
G 6 HOH 41 241 59 HOH HOH A . 
G 6 HOH 42 242 61 HOH HOH A . 
G 6 HOH 43 243 17 HOH HOH A . 
G 6 HOH 44 244 5  HOH HOH A . 
G 6 HOH 45 245 50 HOH HOH A . 
G 6 HOH 46 246 1  HOH HOH A . 
G 6 HOH 47 247 66 HOH HOH A . 
G 6 HOH 48 248 36 HOH HOH A . 
G 6 HOH 49 249 34 HOH HOH A . 
G 6 HOH 50 250 4  HOH HOH A . 
G 6 HOH 51 251 30 HOH HOH A . 
G 6 HOH 52 252 18 HOH HOH A . 
G 6 HOH 53 253 13 HOH HOH A . 
G 6 HOH 54 254 49 HOH HOH A . 
G 6 HOH 55 255 20 HOH HOH A . 
G 6 HOH 56 256 2  HOH HOH A . 
G 6 HOH 57 257 79 HOH HOH A . 
G 6 HOH 58 258 51 HOH HOH A . 
G 6 HOH 59 259 41 HOH HOH A . 
G 6 HOH 60 260 46 HOH HOH A . 
G 6 HOH 61 261 56 HOH HOH A . 
G 6 HOH 62 262 63 HOH HOH A . 
G 6 HOH 63 263 25 HOH HOH A . 
G 6 HOH 64 264 21 HOH HOH A . 
G 6 HOH 65 265 58 HOH HOH A . 
G 6 HOH 66 266 60 HOH HOH A . 
G 6 HOH 67 267 24 HOH HOH A . 
G 6 HOH 68 268 15 HOH HOH A . 
G 6 HOH 69 269 47 HOH HOH A . 
G 6 HOH 70 270 57 HOH HOH A . 
# 
loop_
_software.citation_id 
_software.classification 
_software.compiler_name 
_software.compiler_version 
_software.contact_author 
_software.contact_author_email 
_software.date 
_software.description 
_software.dependencies 
_software.hardware 
_software.language 
_software.location 
_software.mods 
_software.name 
_software.os 
_software.os_version 
_software.type 
_software.version 
_software.pdbx_ordinal 
? refinement       ? ? ? ? ? ? ? ? ? ? ? REFMAC ? ? ? 5.8.0415 1 
? 'data scaling'   ? ? ? ? ? ? ? ? ? ? ? DIALS  ? ? ? .        2 
? 'data reduction' ? ? ? ? ? ? ? ? ? ? ? DIALS  ? ? ? .        3 
? phasing          ? ? ? ? ? ? ? ? ? ? ? SHELX  ? ? ? .        4 
# 
_cell.angle_alpha                  90.00 
_cell.angle_alpha_esd              ? 
_cell.angle_beta                   90.00 
_cell.angle_beta_esd               ? 
_cell.angle_gamma                  90.00 
_cell.angle_gamma_esd              ? 
_cell.entry_id                     8CMM 
_cell.details                      ? 
_cell.formula_units_Z              ? 
_cell.length_a                     31.395 
_cell.length_a_esd                 ? 
_cell.length_b                     48.645 
_cell.length_b_esd                 ? 
_cell.length_c                     54.192 
_cell.length_c_esd                 ? 
_cell.volume                       ? 
_cell.volume_esd                   ? 
_cell.Z_PDB                        8 
_cell.reciprocal_angle_alpha       ? 
_cell.reciprocal_angle_beta        ? 
_cell.reciprocal_angle_gamma       ? 
_cell.reciprocal_angle_alpha_esd   ? 
_cell.reciprocal_angle_beta_esd    ? 
_cell.reciprocal_angle_gamma_esd   ? 
_cell.reciprocal_length_a          ? 
_cell.reciprocal_length_b          ? 
_cell.reciprocal_length_c          ? 
_cell.reciprocal_length_a_esd      ? 
_cell.reciprocal_length_b_esd      ? 
_cell.reciprocal_length_c_esd      ? 
_cell.pdbx_unique_axis             ? 
_cell.pdbx_esd_method              ? 
# 
_symmetry.entry_id                         8CMM 
_symmetry.cell_setting                     ? 
_symmetry.Int_Tables_number                24 
_symmetry.space_group_name_Hall            ? 
_symmetry.space_group_name_H-M             'I 21 21 21' 
_symmetry.pdbx_full_space_group_name_H-M   ? 
# 
_exptl.absorpt_coefficient_mu     ? 
_exptl.absorpt_correction_T_max   ? 
_exptl.absorpt_correction_T_min   ? 
_exptl.absorpt_correction_type    ? 
_exptl.absorpt_process_details    ? 
_exptl.entry_id                   8CMM 
_exptl.crystals_number            1 
_exptl.details                    ? 
_exptl.method                     'X-RAY DIFFRACTION' 
_exptl.method_details             ? 
# 
_exptl_crystal.colour                       ? 
_exptl_crystal.density_diffrn               ? 
_exptl_crystal.density_Matthews             2.82 
_exptl_crystal.density_method               ? 
_exptl_crystal.density_percent_sol          56.46 
_exptl_crystal.description                  ? 
_exptl_crystal.F_000                        ? 
_exptl_crystal.id                           1 
_exptl_crystal.preparation                  ? 
_exptl_crystal.size_max                     ? 
_exptl_crystal.size_mid                     ? 
_exptl_crystal.size_min                     ? 
_exptl_crystal.size_rad                     ? 
_exptl_crystal.colour_lustre                ? 
_exptl_crystal.colour_modifier              ? 
_exptl_crystal.colour_primary               ? 
_exptl_crystal.density_meas                 ? 
_exptl_crystal.density_meas_esd             ? 
_exptl_crystal.density_meas_gt              ? 
_exptl_crystal.density_meas_lt              ? 
_exptl_crystal.density_meas_temp            ? 
_exptl_crystal.density_meas_temp_esd        ? 
_exptl_crystal.density_meas_temp_gt         ? 
_exptl_crystal.density_meas_temp_lt         ? 
_exptl_crystal.pdbx_crystal_image_url       ? 
_exptl_crystal.pdbx_crystal_image_format    ? 
_exptl_crystal.pdbx_mosaicity               ? 
_exptl_crystal.pdbx_mosaicity_esd           ? 
_exptl_crystal.pdbx_mosaic_method           ? 
_exptl_crystal.pdbx_mosaic_block_size       ? 
_exptl_crystal.pdbx_mosaic_block_size_esd   ? 
# 
_exptl_crystal_grow.apparatus       ? 
_exptl_crystal_grow.atmosphere      ? 
_exptl_crystal_grow.crystal_id      1 
_exptl_crystal_grow.details         ? 
_exptl_crystal_grow.method          'VAPOR DIFFUSION, SITTING DROP' 
_exptl_crystal_grow.method_ref      ? 
_exptl_crystal_grow.pH              7 
_exptl_crystal_grow.pressure        ? 
_exptl_crystal_grow.pressure_esd    ? 
_exptl_crystal_grow.seeding         ? 
_exptl_crystal_grow.seeding_ref     ? 
_exptl_crystal_grow.temp_details    ? 
_exptl_crystal_grow.temp_esd        ? 
_exptl_crystal_grow.time            ? 
_exptl_crystal_grow.pdbx_details    '0.01M MgCl2 hexahydrate, 0.05M HEPES sodium, and 4M LiCl' 
_exptl_crystal_grow.pdbx_pH_range   ? 
_exptl_crystal_grow.temp            277 
# 
_diffrn.ambient_environment              ? 
_diffrn.ambient_temp                     100 
_diffrn.ambient_temp_details             ? 
_diffrn.ambient_temp_esd                 ? 
_diffrn.crystal_id                       1 
_diffrn.crystal_support                  ? 
_diffrn.crystal_treatment                ? 
_diffrn.details                          ? 
_diffrn.id                               1 
_diffrn.ambient_pressure                 ? 
_diffrn.ambient_pressure_esd             ? 
_diffrn.ambient_pressure_gt              ? 
_diffrn.ambient_pressure_lt              ? 
_diffrn.ambient_temp_gt                  ? 
_diffrn.ambient_temp_lt                  ? 
_diffrn.pdbx_serial_crystal_experiment   N 
# 
_diffrn_detector.details                      ? 
_diffrn_detector.detector                     PIXEL 
_diffrn_detector.diffrn_id                    1 
_diffrn_detector.type                         'DECTRIS EIGER2 XE 16M' 
_diffrn_detector.area_resol_mean              ? 
_diffrn_detector.dtime                        ? 
_diffrn_detector.pdbx_frames_total            ? 
_diffrn_detector.pdbx_collection_time_total   ? 
_diffrn_detector.pdbx_collection_date         2023-01-23 
_diffrn_detector.pdbx_frequency               ? 
_diffrn_detector.id                           ? 
_diffrn_detector.number_of_axes               ? 
# 
_diffrn_radiation.collimation                      ? 
_diffrn_radiation.diffrn_id                        1 
_diffrn_radiation.filter_edge                      ? 
_diffrn_radiation.inhomogeneity                    ? 
_diffrn_radiation.monochromator                    ? 
_diffrn_radiation.polarisn_norm                    ? 
_diffrn_radiation.polarisn_ratio                   ? 
_diffrn_radiation.probe                            ? 
_diffrn_radiation.type                             ? 
_diffrn_radiation.xray_symbol                      ? 
_diffrn_radiation.wavelength_id                    1 
_diffrn_radiation.pdbx_monochromatic_or_laue_m_l   M 
_diffrn_radiation.pdbx_wavelength_list             ? 
_diffrn_radiation.pdbx_wavelength                  ? 
_diffrn_radiation.pdbx_diffrn_protocol             'SINGLE WAVELENGTH' 
_diffrn_radiation.pdbx_analyzer                    ? 
_diffrn_radiation.pdbx_scattering_type             x-ray 
# 
_diffrn_radiation_wavelength.id           1 
_diffrn_radiation_wavelength.wavelength   0.8260 
_diffrn_radiation_wavelength.wt           1.0 
# 
_diffrn_source.current                     ? 
_diffrn_source.details                     ? 
_diffrn_source.diffrn_id                   1 
_diffrn_source.power                       ? 
_diffrn_source.size                        ? 
_diffrn_source.source                      SYNCHROTRON 
_diffrn_source.target                      ? 
_diffrn_source.type                        'DIAMOND BEAMLINE I03' 
_diffrn_source.voltage                     ? 
_diffrn_source.take-off_angle              ? 
_diffrn_source.pdbx_wavelength_list        0.8260 
_diffrn_source.pdbx_wavelength             ? 
_diffrn_source.pdbx_synchrotron_beamline   I03 
_diffrn_source.pdbx_synchrotron_site       Diamond 
# 
_reflns.B_iso_Wilson_estimate                          10.08 
_reflns.entry_id                                       8CMM 
_reflns.data_reduction_details                         ? 
_reflns.data_reduction_method                          ? 
_reflns.d_resolution_high                              0.90 
_reflns.d_resolution_low                               36.20 
_reflns.details                                        ? 
_reflns.limit_h_max                                    ? 
_reflns.limit_h_min                                    ? 
_reflns.limit_k_max                                    ? 
_reflns.limit_k_min                                    ? 
_reflns.limit_l_max                                    ? 
_reflns.limit_l_min                                    ? 
_reflns.number_all                                     ? 
_reflns.number_obs                                     28800 
_reflns.observed_criterion                             ? 
_reflns.observed_criterion_F_max                       ? 
_reflns.observed_criterion_F_min                       ? 
_reflns.observed_criterion_I_max                       ? 
_reflns.observed_criterion_I_min                       ? 
_reflns.observed_criterion_sigma_F                     ? 
_reflns.observed_criterion_sigma_I                     ? 
_reflns.percent_possible_obs                           92.5 
_reflns.R_free_details                                 ? 
_reflns.Rmerge_F_all                                   ? 
_reflns.Rmerge_F_obs                                   ? 
_reflns.Friedel_coverage                               ? 
_reflns.number_gt                                      ? 
_reflns.threshold_expression                           ? 
_reflns.pdbx_redundancy                                12.1 
_reflns.pdbx_netI_over_av_sigmaI                       ? 
_reflns.pdbx_netI_over_sigmaI                          19.0 
_reflns.pdbx_res_netI_over_av_sigmaI_2                 ? 
_reflns.pdbx_res_netI_over_sigmaI_2                    ? 
_reflns.pdbx_chi_squared                               ? 
_reflns.pdbx_scaling_rejects                           ? 
_reflns.pdbx_d_res_high_opt                            ? 
_reflns.pdbx_d_res_low_opt                             ? 
_reflns.pdbx_d_res_opt_method                          ? 
_reflns.phase_calculation_details                      ? 
_reflns.pdbx_Rrim_I_all                                0.046 
_reflns.pdbx_Rpim_I_all                                0.013 
_reflns.pdbx_d_opt                                     ? 
_reflns.pdbx_number_measured_all                       ? 
_reflns.pdbx_diffrn_id                                 1 
_reflns.pdbx_ordinal                                   1 
_reflns.pdbx_CC_half                                   0.999 
_reflns.pdbx_CC_star                                   ? 
_reflns.pdbx_R_split                                   ? 
_reflns.pdbx_Rmerge_I_obs                              0.044 
_reflns.pdbx_Rmerge_I_all                              ? 
_reflns.pdbx_Rsym_value                                ? 
_reflns.pdbx_CC_split_method                           ? 
_reflns.pdbx_aniso_diffraction_limit_axis_1_ortho[1]   ? 
_reflns.pdbx_aniso_diffraction_limit_axis_1_ortho[2]   ? 
_reflns.pdbx_aniso_diffraction_limit_axis_1_ortho[3]   ? 
_reflns.pdbx_aniso_diffraction_limit_axis_2_ortho[1]   ? 
_reflns.pdbx_aniso_diffraction_limit_axis_2_ortho[2]   ? 
_reflns.pdbx_aniso_diffraction_limit_axis_2_ortho[3]   ? 
_reflns.pdbx_aniso_diffraction_limit_axis_3_ortho[1]   ? 
_reflns.pdbx_aniso_diffraction_limit_axis_3_ortho[2]   ? 
_reflns.pdbx_aniso_diffraction_limit_axis_3_ortho[3]   ? 
_reflns.pdbx_aniso_diffraction_limit_1                 ? 
_reflns.pdbx_aniso_diffraction_limit_2                 ? 
_reflns.pdbx_aniso_diffraction_limit_3                 ? 
_reflns.pdbx_aniso_B_tensor_eigenvector_1_ortho[1]     ? 
_reflns.pdbx_aniso_B_tensor_eigenvector_1_ortho[2]     ? 
_reflns.pdbx_aniso_B_tensor_eigenvector_1_ortho[3]     ? 
_reflns.pdbx_aniso_B_tensor_eigenvector_2_ortho[1]     ? 
_reflns.pdbx_aniso_B_tensor_eigenvector_2_ortho[2]     ? 
_reflns.pdbx_aniso_B_tensor_eigenvector_2_ortho[3]     ? 
_reflns.pdbx_aniso_B_tensor_eigenvector_3_ortho[1]     ? 
_reflns.pdbx_aniso_B_tensor_eigenvector_3_ortho[2]     ? 
_reflns.pdbx_aniso_B_tensor_eigenvector_3_ortho[3]     ? 
_reflns.pdbx_aniso_B_tensor_eigenvalue_1               ? 
_reflns.pdbx_aniso_B_tensor_eigenvalue_2               ? 
_reflns.pdbx_aniso_B_tensor_eigenvalue_3               ? 
_reflns.pdbx_orthogonalization_convention              ? 
_reflns.pdbx_percent_possible_ellipsoidal              ? 
_reflns.pdbx_percent_possible_spherical                ? 
_reflns.pdbx_percent_possible_ellipsoidal_anomalous    ? 
_reflns.pdbx_percent_possible_spherical_anomalous      ? 
_reflns.pdbx_redundancy_anomalous                      ? 
_reflns.pdbx_CC_half_anomalous                         ? 
_reflns.pdbx_absDiff_over_sigma_anomalous              ? 
_reflns.pdbx_percent_possible_anomalous                ? 
_reflns.pdbx_observed_signal_threshold                 ? 
_reflns.pdbx_signal_type                               ? 
_reflns.pdbx_signal_details                            ? 
_reflns.pdbx_signal_software_id                        ? 
# 
_reflns_shell.d_res_high                                    0.90 
_reflns_shell.d_res_low                                     0.92 
_reflns_shell.meanI_over_sigI_all                           ? 
_reflns_shell.meanI_over_sigI_obs                           ? 
_reflns_shell.number_measured_all                           4660 
_reflns_shell.number_measured_obs                           ? 
_reflns_shell.number_possible                               ? 
_reflns_shell.number_unique_all                             ? 
_reflns_shell.number_unique_obs                             718 
_reflns_shell.percent_possible_obs                          47.7 
_reflns_shell.Rmerge_F_all                                  ? 
_reflns_shell.Rmerge_F_obs                                  ? 
_reflns_shell.meanI_over_sigI_gt                            ? 
_reflns_shell.meanI_over_uI_all                             ? 
_reflns_shell.meanI_over_uI_gt                              ? 
_reflns_shell.number_measured_gt                            ? 
_reflns_shell.number_unique_gt                              ? 
_reflns_shell.percent_possible_gt                           ? 
_reflns_shell.Rmerge_F_gt                                   ? 
_reflns_shell.Rmerge_I_gt                                   ? 
_reflns_shell.pdbx_redundancy                               6.5 
_reflns_shell.pdbx_chi_squared                              ? 
_reflns_shell.pdbx_netI_over_sigmaI_all                     ? 
_reflns_shell.pdbx_netI_over_sigmaI_obs                     0.3 
_reflns_shell.pdbx_Rrim_I_all                               2.233 
_reflns_shell.pdbx_Rpim_I_all                               0.834 
_reflns_shell.pdbx_rejects                                  ? 
_reflns_shell.pdbx_ordinal                                  1 
_reflns_shell.pdbx_diffrn_id                                1 
_reflns_shell.pdbx_CC_half                                  0.294 
_reflns_shell.pdbx_CC_star                                  ? 
_reflns_shell.pdbx_R_split                                  ? 
_reflns_shell.percent_possible_all                          ? 
_reflns_shell.Rmerge_I_all                                  ? 
_reflns_shell.Rmerge_I_obs                                  2.061 
_reflns_shell.pdbx_Rsym_value                               ? 
_reflns_shell.pdbx_percent_possible_ellipsoidal             ? 
_reflns_shell.pdbx_percent_possible_spherical               ? 
_reflns_shell.pdbx_percent_possible_ellipsoidal_anomalous   ? 
_reflns_shell.pdbx_percent_possible_spherical_anomalous     ? 
_reflns_shell.pdbx_redundancy_anomalous                     ? 
_reflns_shell.pdbx_CC_half_anomalous                        ? 
_reflns_shell.pdbx_absDiff_over_sigma_anomalous             ? 
_reflns_shell.pdbx_percent_possible_anomalous               ? 
# 
_refine.aniso_B[1][1]                            -0.05 
_refine.aniso_B[1][2]                            -0.00 
_refine.aniso_B[1][3]                            -0.00 
_refine.aniso_B[2][2]                            -0.24 
_refine.aniso_B[2][3]                            0.00 
_refine.aniso_B[3][3]                            0.29 
_refine.B_iso_max                                ? 
_refine.B_iso_mean                               11.224 
_refine.B_iso_min                                ? 
_refine.correlation_coeff_Fo_to_Fc               0.983 
_refine.correlation_coeff_Fo_to_Fc_free          0.978 
_refine.details                                  'HYDROGENS HAVE BEEN ADDED IN THE RIDING POSITIONS' 
_refine.diff_density_max                         ? 
_refine.diff_density_max_esd                     ? 
_refine.diff_density_min                         ? 
_refine.diff_density_min_esd                     ? 
_refine.diff_density_rms                         ? 
_refine.diff_density_rms_esd                     ? 
_refine.entry_id                                 8CMM 
_refine.pdbx_refine_id                           'X-RAY DIFFRACTION' 
_refine.ls_abs_structure_details                 ? 
_refine.ls_abs_structure_Flack                   ? 
_refine.ls_abs_structure_Flack_esd               ? 
_refine.ls_abs_structure_Rogers                  ? 
_refine.ls_abs_structure_Rogers_esd              ? 
_refine.ls_d_res_high                            0.90 
_refine.ls_d_res_low                             36.20 
_refine.ls_extinction_coef                       ? 
_refine.ls_extinction_coef_esd                   ? 
_refine.ls_extinction_expression                 ? 
_refine.ls_extinction_method                     ? 
_refine.ls_goodness_of_fit_all                   ? 
_refine.ls_goodness_of_fit_all_esd               ? 
_refine.ls_goodness_of_fit_obs                   ? 
_refine.ls_goodness_of_fit_obs_esd               ? 
_refine.ls_hydrogen_treatment                    ? 
_refine.ls_matrix_type                           ? 
_refine.ls_number_constraints                    ? 
_refine.ls_number_parameters                     ? 
_refine.ls_number_reflns_all                     ? 
_refine.ls_number_reflns_obs                     27375 
_refine.ls_number_reflns_R_free                  1425 
_refine.ls_number_reflns_R_work                  ? 
_refine.ls_number_restraints                     ? 
_refine.ls_percent_reflns_obs                    92.47 
_refine.ls_percent_reflns_R_free                 4.9 
_refine.ls_R_factor_all                          ? 
_refine.ls_R_factor_obs                          0.13700 
_refine.ls_R_factor_R_free                       0.15940 
_refine.ls_R_factor_R_free_error                 ? 
_refine.ls_R_factor_R_free_error_details         ? 
_refine.ls_R_factor_R_work                       0.13592 
_refine.ls_R_Fsqd_factor_obs                     ? 
_refine.ls_R_I_factor_obs                        ? 
_refine.ls_redundancy_reflns_all                 ? 
_refine.ls_redundancy_reflns_obs                 ? 
_refine.ls_restrained_S_all                      ? 
_refine.ls_restrained_S_obs                      ? 
_refine.ls_shift_over_esd_max                    ? 
_refine.ls_shift_over_esd_mean                   ? 
_refine.ls_structure_factor_coef                 ? 
_refine.ls_weighting_details                     ? 
_refine.ls_weighting_scheme                      ? 
_refine.ls_wR_factor_all                         ? 
_refine.ls_wR_factor_obs                         ? 
_refine.ls_wR_factor_R_free                      ? 
_refine.ls_wR_factor_R_work                      ? 
_refine.occupancy_max                            ? 
_refine.occupancy_min                            ? 
_refine.solvent_model_details                    MASK 
_refine.solvent_model_param_bsol                 ? 
_refine.solvent_model_param_ksol                 ? 
_refine.pdbx_R_complete                          ? 
_refine.ls_R_factor_gt                           ? 
_refine.ls_goodness_of_fit_gt                    ? 
_refine.ls_goodness_of_fit_ref                   ? 
_refine.ls_shift_over_su_max                     ? 
_refine.ls_shift_over_su_max_lt                  ? 
_refine.ls_shift_over_su_mean                    ? 
_refine.ls_shift_over_su_mean_lt                 ? 
_refine.pdbx_ls_sigma_I                          ? 
_refine.pdbx_ls_sigma_F                          ? 
_refine.pdbx_ls_sigma_Fsqd                       ? 
_refine.pdbx_data_cutoff_high_absF               ? 
_refine.pdbx_data_cutoff_high_rms_absF           ? 
_refine.pdbx_data_cutoff_low_absF                ? 
_refine.pdbx_isotropic_thermal_model             ? 
_refine.pdbx_ls_cross_valid_method               THROUGHOUT 
_refine.pdbx_method_to_determine_struct          SAD 
_refine.pdbx_starting_model                      ? 
_refine.pdbx_stereochemistry_target_values       'MAXIMUM LIKELIHOOD' 
_refine.pdbx_R_Free_selection_details            RANDOM 
_refine.pdbx_stereochem_target_val_spec_case     ? 
_refine.pdbx_overall_ESU_R                       0.018 
_refine.pdbx_overall_ESU_R_Free                  0.019 
_refine.pdbx_solvent_vdw_probe_radii             1.20 
_refine.pdbx_solvent_ion_probe_radii             0.80 
_refine.pdbx_solvent_shrinkage_radii             0.80 
_refine.pdbx_real_space_R                        ? 
_refine.pdbx_density_correlation                 ? 
_refine.pdbx_pd_number_of_powder_patterns        ? 
_refine.pdbx_pd_number_of_points                 ? 
_refine.pdbx_pd_meas_number_of_points            ? 
_refine.pdbx_pd_proc_ls_prof_R_factor            ? 
_refine.pdbx_pd_proc_ls_prof_wR_factor           ? 
_refine.pdbx_pd_Marquardt_correlation_coeff      ? 
_refine.pdbx_pd_Fsqrd_R_factor                   ? 
_refine.pdbx_pd_ls_matrix_band_width             ? 
_refine.pdbx_overall_phase_error                 ? 
_refine.pdbx_overall_SU_R_free_Cruickshank_DPI   ? 
_refine.pdbx_overall_SU_R_free_Blow_DPI          ? 
_refine.pdbx_overall_SU_R_Blow_DPI               ? 
_refine.pdbx_TLS_residual_ADP_flag               ? 
_refine.pdbx_diffrn_id                           1 
_refine.overall_SU_B                             0.667 
_refine.overall_SU_ML                            0.016 
_refine.overall_SU_R_Cruickshank_DPI             ? 
_refine.overall_SU_R_free                        ? 
_refine.overall_FOM_free_R_set                   ? 
_refine.overall_FOM_work_R_set                   ? 
_refine.pdbx_average_fsc_overall                 ? 
_refine.pdbx_average_fsc_work                    ? 
_refine.pdbx_average_fsc_free                    ? 
# 
_refine_hist.pdbx_refine_id                   'X-RAY DIFFRACTION' 
_refine_hist.cycle_id                         1 
_refine_hist.details                          ? 
_refine_hist.d_res_high                       0.90 
_refine_hist.d_res_low                        36.20 
_refine_hist.number_atoms_solvent             70 
_refine_hist.number_atoms_total               406 
_refine_hist.number_reflns_all                ? 
_refine_hist.number_reflns_obs                ? 
_refine_hist.number_reflns_R_free             ? 
_refine_hist.number_reflns_R_work             ? 
_refine_hist.R_factor_all                     ? 
_refine_hist.R_factor_obs                     ? 
_refine_hist.R_factor_R_free                  ? 
_refine_hist.R_factor_R_work                  ? 
_refine_hist.pdbx_number_residues_total       ? 
_refine_hist.pdbx_B_iso_mean_ligand           ? 
_refine_hist.pdbx_B_iso_mean_solvent          ? 
_refine_hist.pdbx_number_atoms_protein        0 
_refine_hist.pdbx_number_atoms_nucleic_acid   243 
_refine_hist.pdbx_number_atoms_ligand         93 
_refine_hist.pdbx_number_atoms_lipid          ? 
_refine_hist.pdbx_number_atoms_carb           ? 
_refine_hist.pdbx_pseudo_atom_details         ? 
# 
loop_
_refine_ls_restr.pdbx_refine_id 
_refine_ls_restr.criterion 
_refine_ls_restr.dev_ideal 
_refine_ls_restr.dev_ideal_target 
_refine_ls_restr.number 
_refine_ls_restr.rejects 
_refine_ls_restr.type 
_refine_ls_restr.weight 
_refine_ls_restr.pdbx_restraint_function 
'X-RAY DIFFRACTION' ? 0.013 0.013 430 ? r_bond_refined_d             ? ? 
'X-RAY DIFFRACTION' ? 0.003 0.018 209 ? r_bond_other_d               ? ? 
'X-RAY DIFFRACTION' ? 2.078 2.130 679 ? r_angle_refined_deg          ? ? 
'X-RAY DIFFRACTION' ? 0.662 1.863 477 ? r_angle_other_deg            ? ? 
'X-RAY DIFFRACTION' ? ?     ?     ?   ? r_dihedral_angle_1_deg       ? ? 
'X-RAY DIFFRACTION' ? ?     ?     ?   ? r_dihedral_angle_2_deg       ? ? 
'X-RAY DIFFRACTION' ? ?     ?     ?   ? r_dihedral_angle_3_deg       ? ? 
'X-RAY DIFFRACTION' ? ?     ?     ?   ? r_dihedral_angle_4_deg       ? ? 
'X-RAY DIFFRACTION' ? 0.102 0.200 55  ? r_chiral_restr               ? ? 
'X-RAY DIFFRACTION' ? 0.042 0.020 261 ? r_gen_planes_refined         ? ? 
'X-RAY DIFFRACTION' ? 0.001 0.020 98  ? r_gen_planes_other           ? ? 
'X-RAY DIFFRACTION' ? ?     ?     ?   ? r_nbd_refined                ? ? 
'X-RAY DIFFRACTION' ? ?     ?     ?   ? r_nbd_other                  ? ? 
'X-RAY DIFFRACTION' ? ?     ?     ?   ? r_nbtor_refined              ? ? 
'X-RAY DIFFRACTION' ? ?     ?     ?   ? r_nbtor_other                ? ? 
'X-RAY DIFFRACTION' ? ?     ?     ?   ? r_xyhbond_nbd_refined        ? ? 
'X-RAY DIFFRACTION' ? ?     ?     ?   ? r_xyhbond_nbd_other          ? ? 
'X-RAY DIFFRACTION' ? ?     ?     ?   ? r_metal_ion_refined          ? ? 
'X-RAY DIFFRACTION' ? ?     ?     ?   ? r_metal_ion_other            ? ? 
'X-RAY DIFFRACTION' ? ?     ?     ?   ? r_symmetry_vdw_refined       ? ? 
'X-RAY DIFFRACTION' ? ?     ?     ?   ? r_symmetry_vdw_other         ? ? 
'X-RAY DIFFRACTION' ? ?     ?     ?   ? r_symmetry_hbond_refined     ? ? 
'X-RAY DIFFRACTION' ? ?     ?     ?   ? r_symmetry_hbond_other       ? ? 
'X-RAY DIFFRACTION' ? ?     ?     ?   ? r_symmetry_metal_ion_refined ? ? 
'X-RAY DIFFRACTION' ? ?     ?     ?   ? r_symmetry_metal_ion_other   ? ? 
'X-RAY DIFFRACTION' ? ?     ?     ?   ? r_mcbond_it                  ? ? 
'X-RAY DIFFRACTION' ? ?     ?     ?   ? r_mcbond_other               ? ? 
'X-RAY DIFFRACTION' ? ?     ?     ?   ? r_mcangle_it                 ? ? 
'X-RAY DIFFRACTION' ? ?     ?     ?   ? r_mcangle_other              ? ? 
'X-RAY DIFFRACTION' ? 0.948 1.194 430 ? r_scbond_it                  ? ? 
'X-RAY DIFFRACTION' ? 0.947 1.193 431 ? r_scbond_other               ? ? 
'X-RAY DIFFRACTION' ? ?     ?     ?   ? r_scangle_it                 ? ? 
'X-RAY DIFFRACTION' ? 1.360 2.199 680 ? r_scangle_other              ? ? 
'X-RAY DIFFRACTION' ? 2.142 20.03 871 ? r_long_range_B_refined       ? ? 
'X-RAY DIFFRACTION' ? 1.797 19.43 859 ? r_long_range_B_other         ? ? 
'X-RAY DIFFRACTION' ? 4.534 3.000 639 ? r_rigid_bond_restr           ? ? 
'X-RAY DIFFRACTION' ? ?     ?     ?   ? r_sphericity_free            ? ? 
'X-RAY DIFFRACTION' ? ?     ?     ?   ? r_sphericity_bonded          ? ? 
# 
_refine_ls_shell.pdbx_refine_id                   'X-RAY DIFFRACTION' 
_refine_ls_shell.d_res_high                       0.900 
_refine_ls_shell.d_res_low                        0.923 
_refine_ls_shell.number_reflns_all                ? 
_refine_ls_shell.number_reflns_obs                ? 
_refine_ls_shell.number_reflns_R_free             60 
_refine_ls_shell.number_reflns_R_work             1096 
_refine_ls_shell.percent_reflns_obs               50.95 
_refine_ls_shell.percent_reflns_R_free            ? 
_refine_ls_shell.R_factor_all                     ? 
_refine_ls_shell.R_factor_obs                     ? 
_refine_ls_shell.R_factor_R_free_error            ? 
_refine_ls_shell.R_factor_R_work                  0.416 
_refine_ls_shell.redundancy_reflns_all            ? 
_refine_ls_shell.redundancy_reflns_obs            ? 
_refine_ls_shell.wR_factor_all                    ? 
_refine_ls_shell.wR_factor_obs                    ? 
_refine_ls_shell.wR_factor_R_free                 ? 
_refine_ls_shell.wR_factor_R_work                 ? 
_refine_ls_shell.pdbx_R_complete                  ? 
_refine_ls_shell.pdbx_total_number_of_bins_used   20 
_refine_ls_shell.pdbx_phase_error                 ? 
_refine_ls_shell.pdbx_fsc_work                    ? 
_refine_ls_shell.pdbx_fsc_free                    ? 
_refine_ls_shell.R_factor_R_free                  0.430 
# 
_struct.entry_id                     8CMM 
_struct.title                        'Re-pairing DNA - binding of a ruthenium phi complex to a double mismatch' 
_struct.pdbx_model_details           ? 
_struct.pdbx_formula_weight          ? 
_struct.pdbx_formula_weight_method   ? 
_struct.pdbx_model_type_details      ? 
_struct.pdbx_CASP_flag               N 
# 
_struct_keywords.entry_id        8CMM 
_struct_keywords.text            'DNA mismatch, Ruthenium, Polypyridyl, Intercalation, DNA' 
_struct_keywords.pdbx_keywords   DNA 
# 
loop_
_struct_asym.id 
_struct_asym.pdbx_blank_PDB_chainid_flag 
_struct_asym.pdbx_modified 
_struct_asym.entity_id 
_struct_asym.details 
A N N 1 ? 
B N N 2 ? 
C N N 3 ? 
D N N 4 ? 
E N N 4 ? 
F N N 5 ? 
G N N 6 ? 
# 
_struct_ref.id                         1 
_struct_ref.db_name                    PDB 
_struct_ref.db_code                    8CMM 
_struct_ref.pdbx_db_accession          8CMM 
_struct_ref.pdbx_db_isoform            ? 
_struct_ref.entity_id                  1 
_struct_ref.pdbx_seq_one_letter_code   ? 
_struct_ref.pdbx_align_begin           1 
# 
_struct_ref_seq.align_id                      1 
_struct_ref_seq.ref_id                        1 
_struct_ref_seq.pdbx_PDB_id_code              8CMM 
_struct_ref_seq.pdbx_strand_id                A 
_struct_ref_seq.seq_align_beg                 1 
_struct_ref_seq.pdbx_seq_align_beg_ins_code   ? 
_struct_ref_seq.seq_align_end                 12 
_struct_ref_seq.pdbx_seq_align_end_ins_code   ? 
_struct_ref_seq.pdbx_db_accession             8CMM 
_struct_ref_seq.db_align_beg                  1 
_struct_ref_seq.pdbx_db_align_beg_ins_code    ? 
_struct_ref_seq.db_align_end                  12 
_struct_ref_seq.pdbx_db_align_end_ins_code    ? 
_struct_ref_seq.pdbx_auth_seq_align_beg       1 
_struct_ref_seq.pdbx_auth_seq_align_end       12 
# 
_pdbx_struct_assembly.id                   1 
_pdbx_struct_assembly.details              author_defined_assembly 
_pdbx_struct_assembly.method_details       ? 
_pdbx_struct_assembly.oligomeric_details   dimeric 
_pdbx_struct_assembly.oligomeric_count     2 
# 
loop_
_pdbx_struct_assembly_gen.assembly_id 
_pdbx_struct_assembly_gen.oper_expression 
_pdbx_struct_assembly_gen.asym_id_list 
1 1 A,B,C,D,E,F,G 
1 2 A,B,C,D,E,F,G 
# 
_pdbx_struct_assembly_auth_evidence.id                     1 
_pdbx_struct_assembly_auth_evidence.assembly_id            1 
_pdbx_struct_assembly_auth_evidence.experimental_support   none 
_pdbx_struct_assembly_auth_evidence.details                ? 
# 
loop_
_pdbx_struct_oper_list.id 
_pdbx_struct_oper_list.type 
_pdbx_struct_oper_list.name 
_pdbx_struct_oper_list.symmetry_operation 
_pdbx_struct_oper_list.matrix[1][1] 
_pdbx_struct_oper_list.matrix[1][2] 
_pdbx_struct_oper_list.matrix[1][3] 
_pdbx_struct_oper_list.vector[1] 
_pdbx_struct_oper_list.matrix[2][1] 
_pdbx_struct_oper_list.matrix[2][2] 
_pdbx_struct_oper_list.matrix[2][3] 
_pdbx_struct_oper_list.vector[2] 
_pdbx_struct_oper_list.matrix[3][1] 
_pdbx_struct_oper_list.matrix[3][2] 
_pdbx_struct_oper_list.matrix[3][3] 
_pdbx_struct_oper_list.vector[3] 
1 'identity operation'         1_555 x,y,z         1.0000000000 0.0000000000  0.0000000000  0.0000000000  0.0000000000  1.0000000000  0.0000000000 0.0000000000  0.0000000000  0.0000000000 1.0000000000  0.0000000000  
2 'crystal symmetry operation' 6_445 -x-1,-y-1/2,z 0.0409566417 -0.6468031491 -0.7615564587 -2.1078023712 -0.6468031491 -0.5981059182 0.4731965732 -2.3731844185 -0.7615564587 0.4731965732 -0.4428507235 -0.8655270594 
# 
loop_
_struct_conn.id 
_struct_conn.conn_type_id 
_struct_conn.pdbx_leaving_atom_flag 
_struct_conn.pdbx_PDB_id 
_struct_conn.ptnr1_label_asym_id 
_struct_conn.ptnr1_label_comp_id 
_struct_conn.ptnr1_label_seq_id 
_struct_conn.ptnr1_label_atom_id 
_struct_conn.pdbx_ptnr1_label_alt_id 
_struct_conn.pdbx_ptnr1_PDB_ins_code 
_struct_conn.pdbx_ptnr1_standard_comp_id 
_struct_conn.ptnr1_symmetry 
_struct_conn.ptnr2_label_asym_id 
_struct_conn.ptnr2_label_comp_id 
_struct_conn.ptnr2_label_seq_id 
_struct_conn.ptnr2_label_atom_id 
_struct_conn.pdbx_ptnr2_label_alt_id 
_struct_conn.pdbx_ptnr2_PDB_ins_code 
_struct_conn.ptnr1_auth_asym_id 
_struct_conn.ptnr1_auth_comp_id 
_struct_conn.ptnr1_auth_seq_id 
_struct_conn.ptnr2_auth_asym_id 
_struct_conn.ptnr2_auth_comp_id 
_struct_conn.ptnr2_auth_seq_id 
_struct_conn.ptnr2_symmetry 
_struct_conn.pdbx_ptnr3_label_atom_id 
_struct_conn.pdbx_ptnr3_label_seq_id 
_struct_conn.pdbx_ptnr3_label_comp_id 
_struct_conn.pdbx_ptnr3_label_asym_id 
_struct_conn.pdbx_ptnr3_label_alt_id 
_struct_conn.pdbx_ptnr3_PDB_ins_code 
_struct_conn.details 
_struct_conn.pdbx_dist_value 
_struct_conn.pdbx_value_order 
_struct_conn.pdbx_role 
metalc1  metalc ? ? D K  .  K  ? ? ? 1_555 G HOH .  O  ? ? A K  103 A HOH 213 7_355 ? ? ? ? ? ? ?            3.060 ? ? 
metalc2  metalc ? ? D K  .  K  ? ? ? 1_555 G HOH .  O  ? ? A K  103 A HOH 221 4_445 ? ? ? ? ? ? ?            3.142 ? ? 
metalc3  metalc ? ? D K  .  K  ? ? ? 1_555 G HOH .  O  ? ? A K  103 A HOH 230 1_555 ? ? ? ? ? ? ?            3.125 ? ? 
metalc4  metalc ? ? D K  .  K  ? ? ? 1_555 G HOH .  O  ? ? A K  103 A HOH 267 4_445 ? ? ? ? ? ? ?            3.098 ? ? 
metalc5  metalc ? ? E K  .  K  ? ? ? 1_555 G HOH .  O  ? ? A K  104 A HOH 208 1_455 ? ? ? ? ? ? ?            3.254 ? ? 
metalc6  metalc ? ? E K  .  K  ? ? ? 1_555 G HOH .  O  ? ? A K  104 A HOH 218 1_555 ? ? ? ? ? ? ?            3.317 ? ? 
metalc7  metalc ? ? E K  .  K  ? ? ? 1_555 G HOH .  O  ? ? A K  104 A HOH 224 1_555 ? ? ? ? ? ? ?            3.214 ? ? 
metalc8  metalc ? ? E K  .  K  ? ? ? 1_555 G HOH .  O  ? ? A K  104 A HOH 236 1_555 ? ? ? ? ? ? ?            3.101 ? ? 
metalc9  metalc ? ? F LI .  LI ? ? ? 1_555 G HOH .  O  ? ? A LI 105 A HOH 208 1_455 ? ? ? ? ? ? ?            1.929 ? ? 
metalc10 metalc ? ? F LI .  LI ? ? ? 1_555 G HOH .  O  ? ? A LI 105 A HOH 210 1_555 ? ? ? ? ? ? ?            1.973 ? ? 
metalc11 metalc ? ? F LI .  LI ? ? ? 1_555 G HOH .  O  ? ? A LI 105 A HOH 224 1_555 ? ? ? ? ? ? ?            1.887 ? ? 
hydrog1  hydrog ? ? A DC 1  N3 ? ? ? 1_555 A DG  12 N1 A ? A DC 1   A DG  12  6_445 ? ? ? ? ? ? WATSON-CRICK ?     ? ? 
hydrog2  hydrog ? ? A DC 1  N3 ? ? ? 1_555 A DG  12 N1 B ? A DC 1   A DG  12  6_445 ? ? ? ? ? ? WATSON-CRICK ?     ? ? 
hydrog3  hydrog ? ? A DC 1  N4 ? ? ? 1_555 A DG  12 O6 A ? A DC 1   A DG  12  6_445 ? ? ? ? ? ? WATSON-CRICK ?     ? ? 
hydrog4  hydrog ? ? A DC 1  N4 ? ? ? 1_555 A DG  12 O6 B ? A DC 1   A DG  12  6_445 ? ? ? ? ? ? WATSON-CRICK ?     ? ? 
hydrog5  hydrog ? ? A DC 1  O2 ? ? ? 1_555 A DG  12 N2 A ? A DC 1   A DG  12  6_445 ? ? ? ? ? ? WATSON-CRICK ?     ? ? 
hydrog6  hydrog ? ? A DC 1  O2 ? ? ? 1_555 A DG  12 N2 B ? A DC 1   A DG  12  6_445 ? ? ? ? ? ? WATSON-CRICK ?     ? ? 
hydrog7  hydrog ? ? A DG 2  N1 ? ? ? 1_555 A DC  11 N3 A ? A DG 2   A DC  11  6_445 ? ? ? ? ? ? WATSON-CRICK ?     ? ? 
hydrog8  hydrog ? ? A DG 2  N1 ? ? ? 1_555 A DC  11 N3 B ? A DG 2   A DC  11  6_445 ? ? ? ? ? ? WATSON-CRICK ?     ? ? 
hydrog9  hydrog ? ? A DG 2  N2 ? ? ? 1_555 A DC  11 O2 A ? A DG 2   A DC  11  6_445 ? ? ? ? ? ? WATSON-CRICK ?     ? ? 
hydrog10 hydrog ? ? A DG 2  N2 ? ? ? 1_555 A DC  11 O2 B ? A DG 2   A DC  11  6_445 ? ? ? ? ? ? WATSON-CRICK ?     ? ? 
hydrog11 hydrog ? ? A DG 2  O6 ? ? ? 1_555 A DC  11 N4 A ? A DG 2   A DC  11  6_445 ? ? ? ? ? ? WATSON-CRICK ?     ? ? 
hydrog12 hydrog ? ? A DG 2  O6 ? ? ? 1_555 A DC  11 N4 B ? A DG 2   A DC  11  6_445 ? ? ? ? ? ? WATSON-CRICK ?     ? ? 
hydrog13 hydrog ? ? A DC 3  N3 ? ? ? 1_555 A DG  10 N1 ? ? A DC 3   A DG  10  6_445 ? ? ? ? ? ? WATSON-CRICK ?     ? ? 
hydrog14 hydrog ? ? A DC 3  N4 ? ? ? 1_555 A DG  10 O6 ? ? A DC 3   A DG  10  6_445 ? ? ? ? ? ? WATSON-CRICK ?     ? ? 
hydrog15 hydrog ? ? A DC 3  O2 ? ? ? 1_555 A DG  10 N2 ? ? A DC 3   A DG  10  6_445 ? ? ? ? ? ? WATSON-CRICK ?     ? ? 
hydrog16 hydrog ? ? A DT 4  N3 ? ? ? 1_555 A DA  8  N1 ? ? A DT 4   A DA  8   6_445 ? ? ? ? ? ? WATSON-CRICK ?     ? ? 
hydrog17 hydrog ? ? A DT 4  O4 ? ? ? 1_555 A DA  8  N6 ? ? A DT 4   A DA  8   6_445 ? ? ? ? ? ? WATSON-CRICK ?     ? ? 
hydrog18 hydrog ? ? A DT 6  N3 ? ? ? 1_555 A DA  7  N1 ? ? A DT 6   A DA  7   6_445 ? ? ? ? ? ? WATSON-CRICK ?     ? ? 
hydrog19 hydrog ? ? A DT 6  O4 ? ? ? 1_555 A DA  7  N6 ? ? A DT 6   A DA  7   6_445 ? ? ? ? ? ? WATSON-CRICK ?     ? ? 
hydrog20 hydrog ? ? A DA 7  N1 ? ? ? 1_555 A DT  6  N3 ? ? A DA 7   A DT  6   6_445 ? ? ? ? ? ? WATSON-CRICK ?     ? ? 
hydrog21 hydrog ? ? A DA 7  N6 ? ? ? 1_555 A DT  6  O4 ? ? A DA 7   A DT  6   6_445 ? ? ? ? ? ? WATSON-CRICK ?     ? ? 
hydrog22 hydrog ? ? A DA 8  N1 ? ? ? 1_555 A DT  4  N3 ? ? A DA 8   A DT  4   6_445 ? ? ? ? ? ? WATSON-CRICK ?     ? ? 
hydrog23 hydrog ? ? A DA 8  N6 ? ? ? 1_555 A DT  4  O4 ? ? A DA 8   A DT  4   6_445 ? ? ? ? ? ? WATSON-CRICK ?     ? ? 
hydrog24 hydrog ? ? A DG 10 N1 ? ? ? 1_555 A DC  3  N3 ? ? A DG 10  A DC  3   6_445 ? ? ? ? ? ? WATSON-CRICK ?     ? ? 
hydrog25 hydrog ? ? A DG 10 N2 ? ? ? 1_555 A DC  3  O2 ? ? A DG 10  A DC  3   6_445 ? ? ? ? ? ? WATSON-CRICK ?     ? ? 
hydrog26 hydrog ? ? A DG 10 O6 ? ? ? 1_555 A DC  3  N4 ? ? A DG 10  A DC  3   6_445 ? ? ? ? ? ? WATSON-CRICK ?     ? ? 
hydrog27 hydrog ? ? A DC 11 N3 A ? ? 1_555 A DG  2  N1 ? ? A DC 11  A DG  2   6_445 ? ? ? ? ? ? WATSON-CRICK ?     ? ? 
hydrog28 hydrog ? ? A DC 11 N3 B ? ? 1_555 A DG  2  N1 ? ? A DC 11  A DG  2   6_445 ? ? ? ? ? ? WATSON-CRICK ?     ? ? 
hydrog29 hydrog ? ? A DC 11 N4 A ? ? 1_555 A DG  2  O6 ? ? A DC 11  A DG  2   6_445 ? ? ? ? ? ? WATSON-CRICK ?     ? ? 
hydrog30 hydrog ? ? A DC 11 N4 B ? ? 1_555 A DG  2  O6 ? ? A DC 11  A DG  2   6_445 ? ? ? ? ? ? WATSON-CRICK ?     ? ? 
hydrog31 hydrog ? ? A DC 11 O2 A ? ? 1_555 A DG  2  N2 ? ? A DC 11  A DG  2   6_445 ? ? ? ? ? ? WATSON-CRICK ?     ? ? 
hydrog32 hydrog ? ? A DC 11 O2 B ? ? 1_555 A DG  2  N2 ? ? A DC 11  A DG  2   6_445 ? ? ? ? ? ? WATSON-CRICK ?     ? ? 
hydrog33 hydrog ? ? A DG 12 N1 A ? ? 1_555 A DC  1  N3 ? ? A DG 12  A DC  1   6_445 ? ? ? ? ? ? WATSON-CRICK ?     ? ? 
hydrog34 hydrog ? ? A DG 12 N1 B ? ? 1_555 A DC  1  N3 ? ? A DG 12  A DC  1   6_445 ? ? ? ? ? ? WATSON-CRICK ?     ? ? 
hydrog35 hydrog ? ? A DG 12 N2 A ? ? 1_555 A DC  1  O2 ? ? A DG 12  A DC  1   6_445 ? ? ? ? ? ? WATSON-CRICK ?     ? ? 
hydrog36 hydrog ? ? A DG 12 N2 B ? ? 1_555 A DC  1  O2 ? ? A DG 12  A DC  1   6_445 ? ? ? ? ? ? WATSON-CRICK ?     ? ? 
hydrog37 hydrog ? ? A DG 12 O6 A ? ? 1_555 A DC  1  N4 ? ? A DG 12  A DC  1   6_445 ? ? ? ? ? ? WATSON-CRICK ?     ? ? 
hydrog38 hydrog ? ? A DG 12 O6 B ? ? 1_555 A DC  1  N4 ? ? A DG 12  A DC  1   6_445 ? ? ? ? ? ? WATSON-CRICK ?     ? ? 
# 
loop_
_struct_conn_type.id 
_struct_conn_type.criteria 
_struct_conn_type.reference 
metalc ? ? 
hydrog ? ? 
# 
loop_
_pdbx_struct_conn_angle.id 
_pdbx_struct_conn_angle.ptnr1_label_atom_id 
_pdbx_struct_conn_angle.ptnr1_label_alt_id 
_pdbx_struct_conn_angle.ptnr1_label_asym_id 
_pdbx_struct_conn_angle.ptnr1_label_comp_id 
_pdbx_struct_conn_angle.ptnr1_label_seq_id 
_pdbx_struct_conn_angle.ptnr1_auth_atom_id 
_pdbx_struct_conn_angle.ptnr1_auth_asym_id 
_pdbx_struct_conn_angle.ptnr1_auth_comp_id 
_pdbx_struct_conn_angle.ptnr1_auth_seq_id 
_pdbx_struct_conn_angle.ptnr1_PDB_ins_code 
_pdbx_struct_conn_angle.ptnr1_symmetry 
_pdbx_struct_conn_angle.ptnr2_label_atom_id 
_pdbx_struct_conn_angle.ptnr2_label_alt_id 
_pdbx_struct_conn_angle.ptnr2_label_asym_id 
_pdbx_struct_conn_angle.ptnr2_label_comp_id 
_pdbx_struct_conn_angle.ptnr2_label_seq_id 
_pdbx_struct_conn_angle.ptnr2_auth_atom_id 
_pdbx_struct_conn_angle.ptnr2_auth_asym_id 
_pdbx_struct_conn_angle.ptnr2_auth_comp_id 
_pdbx_struct_conn_angle.ptnr2_auth_seq_id 
_pdbx_struct_conn_angle.ptnr2_PDB_ins_code 
_pdbx_struct_conn_angle.ptnr2_symmetry 
_pdbx_struct_conn_angle.ptnr3_label_atom_id 
_pdbx_struct_conn_angle.ptnr3_label_alt_id 
_pdbx_struct_conn_angle.ptnr3_label_asym_id 
_pdbx_struct_conn_angle.ptnr3_label_comp_id 
_pdbx_struct_conn_angle.ptnr3_label_seq_id 
_pdbx_struct_conn_angle.ptnr3_auth_atom_id 
_pdbx_struct_conn_angle.ptnr3_auth_asym_id 
_pdbx_struct_conn_angle.ptnr3_auth_comp_id 
_pdbx_struct_conn_angle.ptnr3_auth_seq_id 
_pdbx_struct_conn_angle.ptnr3_PDB_ins_code 
_pdbx_struct_conn_angle.ptnr3_symmetry 
_pdbx_struct_conn_angle.value 
_pdbx_struct_conn_angle.value_esd 
1  O ? G HOH . ? A HOH 213 ? 7_355 K  ? D K  . ? A K  103 ? 1_555 O ? G HOH . ? A HOH 221 ? 4_445 137.5 ? 
2  O ? G HOH . ? A HOH 213 ? 7_355 K  ? D K  . ? A K  103 ? 1_555 O ? G HOH . ? A HOH 230 ? 1_555 88.0  ? 
3  O ? G HOH . ? A HOH 221 ? 4_445 K  ? D K  . ? A K  103 ? 1_555 O ? G HOH . ? A HOH 230 ? 1_555 72.7  ? 
4  O ? G HOH . ? A HOH 213 ? 7_355 K  ? D K  . ? A K  103 ? 1_555 O ? G HOH . ? A HOH 267 ? 4_445 113.6 ? 
5  O ? G HOH . ? A HOH 221 ? 4_445 K  ? D K  . ? A K  103 ? 1_555 O ? G HOH . ? A HOH 267 ? 4_445 95.8  ? 
6  O ? G HOH . ? A HOH 230 ? 1_555 K  ? D K  . ? A K  103 ? 1_555 O ? G HOH . ? A HOH 267 ? 4_445 71.3  ? 
7  O ? G HOH . ? A HOH 208 ? 1_455 K  ? E K  . ? A K  104 ? 1_555 O ? G HOH . ? A HOH 218 ? 1_555 64.7  ? 
8  O ? G HOH . ? A HOH 208 ? 1_455 K  ? E K  . ? A K  104 ? 1_555 O ? G HOH . ? A HOH 224 ? 1_555 57.7  ? 
9  O ? G HOH . ? A HOH 218 ? 1_555 K  ? E K  . ? A K  104 ? 1_555 O ? G HOH . ? A HOH 224 ? 1_555 113.7 ? 
10 O ? G HOH . ? A HOH 208 ? 1_455 K  ? E K  . ? A K  104 ? 1_555 O ? G HOH . ? A HOH 236 ? 1_555 103.8 ? 
11 O ? G HOH . ? A HOH 218 ? 1_555 K  ? E K  . ? A K  104 ? 1_555 O ? G HOH . ? A HOH 236 ? 1_555 76.9  ? 
12 O ? G HOH . ? A HOH 224 ? 1_555 K  ? E K  . ? A K  104 ? 1_555 O ? G HOH . ? A HOH 236 ? 1_555 144.1 ? 
13 O ? G HOH . ? A HOH 208 ? 1_455 LI ? F LI . ? A LI 105 ? 1_555 O ? G HOH . ? A HOH 210 ? 1_555 102.3 ? 
14 O ? G HOH . ? A HOH 208 ? 1_455 LI ? F LI . ? A LI 105 ? 1_555 O ? G HOH . ? A HOH 224 ? 1_555 109.7 ? 
15 O ? G HOH . ? A HOH 210 ? 1_555 LI ? F LI . ? A LI 105 ? 1_555 O ? G HOH . ? A HOH 224 ? 1_555 111.4 ? 
# 
_pdbx_entry_details.entry_id                   8CMM 
_pdbx_entry_details.nonpolymer_details         ? 
_pdbx_entry_details.sequence_details           ? 
_pdbx_entry_details.compound_details           ? 
_pdbx_entry_details.source_details             ? 
_pdbx_entry_details.has_ligand_of_interest     Y 
_pdbx_entry_details.has_protein_modification   N 
# 
loop_
_pdbx_validate_symm_contact.id 
_pdbx_validate_symm_contact.PDB_model_num 
_pdbx_validate_symm_contact.auth_atom_id_1 
_pdbx_validate_symm_contact.auth_asym_id_1 
_pdbx_validate_symm_contact.auth_comp_id_1 
_pdbx_validate_symm_contact.auth_seq_id_1 
_pdbx_validate_symm_contact.PDB_ins_code_1 
_pdbx_validate_symm_contact.label_alt_id_1 
_pdbx_validate_symm_contact.site_symmetry_1 
_pdbx_validate_symm_contact.auth_atom_id_2 
_pdbx_validate_symm_contact.auth_asym_id_2 
_pdbx_validate_symm_contact.auth_comp_id_2 
_pdbx_validate_symm_contact.auth_seq_id_2 
_pdbx_validate_symm_contact.PDB_ins_code_2 
_pdbx_validate_symm_contact.label_alt_id_2 
_pdbx_validate_symm_contact.site_symmetry_2 
_pdbx_validate_symm_contact.dist 
1 1 "O3'" A DG 12 ? B 1_555 O  A HOH 248 ? ? 8_544 2.12 
2 1 N7    A DG 2  ? ? 1_555 LI A LI  105 ? ? 1_655 2.13 
# 
loop_
_pdbx_validate_rmsd_angle.id 
_pdbx_validate_rmsd_angle.PDB_model_num 
_pdbx_validate_rmsd_angle.auth_atom_id_1 
_pdbx_validate_rmsd_angle.auth_asym_id_1 
_pdbx_validate_rmsd_angle.auth_comp_id_1 
_pdbx_validate_rmsd_angle.auth_seq_id_1 
_pdbx_validate_rmsd_angle.PDB_ins_code_1 
_pdbx_validate_rmsd_angle.label_alt_id_1 
_pdbx_validate_rmsd_angle.auth_atom_id_2 
_pdbx_validate_rmsd_angle.auth_asym_id_2 
_pdbx_validate_rmsd_angle.auth_comp_id_2 
_pdbx_validate_rmsd_angle.auth_seq_id_2 
_pdbx_validate_rmsd_angle.PDB_ins_code_2 
_pdbx_validate_rmsd_angle.label_alt_id_2 
_pdbx_validate_rmsd_angle.auth_atom_id_3 
_pdbx_validate_rmsd_angle.auth_asym_id_3 
_pdbx_validate_rmsd_angle.auth_comp_id_3 
_pdbx_validate_rmsd_angle.auth_seq_id_3 
_pdbx_validate_rmsd_angle.PDB_ins_code_3 
_pdbx_validate_rmsd_angle.label_alt_id_3 
_pdbx_validate_rmsd_angle.angle_value 
_pdbx_validate_rmsd_angle.angle_target_value 
_pdbx_validate_rmsd_angle.angle_deviation 
_pdbx_validate_rmsd_angle.angle_standard_deviation 
_pdbx_validate_rmsd_angle.linker_flag 
1 1 "C3'" A DG 10 ? ? "O3'" A DG 10 ? ? P   A DC 11 ? B 127.09 119.70 7.39   1.20 Y 
2 1 "O5'" A DC 11 ? A P     A DC 11 ? A OP2 A DC 11 ? A 98.69  105.70 -7.01  0.90 N 
3 1 "O3'" A DC 11 ? A P     A DG 12 ? A OP1 A DG 12 ? A 89.18  105.20 -16.02 2.20 Y 
# 
loop_
_pdbx_validate_planes.id 
_pdbx_validate_planes.PDB_model_num 
_pdbx_validate_planes.auth_comp_id 
_pdbx_validate_planes.auth_asym_id 
_pdbx_validate_planes.auth_seq_id 
_pdbx_validate_planes.PDB_ins_code 
_pdbx_validate_planes.label_alt_id 
_pdbx_validate_planes.rmsd 
_pdbx_validate_planes.type 
1 1 DA A 5  ? ? 0.067 'SIDE CHAIN' 
2 1 DC A 11 ? A 0.068 'SIDE CHAIN' 
# 
_pdbx_struct_special_symmetry.id              1 
_pdbx_struct_special_symmetry.PDB_model_num   1 
_pdbx_struct_special_symmetry.auth_asym_id    A 
_pdbx_struct_special_symmetry.auth_comp_id    HOH 
_pdbx_struct_special_symmetry.auth_seq_id     216 
_pdbx_struct_special_symmetry.PDB_ins_code    ? 
_pdbx_struct_special_symmetry.label_asym_id   G 
_pdbx_struct_special_symmetry.label_comp_id   HOH 
_pdbx_struct_special_symmetry.label_seq_id    . 
# 
loop_
_pdbx_distant_solvent_atoms.id 
_pdbx_distant_solvent_atoms.PDB_model_num 
_pdbx_distant_solvent_atoms.auth_atom_id 
_pdbx_distant_solvent_atoms.label_alt_id 
_pdbx_distant_solvent_atoms.auth_asym_id 
_pdbx_distant_solvent_atoms.auth_comp_id 
_pdbx_distant_solvent_atoms.auth_seq_id 
_pdbx_distant_solvent_atoms.PDB_ins_code 
_pdbx_distant_solvent_atoms.neighbor_macromolecule_distance 
_pdbx_distant_solvent_atoms.neighbor_ligand_distance 
1 1 O ? A HOH 268 ? 5.90 .    
2 1 O ? A HOH 269 ? .    6.50 
3 1 O ? A HOH 270 ? .    7.51 
# 
loop_
_chem_comp_atom.comp_id 
_chem_comp_atom.atom_id 
_chem_comp_atom.type_symbol 
_chem_comp_atom.pdbx_aromatic_flag 
_chem_comp_atom.pdbx_stereo_config 
_chem_comp_atom.pdbx_ordinal 
DA  OP3    O  N N 1   
DA  P      P  N N 2   
DA  OP1    O  N N 3   
DA  OP2    O  N N 4   
DA  "O5'"  O  N N 5   
DA  "C5'"  C  N N 6   
DA  "C4'"  C  N R 7   
DA  "O4'"  O  N N 8   
DA  "C3'"  C  N S 9   
DA  "O3'"  O  N N 10  
DA  "C2'"  C  N N 11  
DA  "C1'"  C  N R 12  
DA  N9     N  Y N 13  
DA  C8     C  Y N 14  
DA  N7     N  Y N 15  
DA  C5     C  Y N 16  
DA  C6     C  Y N 17  
DA  N6     N  N N 18  
DA  N1     N  Y N 19  
DA  C2     C  Y N 20  
DA  N3     N  Y N 21  
DA  C4     C  Y N 22  
DA  HOP3   H  N N 23  
DA  HOP2   H  N N 24  
DA  "H5'"  H  N N 25  
DA  "H5''" H  N N 26  
DA  "H4'"  H  N N 27  
DA  "H3'"  H  N N 28  
DA  "HO3'" H  N N 29  
DA  "H2'"  H  N N 30  
DA  "H2''" H  N N 31  
DA  "H1'"  H  N N 32  
DA  H8     H  N N 33  
DA  H61    H  N N 34  
DA  H62    H  N N 35  
DA  H2     H  N N 36  
DC  OP3    O  N N 37  
DC  P      P  N N 38  
DC  OP1    O  N N 39  
DC  OP2    O  N N 40  
DC  "O5'"  O  N N 41  
DC  "C5'"  C  N N 42  
DC  "C4'"  C  N R 43  
DC  "O4'"  O  N N 44  
DC  "C3'"  C  N S 45  
DC  "O3'"  O  N N 46  
DC  "C2'"  C  N N 47  
DC  "C1'"  C  N R 48  
DC  N1     N  N N 49  
DC  C2     C  N N 50  
DC  O2     O  N N 51  
DC  N3     N  N N 52  
DC  C4     C  N N 53  
DC  N4     N  N N 54  
DC  C5     C  N N 55  
DC  C6     C  N N 56  
DC  HOP3   H  N N 57  
DC  HOP2   H  N N 58  
DC  "H5'"  H  N N 59  
DC  "H5''" H  N N 60  
DC  "H4'"  H  N N 61  
DC  "H3'"  H  N N 62  
DC  "HO3'" H  N N 63  
DC  "H2'"  H  N N 64  
DC  "H2''" H  N N 65  
DC  "H1'"  H  N N 66  
DC  H41    H  N N 67  
DC  H42    H  N N 68  
DC  H5     H  N N 69  
DC  H6     H  N N 70  
DG  OP3    O  N N 71  
DG  P      P  N N 72  
DG  OP1    O  N N 73  
DG  OP2    O  N N 74  
DG  "O5'"  O  N N 75  
DG  "C5'"  C  N N 76  
DG  "C4'"  C  N R 77  
DG  "O4'"  O  N N 78  
DG  "C3'"  C  N S 79  
DG  "O3'"  O  N N 80  
DG  "C2'"  C  N N 81  
DG  "C1'"  C  N R 82  
DG  N9     N  Y N 83  
DG  C8     C  Y N 84  
DG  N7     N  Y N 85  
DG  C5     C  Y N 86  
DG  C6     C  N N 87  
DG  O6     O  N N 88  
DG  N1     N  N N 89  
DG  C2     C  N N 90  
DG  N2     N  N N 91  
DG  N3     N  N N 92  
DG  C4     C  Y N 93  
DG  HOP3   H  N N 94  
DG  HOP2   H  N N 95  
DG  "H5'"  H  N N 96  
DG  "H5''" H  N N 97  
DG  "H4'"  H  N N 98  
DG  "H3'"  H  N N 99  
DG  "HO3'" H  N N 100 
DG  "H2'"  H  N N 101 
DG  "H2''" H  N N 102 
DG  "H1'"  H  N N 103 
DG  H8     H  N N 104 
DG  H1     H  N N 105 
DG  H21    H  N N 106 
DG  H22    H  N N 107 
DT  OP3    O  N N 108 
DT  P      P  N N 109 
DT  OP1    O  N N 110 
DT  OP2    O  N N 111 
DT  "O5'"  O  N N 112 
DT  "C5'"  C  N N 113 
DT  "C4'"  C  N R 114 
DT  "O4'"  O  N N 115 
DT  "C3'"  C  N S 116 
DT  "O3'"  O  N N 117 
DT  "C2'"  C  N N 118 
DT  "C1'"  C  N R 119 
DT  N1     N  N N 120 
DT  C2     C  N N 121 
DT  O2     O  N N 122 
DT  N3     N  N N 123 
DT  C4     C  N N 124 
DT  O4     O  N N 125 
DT  C5     C  N N 126 
DT  C7     C  N N 127 
DT  C6     C  N N 128 
DT  HOP3   H  N N 129 
DT  HOP2   H  N N 130 
DT  "H5'"  H  N N 131 
DT  "H5''" H  N N 132 
DT  "H4'"  H  N N 133 
DT  "H3'"  H  N N 134 
DT  "HO3'" H  N N 135 
DT  "H2'"  H  N N 136 
DT  "H2''" H  N N 137 
DT  "H1'"  H  N N 138 
DT  H3     H  N N 139 
DT  H71    H  N N 140 
DT  H72    H  N N 141 
DT  H73    H  N N 142 
DT  H6     H  N N 143 
HOH O      O  N N 144 
HOH H1     H  N N 145 
HOH H2     H  N N 146 
K   K      K  N N 147 
LI  LI     LI N N 148 
V70 C01    C  Y N 149 
V70 C02    C  Y N 150 
V70 C03    C  Y N 151 
V70 C04    C  Y N 152 
V70 C05    C  Y N 153 
V70 C06    C  Y N 154 
V70 C07    C  Y N 155 
V70 C08    C  Y N 156 
V70 C09    C  Y N 157 
V70 C10    C  Y N 158 
V70 C11    C  Y N 159 
V70 C12    C  Y N 160 
V70 C13    C  Y N 161 
V70 C14    C  Y N 162 
V70 C15    C  Y N 163 
V70 C16    C  Y N 164 
V70 C17    C  Y N 165 
V70 C18    C  Y N 166 
V70 C19    C  Y N 167 
V70 C20    C  Y N 168 
V70 C21    C  Y N 169 
V70 C22    C  Y N 170 
V70 C23    C  Y N 171 
V70 C24    C  Y N 172 
V70 C25    C  Y N 173 
V70 C26    C  Y N 174 
V70 C27    C  Y N 175 
V70 C28    C  Y N 176 
V70 C29    C  Y N 177 
V70 C30    C  Y N 178 
V70 C31    C  Y N 179 
V70 C32    C  Y N 180 
V70 C33    C  Y N 181 
V70 C34    C  Y N 182 
V70 C35    C  Y N 183 
V70 C36    C  Y N 184 
V70 C37    C  Y N 185 
V70 C38    C  Y N 186 
V70 N01    N  Y N 187 
V70 N02    N  N N 188 
V70 N03    N  Y N 189 
V70 N04    N  N N 190 
V70 N05    N  Y N 191 
V70 N06    N  Y N 192 
V70 RU01   RU N N 193 
V70 H01    H  N N 194 
V70 H02    H  N N 195 
V70 H03    H  N N 196 
V70 H04    H  N N 197 
V70 H05    H  N N 198 
V70 H06    H  N N 199 
V70 H07    H  N N 200 
V70 H08    H  N N 201 
V70 H09    H  N N 202 
V70 H10    H  N N 203 
V70 H11    H  N N 204 
V70 H25    H  N N 205 
V70 H12    H  N N 206 
V70 H13    H  N N 207 
V70 H14    H  N N 208 
V70 H15    H  N N 209 
V70 H16    H  N N 210 
V70 H17    H  N N 211 
V70 H18    H  N N 212 
V70 H19    H  N N 213 
V70 H20    H  N N 214 
V70 H21    H  N N 215 
V70 H22    H  N N 216 
V70 H23    H  N N 217 
V70 H26    H  N N 218 
V70 H24    H  N N 219 
V7F C11    C  Y N 220 
V7F C12    C  Y N 221 
V7F C13    C  Y N 222 
V7F C14    C  Y N 223 
V7F C15    C  Y N 224 
V7F C16    C  Y N 225 
V7F C17    C  Y N 226 
V7F C18    C  Y N 227 
V7F C19    C  Y N 228 
V7F C20    C  Y N 229 
V7F C21    C  Y N 230 
V7F C22    C  Y N 231 
V7F C23    C  Y N 232 
V7F C24    C  Y N 233 
V7F C25    C  Y N 234 
V7F C26    C  Y N 235 
V7F C29    C  Y N 236 
V7F C30    C  Y N 237 
V7F C31    C  Y N 238 
V7F C32    C  Y N 239 
V7F C33    C  Y N 240 
V7F C34    C  Y N 241 
V7F C35    C  Y N 242 
V7F C36    C  Y N 243 
V7F C37    C  Y N 244 
V7F C38    C  Y N 245 
V7F C01    C  Y N 246 
V7F C02    C  Y N 247 
V7F C03    C  Y N 248 
V7F C04    C  Y N 249 
V7F C05    C  Y N 250 
V7F C06    C  Y N 251 
V7F C07    C  Y N 252 
V7F C08    C  Y N 253 
V7F C09    C  Y N 254 
V7F C10    C  Y N 255 
V7F C27    C  Y N 256 
V7F C28    C  Y N 257 
V7F N01    N  Y N 258 
V7F N02    N  N N 259 
V7F N03    N  Y N 260 
V7F N04    N  N N 261 
V7F N05    N  Y N 262 
V7F N06    N  Y N 263 
V7F RU01   RU N N 264 
V7F H03    H  N N 265 
V7F H04    H  N N 266 
V7F H05    H  N N 267 
V7F H06    H  N N 268 
V7F H07    H  N N 269 
V7F H08    H  N N 270 
V7F H09    H  N N 271 
V7F H10    H  N N 272 
V7F H11    H  N N 273 
V7F H25    H  N N 274 
V7F H14    H  N N 275 
V7F H15    H  N N 276 
V7F H16    H  N N 277 
V7F H17    H  N N 278 
V7F H18    H  N N 279 
V7F H19    H  N N 280 
V7F H20    H  N N 281 
V7F H21    H  N N 282 
V7F H22    H  N N 283 
V7F H23    H  N N 284 
V7F H01    H  N N 285 
V7F H02    H  N N 286 
V7F H12    H  N N 287 
V7F H13    H  N N 288 
V7F H26    H  N N 289 
V7F H24    H  N N 290 
# 
loop_
_chem_comp_bond.comp_id 
_chem_comp_bond.atom_id_1 
_chem_comp_bond.atom_id_2 
_chem_comp_bond.value_order 
_chem_comp_bond.pdbx_aromatic_flag 
_chem_comp_bond.pdbx_stereo_config 
_chem_comp_bond.pdbx_ordinal 
DA  OP3   P      sing N N 1   
DA  OP3   HOP3   sing N N 2   
DA  P     OP1    doub N N 3   
DA  P     OP2    sing N N 4   
DA  P     "O5'"  sing N N 5   
DA  OP2   HOP2   sing N N 6   
DA  "O5'" "C5'"  sing N N 7   
DA  "C5'" "C4'"  sing N N 8   
DA  "C5'" "H5'"  sing N N 9   
DA  "C5'" "H5''" sing N N 10  
DA  "C4'" "O4'"  sing N N 11  
DA  "C4'" "C3'"  sing N N 12  
DA  "C4'" "H4'"  sing N N 13  
DA  "O4'" "C1'"  sing N N 14  
DA  "C3'" "O3'"  sing N N 15  
DA  "C3'" "C2'"  sing N N 16  
DA  "C3'" "H3'"  sing N N 17  
DA  "O3'" "HO3'" sing N N 18  
DA  "C2'" "C1'"  sing N N 19  
DA  "C2'" "H2'"  sing N N 20  
DA  "C2'" "H2''" sing N N 21  
DA  "C1'" N9     sing N N 22  
DA  "C1'" "H1'"  sing N N 23  
DA  N9    C8     sing Y N 24  
DA  N9    C4     sing Y N 25  
DA  C8    N7     doub Y N 26  
DA  C8    H8     sing N N 27  
DA  N7    C5     sing Y N 28  
DA  C5    C6     sing Y N 29  
DA  C5    C4     doub Y N 30  
DA  C6    N6     sing N N 31  
DA  C6    N1     doub Y N 32  
DA  N6    H61    sing N N 33  
DA  N6    H62    sing N N 34  
DA  N1    C2     sing Y N 35  
DA  C2    N3     doub Y N 36  
DA  C2    H2     sing N N 37  
DA  N3    C4     sing Y N 38  
DC  OP3   P      sing N N 39  
DC  OP3   HOP3   sing N N 40  
DC  P     OP1    doub N N 41  
DC  P     OP2    sing N N 42  
DC  P     "O5'"  sing N N 43  
DC  OP2   HOP2   sing N N 44  
DC  "O5'" "C5'"  sing N N 45  
DC  "C5'" "C4'"  sing N N 46  
DC  "C5'" "H5'"  sing N N 47  
DC  "C5'" "H5''" sing N N 48  
DC  "C4'" "O4'"  sing N N 49  
DC  "C4'" "C3'"  sing N N 50  
DC  "C4'" "H4'"  sing N N 51  
DC  "O4'" "C1'"  sing N N 52  
DC  "C3'" "O3'"  sing N N 53  
DC  "C3'" "C2'"  sing N N 54  
DC  "C3'" "H3'"  sing N N 55  
DC  "O3'" "HO3'" sing N N 56  
DC  "C2'" "C1'"  sing N N 57  
DC  "C2'" "H2'"  sing N N 58  
DC  "C2'" "H2''" sing N N 59  
DC  "C1'" N1     sing N N 60  
DC  "C1'" "H1'"  sing N N 61  
DC  N1    C2     sing N N 62  
DC  N1    C6     sing N N 63  
DC  C2    O2     doub N N 64  
DC  C2    N3     sing N N 65  
DC  N3    C4     doub N N 66  
DC  C4    N4     sing N N 67  
DC  C4    C5     sing N N 68  
DC  N4    H41    sing N N 69  
DC  N4    H42    sing N N 70  
DC  C5    C6     doub N N 71  
DC  C5    H5     sing N N 72  
DC  C6    H6     sing N N 73  
DG  OP3   P      sing N N 74  
DG  OP3   HOP3   sing N N 75  
DG  P     OP1    doub N N 76  
DG  P     OP2    sing N N 77  
DG  P     "O5'"  sing N N 78  
DG  OP2   HOP2   sing N N 79  
DG  "O5'" "C5'"  sing N N 80  
DG  "C5'" "C4'"  sing N N 81  
DG  "C5'" "H5'"  sing N N 82  
DG  "C5'" "H5''" sing N N 83  
DG  "C4'" "O4'"  sing N N 84  
DG  "C4'" "C3'"  sing N N 85  
DG  "C4'" "H4'"  sing N N 86  
DG  "O4'" "C1'"  sing N N 87  
DG  "C3'" "O3'"  sing N N 88  
DG  "C3'" "C2'"  sing N N 89  
DG  "C3'" "H3'"  sing N N 90  
DG  "O3'" "HO3'" sing N N 91  
DG  "C2'" "C1'"  sing N N 92  
DG  "C2'" "H2'"  sing N N 93  
DG  "C2'" "H2''" sing N N 94  
DG  "C1'" N9     sing N N 95  
DG  "C1'" "H1'"  sing N N 96  
DG  N9    C8     sing Y N 97  
DG  N9    C4     sing Y N 98  
DG  C8    N7     doub Y N 99  
DG  C8    H8     sing N N 100 
DG  N7    C5     sing Y N 101 
DG  C5    C6     sing N N 102 
DG  C5    C4     doub Y N 103 
DG  C6    O6     doub N N 104 
DG  C6    N1     sing N N 105 
DG  N1    C2     sing N N 106 
DG  N1    H1     sing N N 107 
DG  C2    N2     sing N N 108 
DG  C2    N3     doub N N 109 
DG  N2    H21    sing N N 110 
DG  N2    H22    sing N N 111 
DG  N3    C4     sing N N 112 
DT  OP3   P      sing N N 113 
DT  OP3   HOP3   sing N N 114 
DT  P     OP1    doub N N 115 
DT  P     OP2    sing N N 116 
DT  P     "O5'"  sing N N 117 
DT  OP2   HOP2   sing N N 118 
DT  "O5'" "C5'"  sing N N 119 
DT  "C5'" "C4'"  sing N N 120 
DT  "C5'" "H5'"  sing N N 121 
DT  "C5'" "H5''" sing N N 122 
DT  "C4'" "O4'"  sing N N 123 
DT  "C4'" "C3'"  sing N N 124 
DT  "C4'" "H4'"  sing N N 125 
DT  "O4'" "C1'"  sing N N 126 
DT  "C3'" "O3'"  sing N N 127 
DT  "C3'" "C2'"  sing N N 128 
DT  "C3'" "H3'"  sing N N 129 
DT  "O3'" "HO3'" sing N N 130 
DT  "C2'" "C1'"  sing N N 131 
DT  "C2'" "H2'"  sing N N 132 
DT  "C2'" "H2''" sing N N 133 
DT  "C1'" N1     sing N N 134 
DT  "C1'" "H1'"  sing N N 135 
DT  N1    C2     sing N N 136 
DT  N1    C6     sing N N 137 
DT  C2    O2     doub N N 138 
DT  C2    N3     sing N N 139 
DT  N3    C4     sing N N 140 
DT  N3    H3     sing N N 141 
DT  C4    O4     doub N N 142 
DT  C4    C5     sing N N 143 
DT  C5    C7     sing N N 144 
DT  C5    C6     doub N N 145 
DT  C7    H71    sing N N 146 
DT  C7    H72    sing N N 147 
DT  C7    H73    sing N N 148 
DT  C6    H6     sing N N 149 
HOH O     H1     sing N N 150 
HOH O     H2     sing N N 151 
V70 C01   C08    doub Y N 152 
V70 C01   C11    sing Y N 153 
V70 C01   N03    sing Y N 154 
V70 C02   C03    doub Y N 155 
V70 C02   C16    sing Y N 156 
V70 C02   C18    sing Y N 157 
V70 C03   C07    sing Y N 158 
V70 C03   N04    sing N N 159 
V70 C04   C10    doub Y N 160 
V70 C04   C23    sing Y N 161 
V70 C04   N06    sing Y N 162 
V70 C05   C20    sing Y N 163 
V70 C05   C24    doub Y N 164 
V70 C06   C13    sing Y N 165 
V70 C06   C15    doub Y N 166 
V70 C07   C14    doub Y N 167 
V70 C07   N02    sing N N 168 
V70 C08   C17    sing Y N 169 
V70 C08   N05    sing Y N 170 
V70 C09   C14    sing Y N 171 
V70 C09   C16    doub Y N 172 
V70 C09   C36    sing Y N 173 
V70 C10   C13    sing Y N 174 
V70 C10   N01    sing Y N 175 
V70 C11   C25    sing Y N 176 
V70 C11   C31    doub Y N 177 
V70 C12   C21    sing Y N 178 
V70 C12   N03    doub Y N 179 
V70 C13   C27    doub Y N 180 
V70 C14   C26    sing Y N 181 
V70 C15   C19    sing Y N 182 
V70 C16   C30    sing Y N 183 
V70 C17   C29    doub Y N 184 
V70 C17   C33    sing Y N 185 
V70 C18   C35    doub Y N 186 
V70 C19   N01    doub Y N 187 
V70 C20   N06    doub Y N 188 
V70 C21   C25    doub Y N 189 
V70 C22   C34    sing Y N 190 
V70 C22   N05    doub Y N 191 
V70 C23   C24    sing Y N 192 
V70 C23   C28    doub Y N 193 
V70 C26   C32    doub Y N 194 
V70 C27   C28    sing Y N 195 
V70 C29   C31    sing Y N 196 
V70 C30   C37    doub Y N 197 
V70 C32   C38    sing Y N 198 
V70 C33   C34    doub Y N 199 
V70 C35   C37    sing Y N 200 
V70 C36   C38    doub Y N 201 
V70 N01   RU01   sing N N 202 
V70 N02   RU01   sing N N 203 
V70 N03   RU01   sing N N 204 
V70 N04   RU01   sing N N 205 
V70 N05   RU01   sing N N 206 
V70 N06   RU01   sing N N 207 
V70 C05   H01    sing N N 208 
V70 C06   H02    sing N N 209 
V70 C12   H03    sing N N 210 
V70 C15   H04    sing N N 211 
V70 C18   H05    sing N N 212 
V70 C19   H06    sing N N 213 
V70 C20   H07    sing N N 214 
V70 C21   H08    sing N N 215 
V70 C22   H09    sing N N 216 
V70 C24   H10    sing N N 217 
V70 C25   H11    sing N N 218 
V70 C26   H25    sing N N 219 
V70 C27   H12    sing N N 220 
V70 C28   H13    sing N N 221 
V70 C29   H14    sing N N 222 
V70 C30   H15    sing N N 223 
V70 C31   H16    sing N N 224 
V70 C32   H17    sing N N 225 
V70 C33   H18    sing N N 226 
V70 C34   H19    sing N N 227 
V70 C35   H20    sing N N 228 
V70 C36   H21    sing N N 229 
V70 C37   H22    sing N N 230 
V70 C38   H23    sing N N 231 
V70 N02   H26    sing N N 232 
V70 N04   H24    sing N N 233 
V7F C11   C25    doub Y N 234 
V7F C11   C31    sing Y N 235 
V7F C11   C01    sing Y N 236 
V7F C12   C21    doub Y N 237 
V7F C12   N03    sing Y N 238 
V7F C13   C06    doub Y N 239 
V7F C13   C10    sing Y N 240 
V7F C13   C27    sing Y N 241 
V7F C14   C26    doub Y N 242 
V7F C14   C07    sing Y N 243 
V7F C14   C09    sing Y N 244 
V7F C15   C19    doub Y N 245 
V7F C15   C06    sing Y N 246 
V7F C16   C30    doub Y N 247 
V7F C16   C02    sing Y N 248 
V7F C16   C09    sing Y N 249 
V7F C17   C29    sing Y N 250 
V7F C17   C33    doub Y N 251 
V7F C17   C08    sing Y N 252 
V7F C18   C35    sing Y N 253 
V7F C18   C02    doub Y N 254 
V7F C19   N01    sing Y N 255 
V7F C20   C05    doub Y N 256 
V7F C20   N06    sing Y N 257 
V7F C21   C25    sing Y N 258 
V7F C22   C34    doub Y N 259 
V7F C22   N05    sing Y N 260 
V7F C23   C24    doub Y N 261 
V7F C23   C04    sing Y N 262 
V7F C23   C28    sing Y N 263 
V7F C24   C05    sing Y N 264 
V7F C26   C32    sing Y N 265 
V7F C29   C31    doub Y N 266 
V7F C30   C37    sing Y N 267 
V7F C32   C38    doub Y N 268 
V7F C33   C34    sing Y N 269 
V7F C35   C37    doub Y N 270 
V7F C36   C38    sing Y N 271 
V7F C36   C09    doub Y N 272 
V7F C01   C08    sing Y N 273 
V7F C01   N03    doub Y N 274 
V7F C02   C03    sing Y N 275 
V7F C03   C07    doub Y N 276 
V7F C03   N04    sing N N 277 
V7F C04   C10    sing Y N 278 
V7F C04   N06    doub Y N 279 
V7F C07   N02    sing N N 280 
V7F C08   N05    doub Y N 281 
V7F C10   N01    doub Y N 282 
V7F C27   C28    doub Y N 283 
V7F N01   RU01   sing N N 284 
V7F N02   RU01   sing N N 285 
V7F N03   RU01   sing N N 286 
V7F N04   RU01   sing N N 287 
V7F N05   RU01   sing N N 288 
V7F N06   RU01   sing N N 289 
V7F C12   H03    sing N N 290 
V7F C15   H04    sing N N 291 
V7F C18   H05    sing N N 292 
V7F C19   H06    sing N N 293 
V7F C20   H07    sing N N 294 
V7F C21   H08    sing N N 295 
V7F C22   H09    sing N N 296 
V7F C24   H10    sing N N 297 
V7F C25   H11    sing N N 298 
V7F C26   H25    sing N N 299 
V7F C29   H14    sing N N 300 
V7F C30   H15    sing N N 301 
V7F C31   H16    sing N N 302 
V7F C32   H17    sing N N 303 
V7F C33   H18    sing N N 304 
V7F C34   H19    sing N N 305 
V7F C35   H20    sing N N 306 
V7F C36   H21    sing N N 307 
V7F C37   H22    sing N N 308 
V7F C38   H23    sing N N 309 
V7F C05   H01    sing N N 310 
V7F C06   H02    sing N N 311 
V7F C27   H12    sing N N 312 
V7F C28   H13    sing N N 313 
V7F N02   H26    sing N N 314 
V7F N04   H24    sing N N 315 
# 
loop_
_ndb_struct_conf_na.entry_id 
_ndb_struct_conf_na.feature 
8CMM 'double helix'        
8CMM 'b-form double helix' 
8CMM 'internal loop'       
# 
loop_
_ndb_struct_na_base_pair.model_number 
_ndb_struct_na_base_pair.i_label_asym_id 
_ndb_struct_na_base_pair.i_label_comp_id 
_ndb_struct_na_base_pair.i_label_seq_id 
_ndb_struct_na_base_pair.i_symmetry 
_ndb_struct_na_base_pair.j_label_asym_id 
_ndb_struct_na_base_pair.j_label_comp_id 
_ndb_struct_na_base_pair.j_label_seq_id 
_ndb_struct_na_base_pair.j_symmetry 
_ndb_struct_na_base_pair.shear 
_ndb_struct_na_base_pair.stretch 
_ndb_struct_na_base_pair.stagger 
_ndb_struct_na_base_pair.buckle 
_ndb_struct_na_base_pair.propeller 
_ndb_struct_na_base_pair.opening 
_ndb_struct_na_base_pair.pair_number 
_ndb_struct_na_base_pair.pair_name 
_ndb_struct_na_base_pair.i_auth_asym_id 
_ndb_struct_na_base_pair.i_auth_seq_id 
_ndb_struct_na_base_pair.i_PDB_ins_code 
_ndb_struct_na_base_pair.j_auth_asym_id 
_ndb_struct_na_base_pair.j_auth_seq_id 
_ndb_struct_na_base_pair.j_PDB_ins_code 
_ndb_struct_na_base_pair.hbond_type_28 
_ndb_struct_na_base_pair.hbond_type_12 
1 A DC 1 1_555 A DG 12 6_445 0.329  -0.317 0.107  5.271   -17.383 -2.475 1  A_DC1:DG12_A A 1 ? A 12 ? 19 1 
1 A DG 2 1_555 A DC 11 6_445 -0.310 -0.150 0.073  0.999   -12.560 -3.485 2  A_DG2:DC11_A A 2 ? A 11 ? 19 1 
1 A DC 3 1_555 A DG 10 6_445 0.244  -0.162 0.093  4.086   -11.329 -0.759 3  A_DC3:DG10_A A 3 ? A 10 ? 19 1 
1 A DT 4 1_555 A DA 8  6_445 -0.152 -0.077 -0.354 13.602  -5.669  4.858  4  A_DT4:DA8_A  A 4 ? A 8  ? 20 1 
1 A DC 1 6_445 A DG 12 1_555 0.329  -0.317 0.107  5.271   -17.383 -2.475 5  A_DC1:DG12_A A 1 ? A 12 ? 19 1 
1 A DG 2 6_445 A DC 11 1_555 -0.310 -0.150 0.073  0.999   -12.560 -3.485 6  A_DG2:DC11_A A 2 ? A 11 ? 19 1 
1 A DC 3 6_445 A DG 10 1_555 0.244  -0.162 0.093  4.086   -11.329 -0.759 7  A_DC3:DG10_A A 3 ? A 10 ? 19 1 
1 A DT 4 6_445 A DA 8  1_555 -0.152 -0.077 -0.354 13.602  -5.669  4.858  8  A_DT4:DA8_A  A 4 ? A 8  ? 20 1 
1 A DT 6 1_555 A DA 7  6_445 -0.077 -0.099 0.295  -15.646 18.803  1.348  9  A_DT6:DA7_A  A 6 ? A 7  ? 20 1 
1 A DA 7 1_555 A DT 6  6_445 0.077  -0.099 0.295  15.646  18.803  1.348  10 A_DA7:DT6_A  A 7 ? A 6  ? 20 1 
# 
loop_
_ndb_struct_na_base_pair_step.model_number 
_ndb_struct_na_base_pair_step.i_label_asym_id_1 
_ndb_struct_na_base_pair_step.i_label_comp_id_1 
_ndb_struct_na_base_pair_step.i_label_seq_id_1 
_ndb_struct_na_base_pair_step.i_symmetry_1 
_ndb_struct_na_base_pair_step.j_label_asym_id_1 
_ndb_struct_na_base_pair_step.j_label_comp_id_1 
_ndb_struct_na_base_pair_step.j_label_seq_id_1 
_ndb_struct_na_base_pair_step.j_symmetry_1 
_ndb_struct_na_base_pair_step.i_label_asym_id_2 
_ndb_struct_na_base_pair_step.i_label_comp_id_2 
_ndb_struct_na_base_pair_step.i_label_seq_id_2 
_ndb_struct_na_base_pair_step.i_symmetry_2 
_ndb_struct_na_base_pair_step.j_label_asym_id_2 
_ndb_struct_na_base_pair_step.j_label_comp_id_2 
_ndb_struct_na_base_pair_step.j_label_seq_id_2 
_ndb_struct_na_base_pair_step.j_symmetry_2 
_ndb_struct_na_base_pair_step.shift 
_ndb_struct_na_base_pair_step.slide 
_ndb_struct_na_base_pair_step.rise 
_ndb_struct_na_base_pair_step.tilt 
_ndb_struct_na_base_pair_step.roll 
_ndb_struct_na_base_pair_step.twist 
_ndb_struct_na_base_pair_step.x_displacement 
_ndb_struct_na_base_pair_step.y_displacement 
_ndb_struct_na_base_pair_step.helical_rise 
_ndb_struct_na_base_pair_step.inclination 
_ndb_struct_na_base_pair_step.tip 
_ndb_struct_na_base_pair_step.helical_twist 
_ndb_struct_na_base_pair_step.step_number 
_ndb_struct_na_base_pair_step.step_name 
_ndb_struct_na_base_pair_step.i_auth_asym_id_1 
_ndb_struct_na_base_pair_step.i_auth_seq_id_1 
_ndb_struct_na_base_pair_step.i_PDB_ins_code_1 
_ndb_struct_na_base_pair_step.j_auth_asym_id_1 
_ndb_struct_na_base_pair_step.j_auth_seq_id_1 
_ndb_struct_na_base_pair_step.j_PDB_ins_code_1 
_ndb_struct_na_base_pair_step.i_auth_asym_id_2 
_ndb_struct_na_base_pair_step.i_auth_seq_id_2 
_ndb_struct_na_base_pair_step.i_PDB_ins_code_2 
_ndb_struct_na_base_pair_step.j_auth_asym_id_2 
_ndb_struct_na_base_pair_step.j_auth_seq_id_2 
_ndb_struct_na_base_pair_step.j_PDB_ins_code_2 
1 A DC 1 1_555 A DG 12 6_445 A DG 2 1_555 A DC 11 6_445 0.516  0.555  3.457 3.398  4.419 34.376 0.204  -0.306 3.532 7.417  -5.703 
34.811 1 AA_DC1DG2:DC11DG12_AA A 1 ? A 12 ? A 2 ? A 11 ? 
1 A DG 2 1_555 A DC 11 6_445 A DC 3 1_555 A DG 10 6_445 0.638  -0.661 3.219 -2.123 2.582 35.129 -1.462 -1.358 3.121 4.266  3.507  
35.282 2 AA_DG2DC3:DG10DC11_AA A 2 ? A 11 ? A 3 ? A 10 ? 
1 A DC 3 1_555 A DG 10 6_445 A DT 4 1_555 A DA 8  6_445 -0.944 -0.844 3.083 2.463  2.738 19.270 -3.680 3.854  2.795 8.083  -7.272 
19.615 3 AA_DC3DT4:DA8DG10_AA  A 3 ? A 10 ? A 4 ? A 8  ? 
1 A DC 1 6_445 A DG 12 1_555 A DG 2 6_445 A DC 11 1_555 0.516  0.555  3.457 3.398  4.419 34.376 0.204  -0.306 3.532 7.417  -5.703 
34.811 4 AA_DC1DG2:DC11DG12_AA A 1 ? A 12 ? A 2 ? A 11 ? 
1 A DG 2 6_445 A DC 11 1_555 A DC 3 6_445 A DG 10 1_555 0.638  -0.661 3.219 -2.123 2.582 35.129 -1.462 -1.358 3.121 4.266  3.507  
35.282 5 AA_DG2DC3:DG10DC11_AA A 2 ? A 11 ? A 3 ? A 10 ? 
1 A DC 3 6_445 A DG 10 1_555 A DT 4 6_445 A DA 8  1_555 -0.944 -0.844 3.083 2.463  2.738 19.270 -3.680 3.854  2.795 8.083  -7.272 
19.615 6 AA_DC3DT4:DA8DG10_AA  A 3 ? A 10 ? A 4 ? A 8  ? 
1 A DT 6 1_555 A DA 7  6_445 A DA 7 1_555 A DT 6  6_445 0.000  2.668  2.667 0.000  7.672 5.159  -4.481 0.000  3.703 56.131 0.000  
9.243  7 AA_DT6DA7:DT6DA7_AA   A 6 ? A 7  ? A 7 ? A 6  ? 
# 
loop_
_pdbx_audit_support.funding_organization 
_pdbx_audit_support.country 
_pdbx_audit_support.grant_number 
_pdbx_audit_support.ordinal 
'H2020 Marie Curie Actions of the European Commission'           'European Union' 861381       1 
'Biotechnology and Biological Sciences Research Council (BBSRC)' 'United Kingdom' BB/T008342/1 2 
# 
_atom_sites.entry_id                    8CMM 
_atom_sites.Cartn_transf_matrix[1][1]   ? 
_atom_sites.Cartn_transf_matrix[1][2]   ? 
_atom_sites.Cartn_transf_matrix[1][3]   ? 
_atom_sites.Cartn_transf_matrix[2][1]   ? 
_atom_sites.Cartn_transf_matrix[2][2]   ? 
_atom_sites.Cartn_transf_matrix[2][3]   ? 
_atom_sites.Cartn_transf_matrix[3][1]   ? 
_atom_sites.Cartn_transf_matrix[3][2]   ? 
_atom_sites.Cartn_transf_matrix[3][3]   ? 
_atom_sites.Cartn_transf_vector[1]      ? 
_atom_sites.Cartn_transf_vector[2]      ? 
_atom_sites.Cartn_transf_vector[3]      ? 
_atom_sites.Cartn_transform_axes        ? 
_atom_sites.fract_transf_matrix[1][1]   -0.00012763 
_atom_sites.fract_transf_matrix[1][2]   0.02419098 
_atom_sites.fract_transf_matrix[1][3]   -0.02072028 
_atom_sites.fract_transf_matrix[2][1]   0.01423497 
_atom_sites.fract_transf_matrix[2][2]   0.00969109 
_atom_sites.fract_transf_matrix[2][3]   0.01122669 
_atom_sites.fract_transf_matrix[3][1]   0.01331277 
_atom_sites.fract_transf_matrix[3][2]   -0.00827195 
_atom_sites.fract_transf_matrix[3][3]   -0.00973952 
_atom_sites.fract_transf_vector[1]      -0.480393 
_atom_sites.fract_transf_vector[2]      -0.218639 
_atom_sites.fract_transf_vector[3]      -0.194155 
_atom_sites.solution_primary            ? 
_atom_sites.solution_secondary          ? 
_atom_sites.solution_hydrogens          ? 
_atom_sites.special_details             ? 
# 
loop_
_atom_type.symbol 
C  
H  
K  
LI 
N  
O  
P  
RU 
# 
loop_
_atom_site.group_PDB 
_atom_site.id 
_atom_site.type_symbol 
_atom_site.label_atom_id 
_atom_site.label_alt_id 
_atom_site.label_comp_id 
_atom_site.label_asym_id 
_atom_site.label_entity_id 
_atom_site.label_seq_id 
_atom_site.pdbx_PDB_ins_code 
_atom_site.Cartn_x 
_atom_site.Cartn_y 
_atom_site.Cartn_z 
_atom_site.occupancy 
_atom_site.B_iso_or_equiv 
_atom_site.pdbx_formal_charge 
_atom_site.auth_seq_id 
_atom_site.auth_comp_id 
_atom_site.auth_asym_id 
_atom_site.auth_atom_id 
_atom_site.pdbx_PDB_model_num 
ATOM   1   O  "O5'" . DC  A 1 1  ? 1.816   24.064  -10.312 1.00 22.53 ? 1   DC  A "O5'" 1 
ATOM   2   C  "C5'" . DC  A 1 1  ? 1.245   23.455  -9.141  1.00 18.28 ? 1   DC  A "C5'" 1 
ATOM   3   C  "C4'" . DC  A 1 1  ? 2.271   22.643  -8.381  1.00 13.20 ? 1   DC  A "C4'" 1 
ATOM   4   O  "O4'" . DC  A 1 1  ? 1.568   21.872  -7.408  1.00 13.37 ? 1   DC  A "O4'" 1 
ATOM   5   C  "C3'" . DC  A 1 1  ? 3.017   21.642  -9.249  1.00 12.04 ? 1   DC  A "C3'" 1 
ATOM   6   O  "O3'" . DC  A 1 1  ? 4.359   22.102  -9.446  1.00 13.37 ? 1   DC  A "O3'" 1 
ATOM   7   C  "C2'" . DC  A 1 1  ? 2.986   20.339  -8.471  1.00 12.97 ? 1   DC  A "C2'" 1 
ATOM   8   C  "C1'" . DC  A 1 1  ? 2.325   20.700  -7.164  1.00 11.70 ? 1   DC  A "C1'" 1 
ATOM   9   N  N1    . DC  A 1 1  ? 1.425   19.685  -6.598  1.00 11.52 ? 1   DC  A N1    1 
ATOM   10  C  C2    . DC  A 1 1  ? 1.631   19.265  -5.295  1.00 12.23 ? 1   DC  A C2    1 
ATOM   11  O  O2    . DC  A 1 1  ? 2.597   19.722  -4.681  1.00 15.34 ? 1   DC  A O2    1 
ATOM   12  N  N3    . DC  A 1 1  ? 0.772   18.374  -4.750  1.00 11.94 ? 1   DC  A N3    1 
ATOM   13  C  C4    . DC  A 1 1  ? -0.242  17.885  -5.470  1.00 11.67 ? 1   DC  A C4    1 
ATOM   14  N  N4    . DC  A 1 1  ? -1.075  17.037  -4.888  1.00 12.95 ? 1   DC  A N4    1 
ATOM   15  C  C5    . DC  A 1 1  ? -0.474  18.319  -6.810  1.00 12.40 ? 1   DC  A C5    1 
ATOM   16  C  C6    . DC  A 1 1  ? 0.383   19.200  -7.332  1.00 12.37 ? 1   DC  A C6    1 
ATOM   17  P  P     . DG  A 1 2  ? 5.443   21.340  -10.333 1.00 12.61 ? 2   DG  A P     1 
ATOM   18  O  OP1   . DG  A 1 2  ? 6.346   22.408  -10.824 1.00 15.13 ? 2   DG  A OP1   1 
ATOM   19  O  OP2   . DG  A 1 2  ? 4.808   20.370  -11.296 1.00 12.86 ? 2   DG  A OP2   1 
ATOM   20  O  "O5'" . DG  A 1 2  ? 6.234   20.420  -9.319  1.00 11.73 ? 2   DG  A "O5'" 1 
ATOM   21  C  "C5'" . DG  A 1 2  ? 6.916   21.009  -8.187  1.00 11.58 ? 2   DG  A "C5'" 1 
ATOM   22  C  "C4'" . DG  A 1 2  ? 7.341   19.884  -7.279  1.00 11.00 ? 2   DG  A "C4'" 1 
ATOM   23  O  "O4'" . DG  A 1 2  ? 6.160   19.222  -6.802  1.00 11.30 ? 2   DG  A "O4'" 1 
ATOM   24  C  "C3'" . DG  A 1 2  ? 8.178   18.818  -7.981  1.00 10.84 ? 2   DG  A "C3'" 1 
ATOM   25  O  "O3'" . DG  A 1 2  ? 9.348   18.631  -7.196  1.00 11.49 ? 2   DG  A "O3'" 1 
ATOM   26  C  "C2'" . DG  A 1 2  ? 7.265   17.588  -8.054  1.00 10.73 ? 2   DG  A "C2'" 1 
ATOM   27  C  "C1'" . DG  A 1 2  ? 6.333   17.817  -6.873  1.00 10.59 ? 2   DG  A "C1'" 1 
ATOM   28  N  N9    . DG  A 1 2  ? 5.005   17.229  -7.039  1.00 9.93  ? 2   DG  A N9    1 
ATOM   29  C  C8    . DG  A 1 2  ? 4.231   17.191  -8.173  1.00 9.97  ? 2   DG  A C8    1 
ATOM   30  N  N7    . DG  A 1 2  ? 3.095   16.560  -8.024  1.00 9.76  ? 2   DG  A N7    1 
ATOM   31  C  C5    . DG  A 1 2  ? 3.134   16.137  -6.696  1.00 9.31  ? 2   DG  A C5    1 
ATOM   32  C  C6    . DG  A 1 2  ? 2.212   15.376  -5.937  1.00 9.84  ? 2   DG  A C6    1 
ATOM   33  O  O6    . DG  A 1 2  ? 1.106   14.944  -6.275  1.00 11.80 ? 2   DG  A O6    1 
ATOM   34  N  N1    . DG  A 1 2  ? 2.690   15.118  -4.649  1.00 10.78 ? 2   DG  A N1    1 
ATOM   35  C  C2    . DG  A 1 2  ? 3.880   15.538  -4.148  1.00 10.45 ? 2   DG  A C2    1 
ATOM   36  N  N2    . DG  A 1 2  ? 4.181   15.174  -2.896  1.00 12.03 ? 2   DG  A N2    1 
ATOM   37  N  N3    . DG  A 1 2  ? 4.727   16.291  -4.830  1.00 9.97  ? 2   DG  A N3    1 
ATOM   38  C  C4    . DG  A 1 2  ? 4.306   16.532  -6.085  1.00 9.49  ? 2   DG  A C4    1 
ATOM   39  P  P     . DC  A 1 3  ? 10.495  17.578  -7.571  1.00 12.30 ? 3   DC  A P     1 
ATOM   40  O  OP1   . DC  A 1 3  ? 11.739  18.138  -6.996  1.00 13.76 ? 3   DC  A OP1   1 
ATOM   41  O  OP2   . DC  A 1 3  ? 10.455  17.240  -9.020  1.00 13.79 ? 3   DC  A OP2   1 
ATOM   42  O  "O5'" . DC  A 1 3  ? 10.077  16.263  -6.788  1.00 11.86 ? 3   DC  A "O5'" 1 
ATOM   43  C  "C5'" . DC  A 1 3  ? 9.936   16.328  -5.352  1.00 12.04 ? 3   DC  A "C5'" 1 
ATOM   44  C  "C4'" . DC  A 1 3  ? 9.202   15.100  -4.897  1.00 11.65 ? 3   DC  A "C4'" 1 
ATOM   45  O  "O4'" . DC  A 1 3  ? 7.891   15.078  -5.477  1.00 11.31 ? 3   DC  A "O4'" 1 
ATOM   46  C  "C3'" . DC  A 1 3  ? 9.829   13.779  -5.289  1.00 12.31 ? 3   DC  A "C3'" 1 
ATOM   47  O  "O3'" . DC  A 1 3  ? 10.677  13.389  -4.205  1.00 14.05 ? 3   DC  A "O3'" 1 
ATOM   48  C  "C2'" . DC  A 1 3  ? 8.632   12.857  -5.524  1.00 12.35 ? 3   DC  A "C2'" 1 
ATOM   49  C  "C1'" . DC  A 1 3  ? 7.426   13.753  -5.279  1.00 10.92 ? 3   DC  A "C1'" 1 
ATOM   50  N  N1    . DC  A 1 3  ? 6.312   13.524  -6.206  1.00 10.45 ? 3   DC  A N1    1 
ATOM   51  C  C2    . DC  A 1 3  ? 5.190   12.832  -5.751  1.00 10.42 ? 3   DC  A C2    1 
ATOM   52  O  O2    . DC  A 1 3  ? 5.251   12.310  -4.622  1.00 10.99 ? 3   DC  A O2    1 
ATOM   53  N  N3    . DC  A 1 3  ? 4.122   12.711  -6.544  1.00 10.02 ? 3   DC  A N3    1 
ATOM   54  C  C4    . DC  A 1 3  ? 4.139   13.213  -7.784  1.00 10.07 ? 3   DC  A C4    1 
ATOM   55  N  N4    . DC  A 1 3  ? 3.065   13.092  -8.536  1.00 11.19 ? 3   DC  A N4    1 
ATOM   56  C  C5    . DC  A 1 3  ? 5.296   13.875  -8.287  1.00 10.81 ? 3   DC  A C5    1 
ATOM   57  C  C6    . DC  A 1 3  ? 6.348   14.008  -7.468  1.00 11.02 ? 3   DC  A C6    1 
ATOM   58  P  P     . DT  A 1 4  ? 11.769  12.232  -4.346  1.00 15.92 ? 4   DT  A P     1 
ATOM   59  O  OP1   . DT  A 1 4  ? 12.740  12.457  -3.237  1.00 18.38 ? 4   DT  A OP1   1 
ATOM   60  O  OP2   . DT  A 1 4  ? 12.247  12.111  -5.749  1.00 17.08 ? 4   DT  A OP2   1 
ATOM   61  O  "O5'" . DT  A 1 4  ? 10.958  10.888  -4.076  1.00 14.08 ? 4   DT  A "O5'" 1 
ATOM   62  C  "C5'" . DT  A 1 4  ? 10.453  10.625  -2.749  1.00 13.75 ? 4   DT  A "C5'" 1 
ATOM   63  C  "C4'" . DT  A 1 4  ? 9.497   9.478   -2.856  1.00 12.45 ? 4   DT  A "C4'" 1 
ATOM   64  O  "O4'" . DT  A 1 4  ? 8.379   9.844   -3.675  1.00 12.22 ? 4   DT  A "O4'" 1 
ATOM   65  C  "C3'" . DT  A 1 4  ? 10.035  8.220   -3.507  1.00 13.07 ? 4   DT  A "C3'" 1 
ATOM   66  O  "O3'" . DT  A 1 4  ? 10.413  7.340   -2.463  1.00 14.49 ? 4   DT  A "O3'" 1 
ATOM   67  C  "C2'" . DT  A 1 4  ? 8.889   7.662   -4.339  1.00 12.74 ? 4   DT  A "C2'" 1 
ATOM   68  C  "C1'" . DT  A 1 4  ? 7.754   8.631   -4.067  1.00 11.21 ? 4   DT  A "C1'" 1 
ATOM   69  N  N1    . DT  A 1 4  ? 6.891   8.932   -5.207  1.00 11.00 ? 4   DT  A N1    1 
ATOM   70  C  C2    . DT  A 1 4  ? 5.560   8.569   -5.149  1.00 10.39 ? 4   DT  A C2    1 
ATOM   71  O  O2    . DT  A 1 4  ? 5.073   7.948   -4.230  1.00 11.32 ? 4   DT  A O2    1 
ATOM   72  N  N3    . DT  A 1 4  ? 4.815   8.937   -6.231  1.00 10.04 ? 4   DT  A N3    1 
ATOM   73  C  C4    . DT  A 1 4  ? 5.258   9.623   -7.342  1.00 10.54 ? 4   DT  A C4    1 
ATOM   74  O  O4    . DT  A 1 4  ? 4.454   9.867   -8.259  1.00 10.89 ? 4   DT  A O4    1 
ATOM   75  C  C5    . DT  A 1 4  ? 6.673   9.928   -7.368  1.00 11.04 ? 4   DT  A C5    1 
ATOM   76  C  C7    . DT  A 1 4  ? 7.252   10.595  -8.578  1.00 12.19 ? 4   DT  A C7    1 
ATOM   77  C  C6    . DT  A 1 4  ? 7.422   9.581   -6.305  1.00 10.78 ? 4   DT  A C6    1 
ATOM   78  P  P     . DA  A 1 5  ? 11.400  6.111   -2.689  1.00 17.65 ? 5   DA  A P     1 
ATOM   79  O  OP1   . DA  A 1 5  ? 11.880  5.716   -1.352  1.00 22.18 ? 5   DA  A OP1   1 
ATOM   80  O  OP2   . DA  A 1 5  ? 12.381  6.377   -3.787  1.00 19.44 ? 5   DA  A OP2   1 
ATOM   81  O  "O5'" . DA  A 1 5  ? 10.479  4.953   -3.261  1.00 14.59 ? 5   DA  A "O5'" 1 
ATOM   82  C  "C5'" . DA  A 1 5  ? 9.429   4.386   -2.445  1.00 14.62 ? 5   DA  A "C5'" 1 
ATOM   83  C  "C4'" . DA  A 1 5  ? 9.125   3.010   -2.980  1.00 12.20 ? 5   DA  A "C4'" 1 
ATOM   84  O  "O4'" . DA  A 1 5  ? 8.589   3.083   -4.305  1.00 11.56 ? 5   DA  A "O4'" 1 
ATOM   85  C  "C3'" . DA  A 1 5  ? 10.338  2.108   -3.047  1.00 11.54 ? 5   DA  A "C3'" 1 
ATOM   86  O  "O3'" . DA  A 1 5  ? 9.914   0.786   -2.727  1.00 12.58 ? 5   DA  A "O3'" 1 
ATOM   87  C  "C2'" . DA  A 1 5  ? 10.752  2.177   -4.501  1.00 11.42 ? 5   DA  A "C2'" 1 
ATOM   88  C  "C1'" . DA  A 1 5  ? 9.470   2.451   -5.238  1.00 10.84 ? 5   DA  A "C1'" 1 
ATOM   89  N  N9    . DA  A 1 5  ? 9.585   3.350   -6.384  1.00 10.43 ? 5   DA  A N9    1 
ATOM   90  C  C8    . DA  A 1 5  ? 10.254  4.543   -6.469  1.00 10.91 ? 5   DA  A C8    1 
ATOM   91  N  N7    . DA  A 1 5  ? 9.973   5.227   -7.544  1.00 10.63 ? 5   DA  A N7    1 
ATOM   92  C  C5    . DA  A 1 5  ? 9.060   4.430   -8.219  1.00 10.02 ? 5   DA  A C5    1 
ATOM   93  C  C6    . DA  A 1 5  ? 8.323   4.633   -9.401  1.00 10.52 ? 5   DA  A C6    1 
ATOM   94  N  N6    . DA  A 1 5  ? 8.403   5.715   -10.172 1.00 11.63 ? 5   DA  A N6    1 
ATOM   95  N  N1    . DA  A 1 5  ? 7.426   3.669   -9.725  1.00 10.48 ? 5   DA  A N1    1 
ATOM   96  C  C2    . DA  A 1 5  ? 7.296   2.603   -8.931  1.00 10.54 ? 5   DA  A C2    1 
ATOM   97  N  N3    . DA  A 1 5  ? 7.949   2.305   -7.812  1.00 10.24 ? 5   DA  A N3    1 
ATOM   98  C  C4    . DA  A 1 5  ? 8.813   3.279   -7.507  1.00 9.56  ? 5   DA  A C4    1 
ATOM   99  P  P     . DT  A 1 6  ? 10.639  -0.112  -1.643  1.00 15.70 ? 6   DT  A P     1 
ATOM   100 O  OP1   . DT  A 1 6  ? 11.412  0.735   -0.696  1.00 19.91 ? 6   DT  A OP1   1 
ATOM   101 O  OP2   . DT  A 1 6  ? 11.357  -1.239  -2.297  1.00 21.50 ? 6   DT  A OP2   1 
ATOM   102 O  "O5'" . DT  A 1 6  ? 9.405   -0.796  -0.929  1.00 14.77 ? 6   DT  A "O5'" 1 
ATOM   103 C  "C5'" . DT  A 1 6  ? 8.660   -0.067  0.050   1.00 14.09 ? 6   DT  A "C5'" 1 
ATOM   104 C  "C4'" . DT  A 1 6  ? 7.554   -0.953  0.506   1.00 12.63 ? 6   DT  A "C4'" 1 
ATOM   105 O  "O4'" . DT  A 1 6  ? 6.673   -1.171  -0.603  1.00 12.81 ? 6   DT  A "O4'" 1 
ATOM   106 C  "C3'" . DT  A 1 6  ? 7.996   -2.341  0.958   1.00 12.29 ? 6   DT  A "C3'" 1 
ATOM   107 O  "O3'" . DT  A 1 6  ? 8.272   -2.240  2.344   1.00 14.77 ? 6   DT  A "O3'" 1 
ATOM   108 C  "C2'" . DT  A 1 6  ? 6.802   -3.203  0.590   1.00 12.48 ? 6   DT  A "C2'" 1 
ATOM   109 C  "C1'" . DT  A 1 6  ? 6.162   -2.492  -0.610  1.00 11.47 ? 6   DT  A "C1'" 1 
ATOM   110 N  N1    . DT  A 1 6  ? 6.473   -3.090  -1.920  1.00 10.10 ? 6   DT  A N1    1 
ATOM   111 C  C2    . DT  A 1 6  ? 5.488   -3.046  -2.892  1.00 9.42  ? 6   DT  A C2    1 
ATOM   112 O  O2    . DT  A 1 6  ? 4.370   -2.617  -2.696  1.00 10.67 ? 6   DT  A O2    1 
ATOM   113 N  N3    . DT  A 1 6  ? 5.877   -3.510  -4.118  1.00 9.16  ? 6   DT  A N3    1 
ATOM   114 C  C4    . DT  A 1 6  ? 7.114   -3.965  -4.476  1.00 9.16  ? 6   DT  A C4    1 
ATOM   115 O  O4    . DT  A 1 6  ? 7.325   -4.343  -5.631  1.00 9.56  ? 6   DT  A O4    1 
ATOM   116 C  C5    . DT  A 1 6  ? 8.131   -3.903  -3.447  1.00 10.13 ? 6   DT  A C5    1 
ATOM   117 C  C7    . DT  A 1 6  ? 9.532   -4.335  -3.779  1.00 11.87 ? 6   DT  A C7    1 
ATOM   118 C  C6    . DT  A 1 6  ? 7.752   -3.494  -2.241  1.00 10.28 ? 6   DT  A C6    1 
ATOM   119 P  P     . DA  A 1 7  ? 8.923   -3.433  3.152   1.00 16.79 ? 7   DA  A P     1 
ATOM   120 O  OP1   . DA  A 1 7  ? 9.375   -2.830  4.437   1.00 22.79 ? 7   DA  A OP1   1 
ATOM   121 O  OP2   . DA  A 1 7  ? 9.890   -4.194  2.334   1.00 18.92 ? 7   DA  A OP2   1 
ATOM   122 O  "O5'" . DA  A 1 7  ? 7.759   -4.465  3.409   1.00 14.21 ? 7   DA  A "O5'" 1 
ATOM   123 C  "C5'" . DA  A 1 7  ? 6.633   -4.013  4.166   1.00 13.69 ? 7   DA  A "C5'" 1 
ATOM   124 C  "C4'" . DA  A 1 7  ? 5.535   -5.038  4.072   1.00 11.50 ? 7   DA  A "C4'" 1 
ATOM   125 O  "O4'" . DA  A 1 7  ? 5.206   -5.330  2.688   1.00 11.46 ? 7   DA  A "O4'" 1 
ATOM   126 C  "C3'" . DA  A 1 7  ? 5.809   -6.393  4.695   1.00 11.65 ? 7   DA  A "C3'" 1 
ATOM   127 O  "O3'" . DA  A 1 7  ? 4.589   -6.996  5.104   1.00 11.19 ? 7   DA  A "O3'" 1 
ATOM   128 C  "C2'" . DA  A 1 7  ? 6.339   -7.219  3.543   1.00 11.27 ? 7   DA  A "C2'" 1 
ATOM   129 C  "C1'" . DA  A 1 7  ? 5.499   -6.691  2.391   1.00 10.76 ? 7   DA  A "C1'" 1 
ATOM   130 N  N9    . DA  A 1 7  ? 6.146   -6.785  1.084   1.00 9.87  ? 7   DA  A N9    1 
ATOM   131 C  C8    . DA  A 1 7  ? 7.429   -7.137  0.768   1.00 11.31 ? 7   DA  A C8    1 
ATOM   132 N  N7    . DA  A 1 7  ? 7.666   -7.164  -0.525  1.00 10.80 ? 7   DA  A N7    1 
ATOM   133 C  C5    . DA  A 1 7  ? 6.448   -6.777  -1.089  1.00 9.41  ? 7   DA  A C5    1 
ATOM   134 C  C6    . DA  A 1 7  ? 6.026   -6.662  -2.425  1.00 9.35  ? 7   DA  A C6    1 
ATOM   135 N  N6    . DA  A 1 7  ? 6.776   -6.960  -3.471  1.00 9.84  ? 7   DA  A N6    1 
ATOM   136 N  N1    . DA  A 1 7  ? 4.778   -6.235  -2.652  1.00 9.02  ? 7   DA  A N1    1 
ATOM   137 C  C2    . DA  A 1 7  ? 3.976   -6.009  -1.609  1.00 9.53  ? 7   DA  A C2    1 
ATOM   138 N  N3    . DA  A 1 7  ? 4.234   -6.149  -0.299  1.00 9.26  ? 7   DA  A N3    1 
ATOM   139 C  C4    . DA  A 1 7  ? 5.507   -6.528  -0.123  1.00 9.63  ? 7   DA  A C4    1 
ATOM   140 P  P     . DA  A 1 8  ? 3.879   -6.654  6.504   1.00 10.67 ? 8   DA  A P     1 
ATOM   141 O  OP1   . DA  A 1 8  ? 4.438   -5.391  7.044   1.00 11.47 ? 8   DA  A OP1   1 
ATOM   142 O  OP2   . DA  A 1 8  ? 3.929   -7.867  7.368   1.00 11.06 ? 8   DA  A OP2   1 
ATOM   143 O  "O5'" . DA  A 1 8  ? 2.379   -6.474  6.050   1.00 10.53 ? 8   DA  A "O5'" 1 
ATOM   144 C  "C5'" . DA  A 1 8  ? 2.072   -5.388  5.126   1.00 10.82 ? 8   DA  A "C5'" 1 
ATOM   145 C  "C4'" . DA  A 1 8  ? 0.580   -5.215  5.101   1.00 10.57 ? 8   DA  A "C4'" 1 
ATOM   146 O  "O4'" . DA  A 1 8  ? -0.019  -6.383  4.525   1.00 10.46 ? 8   DA  A "O4'" 1 
ATOM   147 C  "C3'" . DA  A 1 8  ? -0.093  -5.065  6.451   1.00 10.20 ? 8   DA  A "C3'" 1 
ATOM   148 O  "O3'" . DA  A 1 8  ? -0.156  -3.668  6.788   1.00 10.84 ? 8   DA  A "O3'" 1 
ATOM   149 C  "C2'" . DA  A 1 8  ? -1.466  -5.637  6.212   1.00 10.34 ? 8   DA  A "C2'" 1 
ATOM   150 C  "C1'" . DA  A 1 8  ? -1.250  -6.689  5.148   1.00 10.07 ? 8   DA  A "C1'" 1 
ATOM   151 N  N9    . DA  A 1 8  ? -1.147  -8.067  5.637   1.00 10.16 ? 8   DA  A N9    1 
ATOM   152 C  C8    . DA  A 1 8  ? -0.571  -8.547  6.794   1.00 10.93 ? 8   DA  A C8    1 
ATOM   153 N  N7    . DA  A 1 8  ? -0.619  -9.852  6.887   1.00 11.24 ? 8   DA  A N7    1 
ATOM   154 C  C5    . DA  A 1 8  ? -1.255  -10.254 5.712   1.00 10.33 ? 8   DA  A C5    1 
ATOM   155 C  C6    . DA  A 1 8  ? -1.589  -11.518 5.203   1.00 10.20 ? 8   DA  A C6    1 
ATOM   156 N  N6    . DA  A 1 8  ? -1.327  -12.667 5.810   1.00 10.93 ? 8   DA  A N6    1 
ATOM   157 N  N1    . DA  A 1 8  ? -2.201  -11.563 3.992   1.00 10.24 ? 8   DA  A N1    1 
ATOM   158 C  C2    . DA  A 1 8  ? -2.448  -10.416 3.338   1.00 10.02 ? 8   DA  A C2    1 
ATOM   159 N  N3    . DA  A 1 8  ? -2.190  -9.171  3.733   1.00 10.43 ? 8   DA  A N3    1 
ATOM   160 C  C4    . DA  A 1 8  ? -1.571  -9.160  4.932   1.00 10.31 ? 8   DA  A C4    1 
ATOM   161 P  P     . DT  A 1 9  ? 0.584   -3.110  8.088   1.00 11.06 ? 9   DT  A P     1 
ATOM   162 O  OP1   . DT  A 1 9  ? 0.601   -1.640  7.939   1.00 12.81 ? 9   DT  A OP1   1 
ATOM   163 O  OP2   . DT  A 1 9  ? 1.867   -3.832  8.335   1.00 11.29 ? 9   DT  A OP2   1 
ATOM   164 O  "O5'" . DT  A 1 9  ? -0.362  -3.550  9.261   1.00 11.33 ? 9   DT  A "O5'" 1 
ATOM   165 C  "C5'" . DT  A 1 9  ? -1.726  -3.121  9.255   1.00 12.59 ? 9   DT  A "C5'" 1 
ATOM   166 C  "C4'" . DT  A 1 9  ? -2.365  -3.443  10.561  1.00 12.65 ? 9   DT  A "C4'" 1 
ATOM   167 O  "O4'" . DT  A 1 9  ? -1.663  -2.780  11.628  1.00 13.09 ? 9   DT  A "O4'" 1 
ATOM   168 C  "C3'" . DT  A 1 9  ? -3.823  -3.009  10.675  1.00 12.66 ? 9   DT  A "C3'" 1 
ATOM   169 O  "O3'" . DT  A 1 9  ? -4.646  -4.170  10.689  1.00 14.03 ? 9   DT  A "O3'" 1 
ATOM   170 C  "C2'" . DT  A 1 9  ? -3.893  -2.228  11.982  1.00 13.80 ? 9   DT  A "C2'" 1 
ATOM   171 C  "C1'" . DT  A 1 9  ? -2.604  -2.618  12.676  1.00 14.10 ? 9   DT  A "C1'" 1 
ATOM   172 N  N1    . DT  A 1 9  ? -2.032  -1.617  13.554  1.00 13.18 ? 9   DT  A N1    1 
ATOM   173 C  C2    . DT  A 1 9  ? -1.750  -1.987  14.850  1.00 15.21 ? 9   DT  A C2    1 
ATOM   174 O  O2    . DT  A 1 9  ? -2.021  -3.103  15.306  1.00 17.98 ? 9   DT  A O2    1 
ATOM   175 N  N3    . DT  A 1 9  ? -1.161  -1.013  15.607  1.00 15.56 ? 9   DT  A N3    1 
ATOM   176 C  C4    . DT  A 1 9  ? -0.856  0.274   15.198  1.00 15.39 ? 9   DT  A C4    1 
ATOM   177 O  O4    . DT  A 1 9  ? -0.327  1.050   15.985  1.00 17.74 ? 9   DT  A O4    1 
ATOM   178 C  C5    . DT  A 1 9  ? -1.196  0.596   13.834  1.00 15.72 ? 9   DT  A C5    1 
ATOM   179 C  C7    . DT  A 1 9  ? -0.875  1.953   13.309  1.00 17.05 ? 9   DT  A C7    1 
ATOM   180 C  C6    . DT  A 1 9  ? -1.764  -0.354  13.082  1.00 13.57 ? 9   DT  A C6    1 
ATOM   181 P  P     . DG  A 1 10 ? -6.030  -4.223  9.903   1.00 15.57 ? 10  DG  A P     1 
ATOM   182 O  OP1   . DG  A 1 10 ? -6.729  -2.919  9.980   1.00 17.78 ? 10  DG  A OP1   1 
ATOM   183 O  OP2   . DG  A 1 10 ? -6.703  -5.430  10.441  1.00 19.51 ? 10  DG  A OP2   1 
ATOM   184 O  "O5'" . DG  A 1 10 ? -5.644  -4.385  8.372   1.00 12.88 ? 10  DG  A "O5'" 1 
ATOM   185 C  "C5'" . DG  A 1 10 ? -5.017  -5.596  7.976   1.00 12.43 ? 10  DG  A "C5'" 1 
ATOM   186 C  "C4'" . DG  A 1 10 ? -5.133  -5.703  6.485   1.00 11.00 ? 10  DG  A "C4'" 1 
ATOM   187 O  "O4'" . DG  A 1 10 ? -4.274  -6.747  6.009   1.00 11.05 ? 10  DG  A "O4'" 1 
ATOM   188 C  "C3'" . DG  A 1 10 ? -6.530  -5.966  5.949   1.00 12.67 ? 10  DG  A "C3'" 1 
ATOM   189 O  "O3'" . DG  A 1 10 ? -6.691  -5.325  4.668   1.00 13.17 ? 10  DG  A "O3'" 1 
ATOM   190 C  "C2'" . DG  A 1 10 ? -6.518  -7.464  5.758   1.00 14.15 ? 10  DG  A "C2'" 1 
ATOM   191 C  "C1'" . DG  A 1 10 ? -5.059  -7.802  5.490   1.00 11.48 ? 10  DG  A "C1'" 1 
ATOM   192 N  N9    . DG  A 1 10 ? -4.698  -9.035  6.200   1.00 10.26 ? 10  DG  A N9    1 
ATOM   193 C  C8    . DG  A 1 10 ? -4.158  -9.140  7.448   1.00 11.88 ? 10  DG  A C8    1 
ATOM   194 N  N7    . DG  A 1 10 ? -3.999  -10.371 7.868   1.00 11.88 ? 10  DG  A N7    1 
ATOM   195 C  C5    . DG  A 1 10 ? -4.485  -11.134 6.819   1.00 10.35 ? 10  DG  A C5    1 
ATOM   196 C  C6    . DG  A 1 10 ? -4.561  -12.537 6.649   1.00 10.71 ? 10  DG  A C6    1 
ATOM   197 O  O6    . DG  A 1 10 ? -4.233  -13.407 7.477   1.00 11.77 ? 10  DG  A O6    1 
ATOM   198 N  N1    . DG  A 1 10 ? -5.118  -12.897 5.432   1.00 9.92  ? 10  DG  A N1    1 
ATOM   199 C  C2    . DG  A 1 10 ? -5.521  -12.016 4.463   1.00 9.79  ? 10  DG  A C2    1 
ATOM   200 N  N2    . DG  A 1 10 ? -5.974  -12.555 3.342   1.00 10.39 ? 10  DG  A N2    1 
ATOM   201 N  N3    . DG  A 1 10 ? -5.443  -10.701 4.602   1.00 9.61  ? 10  DG  A N3    1 
ATOM   202 C  C4    . DG  A 1 10 ? -4.929  -10.322 5.791   1.00 10.06 ? 10  DG  A C4    1 
ATOM   203 P  P     A DC  A 1 11 ? -8.218  -4.903  4.314   0.50 17.33 ? 11  DC  A P     1 
ATOM   204 P  P     B DC  A 1 11 ? -8.047  -5.136  3.852   0.50 12.18 ? 11  DC  A P     1 
ATOM   205 O  OP1   A DC  A 1 11 ? -8.215  -4.091  3.061   0.50 19.35 ? 11  DC  A OP1   1 
ATOM   206 O  OP1   B DC  A 1 11 ? -7.773  -4.181  2.730   0.50 12.62 ? 11  DC  A OP1   1 
ATOM   207 O  OP2   A DC  A 1 11 ? -8.961  -4.312  5.468   0.50 19.96 ? 11  DC  A OP2   1 
ATOM   208 O  OP2   B DC  A 1 11 ? -9.100  -4.804  4.856   0.50 11.75 ? 11  DC  A OP2   1 
ATOM   209 O  "O5'" A DC  A 1 11 ? -9.070  -6.235  4.136   0.50 18.34 ? 11  DC  A "O5'" 1 
ATOM   210 O  "O5'" B DC  A 1 11 ? -8.334  -6.616  3.328   0.50 12.29 ? 11  DC  A "O5'" 1 
ATOM   211 C  "C5'" A DC  A 1 11 ? -9.332  -6.613  2.804   0.50 20.44 ? 11  DC  A "C5'" 1 
ATOM   212 C  "C5'" B DC  A 1 11 ? -9.612  -7.013  2.858   0.50 13.49 ? 11  DC  A "C5'" 1 
ATOM   213 C  "C4'" A DC  A 1 11 ? -9.905  -7.987  2.904   0.50 18.67 ? 11  DC  A "C4'" 1 
ATOM   214 C  "C4'" B DC  A 1 11 ? -9.367  -8.140  1.909   0.50 11.67 ? 11  DC  A "C4'" 1 
ATOM   215 O  "O4'" A DC  A 1 11 ? -9.014  -8.811  3.664   0.50 17.95 ? 11  DC  A "O4'" 1 
ATOM   216 O  "O4'" B DC  A 1 11 ? -8.643  -9.182  2.614   0.50 11.61 ? 11  DC  A "O4'" 1 
ATOM   217 C  "C3'" A DC  A 1 11 ? -11.245 -8.075  3.639   0.50 19.51 ? 11  DC  A "C3'" 1 
ATOM   218 C  "C3'" B DC  A 1 11 ? -10.695 -8.743  1.492   0.50 12.65 ? 11  DC  A "C3'" 1 
ATOM   219 O  "O3'" A DC  A 1 11 ? -12.274 -8.020  2.677   0.50 19.98 ? 11  DC  A "O3'" 1 
ATOM   220 O  "O3'" B DC  A 1 11 ? -10.518 -9.326  0.221   0.50 13.48 ? 11  DC  A "O3'" 1 
ATOM   221 C  "C2'" A DC  A 1 11 ? -11.234 -9.442  4.290   0.50 23.39 ? 11  DC  A "C2'" 1 
ATOM   222 C  "C2'" B DC  A 1 11 ? -10.882 -9.747  2.632   0.50 11.67 ? 11  DC  A "C2'" 1 
ATOM   223 C  "C1'" A DC  A 1 11 ? -9.809  -9.909  4.057   0.50 19.16 ? 11  DC  A "C1'" 1 
ATOM   224 C  "C1'" B DC  A 1 11 ? -9.505  -10.290 2.859   0.50 11.54 ? 11  DC  A "C1'" 1 
ATOM   225 N  N1    A DC  A 1 11 ? -9.193  -10.461 5.248   0.50 15.01 ? 11  DC  A N1    1 
ATOM   226 N  N1    B DC  A 1 11 ? -9.237  -10.806 4.215   0.50 10.92 ? 11  DC  A N1    1 
ATOM   227 C  C2    A DC  A 1 11 ? -9.044  -11.846 5.286   0.50 13.29 ? 11  DC  A C2    1 
ATOM   228 C  C2    B DC  A 1 11 ? -8.984  -12.165 4.366   0.50 10.32 ? 11  DC  A C2    1 
ATOM   229 O  O2    A DC  A 1 11 ? -9.398  -12.526 4.308   0.50 14.54 ? 11  DC  A O2    1 
ATOM   230 O  O2    B DC  A 1 11 ? -9.166  -12.931 3.398   0.50 11.23 ? 11  DC  A O2    1 
ATOM   231 N  N3    A DC  A 1 11 ? -8.465  -12.396 6.368   0.50 12.10 ? 11  DC  A N3    1 
ATOM   232 N  N3    B DC  A 1 11 ? -8.598  -12.598 5.591   0.50 10.02 ? 11  DC  A N3    1 
ATOM   233 C  C4    A DC  A 1 11 ? -8.079  -11.642 7.400   0.50 13.83 ? 11  DC  A C4    1 
ATOM   234 C  C4    B DC  A 1 11 ? -8.451  -11.746 6.622   0.50 10.00 ? 11  DC  A C4    1 
ATOM   235 N  N4    A DC  A 1 11 ? -7.454  -12.226 8.404   0.50 14.21 ? 11  DC  A N4    1 
ATOM   236 N  N4    B DC  A 1 11 ? -7.987  -12.184 7.773   0.50 10.72 ? 11  DC  A N4    1 
ATOM   237 C  C5    A DC  A 1 11 ? -8.265  -10.238 7.391   0.50 14.99 ? 11  DC  A C5    1 
ATOM   238 C  C5    B DC  A 1 11 ? -8.762  -10.374 6.486   0.50 10.46 ? 11  DC  A C5    1 
ATOM   239 C  C6    A DC  A 1 11 ? -8.836  -9.696  6.305   0.50 16.09 ? 11  DC  A C6    1 
ATOM   240 C  C6    B DC  A 1 11 ? -9.156  -9.956  5.274   0.50 9.81  ? 11  DC  A C6    1 
ATOM   241 P  P     A DG  A 1 12 ? -13.870 -8.167  2.960   0.50 13.28 ? 12  DG  A P     1 
ATOM   242 P  P     B DG  A 1 12 ? -11.612 -9.322  -0.946  0.50 16.27 ? 12  DG  A P     1 
ATOM   243 O  OP1   A DG  A 1 12 ? -14.125 -7.066  1.974   0.50 14.52 ? 12  DG  A OP1   1 
ATOM   244 O  OP1   B DG  A 1 12 ? -10.912 -9.617  -2.239  0.50 19.03 ? 12  DG  A OP1   1 
ATOM   245 O  OP2   A DG  A 1 12 ? -14.277 -8.010  4.349   0.50 15.88 ? 12  DG  A OP2   1 
ATOM   246 O  OP2   B DG  A 1 12 ? -12.467 -8.097  -0.885  0.50 16.61 ? 12  DG  A OP2   1 
ATOM   247 O  "O5'" A DG  A 1 12 ? -14.226 -9.589  2.409   0.50 15.10 ? 12  DG  A "O5'" 1 
ATOM   248 O  "O5'" B DG  A 1 12 ? -12.423 -10.631 -0.694  0.50 18.21 ? 12  DG  A "O5'" 1 
ATOM   249 C  "C5'" A DG  A 1 12 ? -13.738 -9.998  1.135   0.50 13.32 ? 12  DG  A "C5'" 1 
ATOM   250 C  "C5'" B DG  A 1 12 ? -13.469 -10.626 0.192   0.50 16.47 ? 12  DG  A "C5'" 1 
ATOM   251 C  "C4'" A DG  A 1 12 ? -13.793 -11.509 1.140   0.50 11.79 ? 12  DG  A "C4'" 1 
ATOM   252 C  "C4'" B DG  A 1 12 ? -13.704 -12.073 0.556   0.50 15.49 ? 12  DG  A "C4'" 1 
ATOM   253 O  "O4'" A DG  A 1 12 ? -12.942 -12.033 2.174   0.50 11.14 ? 12  DG  A "O4'" 1 
ATOM   254 O  "O4'" B DG  A 1 12 ? -12.797 -12.492 1.597   0.50 14.49 ? 12  DG  A "O4'" 1 
ATOM   255 C  "C3'" A DG  A 1 12 ? -15.186 -12.066 1.384   0.50 12.63 ? 12  DG  A "C3'" 1 
ATOM   256 C  "C3'" B DG  A 1 12 ? -15.093 -12.220 1.126   0.50 14.71 ? 12  DG  A "C3'" 1 
ATOM   257 O  "O3'" A DG  A 1 12 ? -15.541 -13.105 0.474   0.50 13.56 ? 12  DG  A "O3'" 1 
ATOM   258 O  "O3'" B DG  A 1 12 ? -16.035 -12.554 0.106   0.50 15.20 ? 12  DG  A "O3'" 1 
ATOM   259 C  "C2'" A DG  A 1 12 ? -15.137 -12.551 2.822   0.50 11.72 ? 12  DG  A "C2'" 1 
ATOM   260 C  "C2'" B DG  A 1 12 ? -14.945 -13.321 2.165   0.50 15.13 ? 12  DG  A "C2'" 1 
ATOM   261 C  "C1'" A DG  A 1 12 ? -13.693 -12.889 3.040   0.50 10.85 ? 12  DG  A "C1'" 1 
ATOM   262 C  "C1'" B DG  A 1 12 ? -13.483 -13.358 2.493   0.50 14.15 ? 12  DG  A "C1'" 1 
ATOM   263 N  N9    A DG  A 1 12 ? -13.240 -12.624 4.385   0.50 10.79 ? 12  DG  A N9    1 
ATOM   264 N  N9    B DG  A 1 12 ? -13.113 -12.941 3.827   0.50 12.21 ? 12  DG  A N9    1 
ATOM   265 C  C8    A DG  A 1 12 ? -13.109 -11.396 4.969   0.50 10.37 ? 12  DG  A C8    1 
ATOM   266 C  C8    B DG  A 1 12 ? -12.959 -11.650 4.240   0.50 12.79 ? 12  DG  A C8    1 
ATOM   267 N  N7    A DG  A 1 12 ? -12.560 -11.455 6.154   0.50 11.02 ? 12  DG  A N7    1 
ATOM   268 N  N7    B DG  A 1 12 ? -12.460 -11.567 5.446   0.50 12.93 ? 12  DG  A N7    1 
ATOM   269 C  C5    A DG  A 1 12 ? -12.316 -12.798 6.375   0.50 11.16 ? 12  DG  A C5    1 
ATOM   270 C  C5    B DG  A 1 12 ? -12.287 -12.874 5.852   0.50 12.55 ? 12  DG  A C5    1 
ATOM   271 C  C6    A DG  A 1 12 ? -11.744 -13.466 7.484   0.50 11.97 ? 12  DG  A C6    1 
ATOM   272 C  C6    B DG  A 1 12 ? -11.776 -13.379 7.071   0.50 12.24 ? 12  DG  A C6    1 
ATOM   273 O  O6    A DG  A 1 12 ? -11.294 -12.957 8.522   0.50 12.96 ? 12  DG  A O6    1 
ATOM   274 O  O6    B DG  A 1 12 ? -11.362 -12.745 8.053   0.50 14.69 ? 12  DG  A O6    1 
ATOM   275 N  N1    A DG  A 1 12 ? -11.669 -14.840 7.276   0.50 11.45 ? 12  DG  A N1    1 
ATOM   276 N  N1    B DG  A 1 12 ? -11.776 -14.767 7.091   0.50 12.28 ? 12  DG  A N1    1 
ATOM   277 C  C2    A DG  A 1 12 ? -12.168 -15.495 6.179   0.50 10.68 ? 12  DG  A C2    1 
ATOM   278 C  C2    B DG  A 1 12 ? -12.224 -15.563 6.071   0.50 11.35 ? 12  DG  A C2    1 
ATOM   279 N  N2    A DG  A 1 12 ? -12.122 -16.833 6.184   0.50 11.38 ? 12  DG  A N2    1 
ATOM   280 N  N2    B DG  A 1 12 ? -12.238 -16.881 6.305   0.50 11.10 ? 12  DG  A N2    1 
ATOM   281 N  N3    A DG  A 1 12 ? -12.727 -14.869 5.142   0.50 10.36 ? 12  DG  A N3    1 
ATOM   282 N  N3    B DG  A 1 12 ? -12.705 -15.089 4.916   0.50 11.80 ? 12  DG  A N3    1 
ATOM   283 C  C4    A DG  A 1 12 ? -12.732 -13.526 5.288   0.50 9.91  ? 12  DG  A C4    1 
ATOM   284 C  C4    B DG  A 1 12 ? -12.697 -13.736 4.874   0.50 11.76 ? 12  DG  A C4    1 
HETATM 285 C  C01   . V70 B 2 .  ? -5.541  -0.887  3.602   0.50 11.23 ? 101 V70 A C01   1 
HETATM 286 C  C02   . V70 B 2 .  ? -1.517  -2.291  -0.668  0.50 10.56 ? 101 V70 A C02   1 
HETATM 287 C  C03   . V70 B 2 .  ? -2.065  -1.199  0.079   0.50 10.57 ? 101 V70 A C03   1 
HETATM 288 C  C04   . V70 B 2 .  ? -5.140  2.426   -0.099  0.50 10.41 ? 101 V70 A C04   1 
HETATM 289 C  C05   . V70 B 2 .  ? -5.761  1.033   -2.384  0.50 11.33 ? 101 V70 A C05   1 
HETATM 290 C  C06   . V70 B 2 .  ? -4.803  5.054   2.503   0.50 11.95 ? 101 V70 A C06   1 
HETATM 291 C  C07   . V70 B 2 .  ? -1.315  0.036   0.293   0.50 11.30 ? 101 V70 A C07   1 
HETATM 292 C  C08   . V70 B 2 .  ? -4.228  -0.847  4.110   0.50 10.73 ? 101 V70 A C08   1 
HETATM 293 C  C09   . V70 B 2 .  ? 0.577   -0.978  -0.927  0.50 10.52 ? 101 V70 A C09   1 
HETATM 294 C  C10   . V70 B 2 .  ? -4.865  3.104   1.125   0.50 10.19 ? 101 V70 A C10   1 
HETATM 295 C  C11   . V70 B 2 .  ? -6.570  -1.463  4.326   0.50 12.39 ? 101 V70 A C11   1 
HETATM 296 C  C12   . V70 B 2 .  ? -6.917  -0.361  1.793   0.50 14.08 ? 101 V70 A C12   1 
HETATM 297 C  C13   . V70 B 2 .  ? -5.127  4.468   1.272   0.50 10.91 ? 101 V70 A C13   1 
HETATM 298 C  C14   . V70 B 2 .  ? 0.037   0.127   -0.234  0.50 11.05 ? 101 V70 A C14   1 
HETATM 299 C  C15   . V70 B 2 .  ? -4.264  4.285   3.500   0.50 11.71 ? 101 V70 A C15   1 
HETATM 300 C  C16   . V70 B 2 .  ? -0.245  -2.179  -1.191  0.50 10.22 ? 101 V70 A C16   1 
HETATM 301 C  C17   . V70 B 2 .  ? -3.972  -1.380  5.395   0.50 11.05 ? 101 V70 A C17   1 
HETATM 302 C  C18   . V70 B 2 .  ? -2.300  -3.418  -0.879  0.50 11.26 ? 101 V70 A C18   1 
HETATM 303 C  C19   . V70 B 2 .  ? -4.048  2.909   3.291   0.50 11.41 ? 101 V70 A C19   1 
HETATM 304 C  C20   . V70 B 2 .  ? -5.209  0.448   -1.263  0.50 11.10 ? 101 V70 A C20   1 
HETATM 305 C  C21   . V70 B 2 .  ? -8.017  -0.909  2.475   0.50 14.29 ? 101 V70 A C21   1 
HETATM 306 C  C22   . V70 B 2 .  ? -2.018  -0.182  3.844   0.50 11.24 ? 101 V70 A C22   1 
HETATM 307 C  C23   . V70 B 2 .  ? -5.721  3.140   -1.170  0.50 10.71 ? 101 V70 A C23   1 
HETATM 308 C  C24   . V70 B 2 .  ? -6.011  2.390   -2.318  0.50 11.03 ? 101 V70 A C24   1 
HETATM 309 C  C25   . V70 B 2 .  ? -7.846  -1.452  3.726   0.50 14.10 ? 101 V70 A C25   1 
HETATM 310 C  C26   . V70 B 2 .  ? 0.849   1.240   -0.029  0.50 10.64 ? 101 V70 A C26   1 
HETATM 311 C  C27   . V70 B 2 .  ? -5.675  5.183   0.152   0.50 11.39 ? 101 V70 A C27   1 
HETATM 312 C  C28   . V70 B 2 .  ? -5.983  4.534   -0.982  0.50 11.17 ? 101 V70 A C28   1 
HETATM 313 C  C29   . V70 B 2 .  ? -5.064  -1.976  6.098   0.50 11.59 ? 101 V70 A C29   1 
HETATM 314 C  C30   . V70 B 2 .  ? 0.254   -3.246  -1.927  0.50 10.91 ? 101 V70 A C30   1 
HETATM 315 C  C31   . V70 B 2 .  ? -6.306  -2.030  5.609   0.50 12.10 ? 101 V70 A C31   1 
HETATM 316 C  C32   . V70 B 2 .  ? 2.121   1.283   -0.477  0.50 11.85 ? 101 V70 A C32   1 
HETATM 317 C  C33   . V70 B 2 .  ? -2.671  -1.309  5.859   0.50 11.76 ? 101 V70 A C33   1 
HETATM 318 C  C34   . V70 B 2 .  ? -1.692  -0.729  5.110   0.50 12.02 ? 101 V70 A C34   1 
HETATM 319 C  C35   . V70 B 2 .  ? -1.763  -4.461  -1.633  0.50 12.38 ? 101 V70 A C35   1 
HETATM 320 C  C36   . V70 B 2 .  ? 1.902   -0.910  -1.389  0.50 11.75 ? 101 V70 A C36   1 
HETATM 321 C  C37   . V70 B 2 .  ? -0.491  -4.381  -2.156  0.50 12.32 ? 101 V70 A C37   1 
HETATM 322 C  C38   . V70 B 2 .  ? 2.623   0.223   -1.144  0.50 11.93 ? 101 V70 A C38   1 
HETATM 323 N  N01   . V70 B 2 .  ? -4.357  2.320   2.131   0.50 10.17 ? 101 V70 A N01   1 
HETATM 324 N  N02   . V70 B 2 .  ? -2.105  0.883   0.933   0.50 11.65 ? 101 V70 A N02   1 
HETATM 325 N  N03   . V70 B 2 .  ? -5.731  -0.331  2.373   0.50 11.76 ? 101 V70 A N03   1 
HETATM 326 N  N04   . V70 B 2 .  ? -3.252  -1.318  0.608   0.50 10.79 ? 101 V70 A N04   1 
HETATM 327 N  N05   . V70 B 2 .  ? -3.285  -0.256  3.349   0.50 11.01 ? 101 V70 A N05   1 
HETATM 328 N  N06   . V70 B 2 .  ? -4.888  1.099   -0.151  0.50 11.00 ? 101 V70 A N06   1 
HETATM 329 RU RU01  . V70 B 2 .  ? -3.988  0.335   1.513   0.50 9.84  ? 101 V70 A RU01  1 
HETATM 330 C  C11   . V7F C 3 .  ? 5.987   -0.432  -7.710  1.00 9.94  ? 102 V7F A C11   1 
HETATM 331 C  C12   . V7F C 3 .  ? 3.940   1.087   -8.756  1.00 10.29 ? 102 V7F A C12   1 
HETATM 332 C  C13   . V7F C 3 .  ? 5.202   5.829   -7.872  1.00 10.09 ? 102 V7F A C13   1 
HETATM 333 C  C14   . V7F C 3 .  ? 0.292   3.215   -3.073  1.00 9.35  ? 102 V7F A C14   1 
HETATM 334 C  C15   . V7F C 3 .  ? 6.697   5.250   -6.128  1.00 10.60 ? 102 V7F A C15   1 
HETATM 335 C  C16   . V7F C 3 .  ? -1.096  1.167   -3.436  1.00 9.55  ? 102 V7F A C16   1 
HETATM 336 C  C17   . V7F C 3 .  ? 6.519   -0.081  -4.934  1.00 9.68  ? 102 V7F A C17   1 
HETATM 337 C  C18   . V7F C 3 .  ? -0.493  -0.545  -5.032  1.00 9.98  ? 102 V7F A C18   1 
HETATM 338 C  C19   . V7F C 3 .  ? 5.838   4.217   -5.736  1.00 10.25 ? 102 V7F A C19   1 
HETATM 339 C  C20   . V7F C 3 .  ? 1.087   3.426   -8.024  1.00 10.17 ? 102 V7F A C20   1 
HETATM 340 C  C21   . V7F C 3 .  ? 4.610   0.188   -9.557  1.00 10.97 ? 102 V7F A C21   1 
HETATM 341 C  C22   . V7F C 3 .  ? 4.838   1.584   -3.562  1.00 9.95  ? 102 V7F A C22   1 
HETATM 342 C  C23   . V7F C 3 .  ? 2.714   5.405   -9.114  1.00 9.93  ? 102 V7F A C23   1 
HETATM 343 C  C24   . V7F C 3 .  ? 1.436   5.176   -9.640  1.00 11.02 ? 102 V7F A C24   1 
HETATM 344 C  C25   . V7F C 3 .  ? 5.619   -0.573  -9.058  1.00 10.71 ? 102 V7F A C25   1 
HETATM 345 C  C26   . V7F C 3 .  ? 0.537   4.441   -2.404  1.00 9.94  ? 102 V7F A C26   1 
HETATM 346 C  C29   . V7F C 3 .  ? 7.336   -0.943  -5.778  1.00 10.22 ? 102 V7F A C29   1 
HETATM 347 C  C30   . V7F C 3 .  ? -2.199  0.383   -3.108  1.00 10.75 ? 102 V7F A C30   1 
HETATM 348 C  C31   . V7F C 3 .  ? 7.040   -1.113  -7.049  1.00 10.24 ? 102 V7F A C31   1 
HETATM 349 C  C32   . V7F C 3 .  ? -0.358  4.896   -1.484  1.00 10.86 ? 102 V7F A C32   1 
HETATM 350 C  C33   . V7F C 3 .  ? 6.693   0.080   -3.570  1.00 10.35 ? 102 V7F A C33   1 
HETATM 351 C  C34   . V7F C 3 .  ? 5.889   0.911   -2.896  1.00 10.59 ? 102 V7F A C34   1 
HETATM 352 C  C35   . V7F C 3 .  ? -1.593  -1.302  -4.709  1.00 10.59 ? 102 V7F A C35   1 
HETATM 353 C  C36   . V7F C 3 .  ? -1.770  2.995   -1.872  1.00 10.57 ? 102 V7F A C36   1 
HETATM 354 C  C37   . V7F C 3 .  ? -2.433  -0.825  -3.748  1.00 10.48 ? 102 V7F A C37   1 
HETATM 355 C  C38   . V7F C 3 .  ? -1.521  4.195   -1.213  1.00 11.07 ? 102 V7F A C38   1 
HETATM 356 C  C01   . V7F C 3 .  ? 5.239   0.464   -6.949  1.00 9.76  ? 102 V7F A C01   1 
HETATM 357 C  C02   . V7F C 3 .  ? -0.233  0.683   -4.402  1.00 9.18  ? 102 V7F A C02   1 
HETATM 358 C  C03   . V7F C 3 .  ? 0.934   1.498   -4.766  1.00 8.89  ? 102 V7F A C03   1 
HETATM 359 C  C04   . V7F C 3 .  ? 3.107   4.590   -8.042  1.00 9.41  ? 102 V7F A C04   1 
HETATM 360 C  C05   . V7F C 3 .  ? 0.614   4.206   -9.099  1.00 10.45 ? 102 V7F A C05   1 
HETATM 361 C  C06   . V7F C 3 .  ? 6.401   6.037   -7.176  1.00 10.89 ? 102 V7F A C06   1 
HETATM 362 C  C07   . V7F C 3 .  ? 1.191   2.764   -4.108  1.00 9.43  ? 102 V7F A C07   1 
HETATM 363 C  C08   . V7F C 3 .  ? 5.467   0.628   -5.553  1.00 8.99  ? 102 V7F A C08   1 
HETATM 364 C  C09   . V7F C 3 .  ? -0.862  2.454   -2.791  1.00 10.09 ? 102 V7F A C09   1 
HETATM 365 C  C10   . V7F C 3 .  ? 4.348   4.805   -7.422  1.00 9.46  ? 102 V7F A C10   1 
HETATM 366 C  C27   . V7F C 3 .  ? 4.759   6.618   -9.005  1.00 10.46 ? 102 V7F A C27   1 
HETATM 367 C  C28   . V7F C 3 .  ? 3.591   6.430   -9.589  1.00 10.35 ? 102 V7F A C28   1 
HETATM 368 N  N01   . V7F C 3 .  ? 4.686   3.975   -6.362  1.00 9.44  ? 102 V7F A N01   1 
HETATM 369 N  N02   . V7F C 3 .  ? 2.250   3.378   -4.524  1.00 9.35  ? 102 V7F A N02   1 
HETATM 370 N  N03   . V7F C 3 .  ? 4.246   1.221   -7.485  1.00 9.22  ? 102 V7F A N03   1 
HETATM 371 N  N04   . V7F C 3 .  ? 1.782   1.177   -5.671  1.00 9.43  ? 102 V7F A N04   1 
HETATM 372 N  N05   . V7F C 3 .  ? 4.630   1.455   -4.873  1.00 9.62  ? 102 V7F A N05   1 
HETATM 373 N  N06   . V7F C 3 .  ? 2.324   3.595   -7.482  1.00 9.61  ? 102 V7F A N06   1 
HETATM 374 RU RU01  . V7F C 3 .  ? 3.296   2.470   -6.061  1.00 9.27  ? 102 V7F A RU01  1 
HETATM 375 K  K     . K   D 4 .  ? 10.430  -10.852 -3.132  1.00 17.47 ? 103 K   A K     1 
HETATM 376 K  K     . K   E 4 .  ? -1.840  -7.092  9.828   1.00 14.57 ? 104 K   A K     1 
HETATM 377 LI LI    . LI  F 5 .  ? 1.889   -7.674  10.780  1.00 12.06 ? 105 LI  A LI    1 
HETATM 378 O  O     . HOH G 6 .  ? 13.274  5.391   -5.741  0.58 18.67 ? 201 HOH A O     1 
HETATM 379 O  O     . HOH G 6 .  ? -10.049 -6.844  6.254   1.00 26.58 ? 202 HOH A O     1 
HETATM 380 O  O     . HOH G 6 .  ? -13.174 -9.450  7.393   1.00 30.63 ? 203 HOH A O     1 
HETATM 381 O  O     . HOH G 6 .  ? 10.836  10.805  -7.436  1.00 28.26 ? 204 HOH A O     1 
HETATM 382 O  O     . HOH G 6 .  ? 12.276  -3.432  -1.199  1.00 28.21 ? 205 HOH A O     1 
HETATM 383 O  O     . HOH G 6 .  ? -16.690 -6.555  1.738   1.00 27.97 ? 206 HOH A O     1 
HETATM 384 O  O     . HOH G 6 .  ? -1.879  -13.088 8.740   1.00 21.75 ? 207 HOH A O     1 
HETATM 385 O  O     . HOH G 6 .  ? 0.299   15.194  -8.854  1.00 12.42 ? 208 HOH A O     1 
HETATM 386 O  O     . HOH G 6 .  ? 10.158  -6.831  2.916   1.00 45.48 ? 209 HOH A O     1 
HETATM 387 O  O     . HOH G 6 .  ? 2.622   -8.980  9.495   1.00 11.50 ? 210 HOH A O     1 
HETATM 388 O  O     . HOH G 6 .  ? 4.572   10.643  -10.884 1.00 18.31 ? 211 HOH A O     1 
HETATM 389 O  O     . HOH G 6 .  ? 0.888   -11.057 8.845   1.00 15.04 ? 212 HOH A O     1 
HETATM 390 O  O     . HOH G 6 .  ? 5.307   -10.029 6.350   1.00 21.99 ? 213 HOH A O     1 
HETATM 391 O  O     . HOH G 6 .  ? 11.833  14.906  -9.555  1.00 25.97 ? 214 HOH A O     1 
HETATM 392 O  O     . HOH G 6 .  ? 13.384  14.088  -7.312  1.00 23.75 ? 215 HOH A O     1 
HETATM 393 O  O     . HOH G 6 .  ? 5.102   21.422  -5.486  0.50 18.03 ? 216 HOH A O     1 
HETATM 394 O  O     . HOH G 6 .  ? -6.098  -0.282  9.286   1.00 30.91 ? 217 HOH A O     1 
HETATM 395 O  O     . HOH G 6 .  ? -2.223  -10.380 10.035  1.00 19.15 ? 218 HOH A O     1 
HETATM 396 O  O     . HOH G 6 .  ? -8.251  -7.281  9.016   1.00 26.55 ? 219 HOH A O     1 
HETATM 397 O  O     . HOH G 6 .  ? 10.492  7.993   -7.641  1.00 20.70 ? 220 HOH A O     1 
HETATM 398 O  O     . HOH G 6 .  ? 5.474   3.740   -11.769 1.00 14.22 ? 221 HOH A O     1 
HETATM 399 O  O     . HOH G 6 .  ? -5.816  -9.173  2.229   1.00 14.65 ? 222 HOH A O     1 
HETATM 400 O  O     . HOH G 6 .  ? 10.136  -5.172  -0.339  1.00 26.15 ? 223 HOH A O     1 
HETATM 401 O  O     . HOH G 6 .  ? 1.229   -6.140  9.899   1.00 12.57 ? 224 HOH A O     1 
HETATM 402 O  O     . HOH G 6 .  ? 9.015   21.499  -11.556 1.00 23.38 ? 225 HOH A O     1 
HETATM 403 O  O     . HOH G 6 .  ? 9.895   8.239   -10.277 1.00 18.28 ? 226 HOH A O     1 
HETATM 404 O  O     . HOH G 6 .  ? 8.433   16.216  -10.913 1.00 21.73 ? 227 HOH A O     1 
HETATM 405 O  O     . HOH G 6 .  ? 6.591   6.228   -12.448 1.00 13.44 ? 228 HOH A O     1 
HETATM 406 O  O     . HOH G 6 .  ? 2.609   23.991  -13.214 1.00 73.08 ? 229 HOH A O     1 
HETATM 407 O  O     . HOH G 6 .  ? 9.636   -7.830  -3.095  1.00 22.75 ? 230 HOH A O     1 
HETATM 408 O  O     . HOH G 6 .  ? -2.987  15.526  -6.664  1.00 27.63 ? 231 HOH A O     1 
HETATM 409 O  O     . HOH G 6 .  ? -0.512  1.261   8.325   1.00 25.34 ? 232 HOH A O     1 
HETATM 410 O  O     . HOH G 6 .  ? -5.833  -2.666  -0.560  1.00 20.06 ? 233 HOH A O     1 
HETATM 411 O  O     . HOH G 6 .  ? 14.250  -0.033  -1.901  1.00 65.57 ? 234 HOH A O     1 
HETATM 412 O  O     . HOH G 6 .  ? -12.658 -13.813 11.241  1.00 23.42 ? 235 HOH A O     1 
HETATM 413 O  O     . HOH G 6 .  ? -4.417  -7.394  11.525  1.00 27.36 ? 236 HOH A O     1 
HETATM 414 O  O     . HOH G 6 .  ? 3.825   -2.337  6.266   1.00 20.15 ? 237 HOH A O     1 
HETATM 415 O  O     . HOH G 6 .  ? 12.673  8.614   -0.170  1.00 28.44 ? 238 HOH A O     1 
HETATM 416 O  O     . HOH G 6 .  ? 7.542   -4.635  7.727   1.00 16.03 ? 239 HOH A O     1 
HETATM 417 O  O     . HOH G 6 .  ? 13.184  7.898   -6.621  1.00 35.11 ? 240 HOH A O     1 
HETATM 418 O  O     . HOH G 6 .  ? 3.680   25.918  -8.228  1.00 34.12 ? 241 HOH A O     1 
HETATM 419 O  O     . HOH G 6 .  ? -14.829 -9.489  -2.872  1.00 26.69 ? 242 HOH A O     1 
HETATM 420 O  O     . HOH G 6 .  ? -4.728  -0.378  15.324  1.00 22.77 ? 243 HOH A O     1 
HETATM 421 O  O     . HOH G 6 .  ? 5.733   17.024  -11.172 1.00 13.26 ? 244 HOH A O     1 
HETATM 422 O  O     . HOH G 6 .  ? -7.588  -9.275  10.250  1.00 81.17 ? 245 HOH A O     1 
HETATM 423 O  O     . HOH G 6 .  ? 7.298   6.967   -0.885  1.00 13.22 ? 246 HOH A O     1 
HETATM 424 O  O     . HOH G 6 .  ? -5.299  -10.030 11.255  1.00 28.32 ? 247 HOH A O     1 
HETATM 425 O  O     . HOH G 6 .  ? -6.662  -10.292 -0.361  1.00 18.85 ? 248 HOH A O     1 
HETATM 426 O  O     . HOH G 6 .  ? 13.027  -4.391  -3.462  1.00 23.94 ? 249 HOH A O     1 
HETATM 427 O  O     . HOH G 6 .  ? -3.388  -9.717  0.180   1.00 14.07 ? 250 HOH A O     1 
HETATM 428 O  O     . HOH G 6 .  ? -1.951  13.120  -7.629  1.00 19.98 ? 251 HOH A O     1 
HETATM 429 O  O     . HOH G 6 .  ? 5.614   2.438   0.384   1.00 16.68 ? 252 HOH A O     1 
HETATM 430 O  O     . HOH G 6 .  ? 5.901   4.231   -1.671  1.00 19.17 ? 253 HOH A O     1 
HETATM 431 O  O     . HOH G 6 .  ? 6.539   8.844   -11.678 1.00 23.42 ? 254 HOH A O     1 
HETATM 432 O  O     . HOH G 6 .  ? 9.250   -6.649  6.446   1.00 18.47 ? 255 HOH A O     1 
HETATM 433 O  O     . HOH G 6 .  ? -3.155  0.335   9.334   1.00 15.08 ? 256 HOH A O     1 
HETATM 434 O  O     . HOH G 6 .  ? -3.441  2.134   6.781   1.00 42.29 ? 257 HOH A O     1 
HETATM 435 O  O     . HOH G 6 .  ? 9.295   13.186  -9.644  1.00 26.20 ? 258 HOH A O     1 
HETATM 436 O  O     . HOH G 6 .  ? 8.087   -9.358  5.968   1.00 29.09 ? 259 HOH A O     1 
HETATM 437 O  O     . HOH G 6 .  ? -6.378  2.219   6.136   1.00 81.65 ? 260 HOH A O     1 
HETATM 438 O  O     . HOH G 6 .  ? 6.198   12.712  -11.770 1.00 23.86 ? 261 HOH A O     1 
HETATM 439 O  O     . HOH G 6 .  ? -1.008  3.161   5.359   1.00 30.79 ? 262 HOH A O     1 
HETATM 440 O  O     . HOH G 6 .  ? -5.561  -7.447  -0.436  1.00 26.38 ? 263 HOH A O     1 
HETATM 441 O  O     . HOH G 6 .  ? 1.763   1.374   3.771   1.00 18.18 ? 264 HOH A O     1 
HETATM 442 O  O     . HOH G 6 .  ? -15.449 -12.609 11.480  1.00 25.86 ? 265 HOH A O     1 
HETATM 443 O  O     . HOH G 6 .  ? 11.889  -6.583  -3.355  1.00 65.50 ? 266 HOH A O     1 
HETATM 444 O  O     . HOH G 6 .  ? 3.522   -0.298  -12.924 1.00 28.83 ? 267 HOH A O     1 
HETATM 445 O  O     . HOH G 6 .  ? 0.805   7.769   -12.393 1.00 17.59 ? 268 HOH A O     1 
HETATM 446 O  O     . HOH G 6 .  ? -3.784  -4.197  -5.199  1.00 23.49 ? 269 HOH A O     1 
HETATM 447 O  O     . HOH G 6 .  ? 2.128   6.516   3.544   1.00 30.22 ? 270 HOH A O     1 
# 
loop_
_atom_site_anisotrop.id 
_atom_site_anisotrop.type_symbol 
_atom_site_anisotrop.pdbx_label_atom_id 
_atom_site_anisotrop.pdbx_label_alt_id 
_atom_site_anisotrop.pdbx_label_comp_id 
_atom_site_anisotrop.pdbx_label_asym_id 
_atom_site_anisotrop.pdbx_label_seq_id 
_atom_site_anisotrop.pdbx_PDB_ins_code 
_atom_site_anisotrop.U[1][1] 
_atom_site_anisotrop.U[2][2] 
_atom_site_anisotrop.U[3][3] 
_atom_site_anisotrop.U[1][2] 
_atom_site_anisotrop.U[1][3] 
_atom_site_anisotrop.U[2][3] 
_atom_site_anisotrop.pdbx_auth_seq_id 
_atom_site_anisotrop.pdbx_auth_comp_id 
_atom_site_anisotrop.pdbx_auth_asym_id 
_atom_site_anisotrop.pdbx_auth_atom_id 
1   O  "O5'" . DC  A 1  ? 0.3329 0.2221 0.3009 -0.0122 0.0128  0.0848  1   DC  A "O5'" 
2   C  "C5'" . DC  A 1  ? 0.2616 0.1773 0.2554 0.0431  0.0635  0.0670  1   DC  A "C5'" 
3   C  "C4'" . DC  A 1  ? 0.2031 0.1357 0.1624 -0.0072 0.0084  0.0146  1   DC  A "C4'" 
4   O  "O4'" . DC  A 1  ? 0.2066 0.1442 0.1572 0.0011  0.0046  0.0020  1   DC  A "O4'" 
5   C  "C3'" . DC  A 1  ? 0.1603 0.1473 0.1498 -0.0116 -0.0155 0.0063  1   DC  A "C3'" 
6   O  "O3'" . DC  A 1  ? 0.1800 0.1583 0.1695 -0.0216 -0.0254 0.0045  1   DC  A "O3'" 
7   C  "C2'" . DC  A 1  ? 0.1768 0.1448 0.1709 -0.0159 0.0064  0.0012  1   DC  A "C2'" 
8   C  "C1'" . DC  A 1  ? 0.1695 0.1433 0.1314 -0.0184 -0.0252 0.0145  1   DC  A "C1'" 
9   N  N1    . DC  A 1  ? 0.1758 0.1446 0.1174 -0.0047 -0.0172 0.0079  1   DC  A N1    
10  C  C2    . DC  A 1  ? 0.2020 0.1315 0.1311 -0.0255 -0.0227 0.0096  1   DC  A C2    
11  O  O2    . DC  A 1  ? 0.2711 0.1807 0.1312 -0.0692 -0.0535 0.0295  1   DC  A O2    
12  N  N3    . DC  A 1  ? 0.1965 0.1280 0.1291 -0.0183 -0.0062 -0.0065 1   DC  A N3    
13  C  C4    . DC  A 1  ? 0.1617 0.1238 0.1577 -0.0081 0.0003  0.0067  1   DC  A C4    
14  N  N4    . DC  A 1  ? 0.1791 0.1478 0.1649 -0.0224 -0.0017 -0.0022 1   DC  A N4    
15  C  C5    . DC  A 1  ? 0.1622 0.1482 0.1606 -0.0112 -0.0254 -0.0015 1   DC  A C5    
16  C  C6    . DC  A 1  ? 0.1624 0.1533 0.1541 0.0010  -0.0156 0.0065  1   DC  A C6    
17  P  P     . DG  A 2  ? 0.1710 0.1661 0.1418 -0.0155 -0.0160 0.0156  2   DG  A P     
18  O  OP1   . DG  A 2  ? 0.2222 0.1693 0.1833 -0.0350 -0.0037 0.0249  2   DG  A OP1   
19  O  OP2   . DG  A 2  ? 0.1639 0.2007 0.1238 -0.0104 -0.0293 -0.0131 2   DG  A OP2   
20  O  "O5'" . DG  A 2  ? 0.1725 0.1380 0.1352 -0.0207 -0.0254 0.0036  2   DG  A "O5'" 
21  C  "C5'" . DG  A 2  ? 0.1697 0.1201 0.1501 -0.0351 -0.0154 -0.0006 2   DG  A "C5'" 
22  C  "C4'" . DG  A 2  ? 0.1647 0.1179 0.1351 -0.0300 -0.0142 0.0007  2   DG  A "C4'" 
23  O  "O4'" . DG  A 2  ? 0.1828 0.1131 0.1334 -0.0281 0.0042  -0.0052 2   DG  A "O4'" 
24  C  "C3'" . DG  A 2  ? 0.1514 0.1190 0.1412 -0.0227 -0.0143 0.0058  2   DG  A "C3'" 
25  O  "O3'" . DG  A 2  ? 0.1536 0.1268 0.1562 -0.0345 -0.0161 -0.0008 2   DG  A "O3'" 
26  C  "C2'" . DG  A 2  ? 0.1575 0.1137 0.1365 -0.0198 -0.0162 -0.0029 2   DG  A "C2'" 
27  C  "C1'" . DG  A 2  ? 0.1639 0.1058 0.1325 -0.0243 -0.0157 0.0017  2   DG  A "C1'" 
28  N  N9    . DG  A 2  ? 0.1580 0.1105 0.1086 -0.0179 -0.0090 0.0117  2   DG  A N9    
29  C  C8    . DG  A 2  ? 0.1533 0.1099 0.1156 -0.0209 -0.0129 0.0218  2   DG  A C8    
30  N  N7    . DG  A 2  ? 0.1410 0.1154 0.1142 -0.0120 -0.0090 0.0136  2   DG  A N7    
31  C  C5    . DG  A 2  ? 0.1442 0.1066 0.1027 -0.0081 -0.0033 0.0033  2   DG  A C5    
32  C  C6    . DG  A 2  ? 0.1590 0.0977 0.1173 -0.0117 0.0069  0.0009  2   DG  A C6    
33  O  O6    . DG  A 2  ? 0.1754 0.1359 0.1370 -0.0394 0.0069  0.0015  2   DG  A O6    
34  N  N1    . DG  A 2  ? 0.1917 0.1003 0.1176 -0.0214 0.0134  0.0104  2   DG  A N1    
35  C  C2    . DG  A 2  ? 0.1970 0.1022 0.0976 -0.0114 0.0076  -0.0062 2   DG  A C2    
36  N  N2    . DG  A 2  ? 0.2378 0.1100 0.1091 -0.0167 -0.0061 0.0035  2   DG  A N2    
37  N  N3    . DG  A 2  ? 0.1727 0.1087 0.0972 -0.0145 -0.0085 0.0019  2   DG  A N3    
38  C  C4    . DG  A 2  ? 0.1576 0.0985 0.1044 -0.0079 -0.0101 0.0047  2   DG  A C4    
39  P  P     . DC  A 3  ? 0.1643 0.1253 0.1774 -0.0256 0.0046  0.0023  3   DC  A P     
40  O  OP1   . DC  A 3  ? 0.1440 0.1528 0.2259 -0.0301 -0.0034 0.0133  3   DC  A OP1   
41  O  OP2   . DC  A 3  ? 0.2026 0.1514 0.1697 -0.0173 0.0226  0.0014  3   DC  A OP2   
42  O  "O5'" . DC  A 3  ? 0.1709 0.1144 0.1653 -0.0316 -0.0018 0.0051  3   DC  A "O5'" 
43  C  "C5'" . DC  A 3  ? 0.1604 0.1365 0.1605 -0.0272 -0.0058 -0.0042 3   DC  A "C5'" 
44  C  "C4'" . DC  A 3  ? 0.1650 0.1280 0.1497 -0.0187 -0.0108 0.0076  3   DC  A "C4'" 
45  O  "O4'" . DC  A 3  ? 0.1526 0.1172 0.1599 -0.0223 -0.0082 0.0122  3   DC  A "O4'" 
46  C  "C3'" . DC  A 3  ? 0.1640 0.1291 0.1744 -0.0106 -0.0196 0.0191  3   DC  A "C3'" 
47  O  "O3'" . DC  A 3  ? 0.1730 0.1405 0.2201 -0.0258 -0.0463 0.0279  3   DC  A "O3'" 
48  C  "C2'" . DC  A 3  ? 0.1769 0.1209 0.1713 -0.0180 -0.0300 0.0097  3   DC  A "C2'" 
49  C  "C1'" . DC  A 3  ? 0.1626 0.1200 0.1323 -0.0272 -0.0120 0.0135  3   DC  A "C1'" 
50  N  N1    . DC  A 3  ? 0.1545 0.1135 0.1287 -0.0185 -0.0073 0.0094  3   DC  A N1    
51  C  C2    . DC  A 3  ? 0.1603 0.1103 0.1252 -0.0201 -0.0114 0.0120  3   DC  A C2    
52  O  O2    . DC  A 3  ? 0.1571 0.1261 0.1343 -0.0290 -0.0127 0.0150  3   DC  A O2    
53  N  N3    . DC  A 3  ? 0.1526 0.1013 0.1266 -0.0149 -0.0079 0.0149  3   DC  A N3    
54  C  C4    . DC  A 3  ? 0.1467 0.1158 0.1200 -0.0058 -0.0026 0.0109  3   DC  A C4    
55  N  N4    . DC  A 3  ? 0.1638 0.1239 0.1374 -0.0051 -0.0105 0.0174  3   DC  A N4    
56  C  C5    . DC  A 3  ? 0.1577 0.1196 0.1332 -0.0071 0.0089  0.0101  3   DC  A C5    
57  C  C6    . DC  A 3  ? 0.1691 0.1192 0.1303 -0.0187 0.0143  0.0046  3   DC  A C6    
58  P  P     . DT  A 4  ? 0.1746 0.1668 0.2634 -0.0230 -0.0398 0.0442  4   DT  A P     
59  O  OP1   . DT  A 4  ? 0.1870 0.2038 0.3074 -0.0359 -0.0802 0.0523  4   DT  A OP1   
60  O  OP2   . DT  A 4  ? 0.1965 0.1663 0.2860 0.0043  -0.0109 0.0438  4   DT  A OP2   
61  O  "O5'" . DT  A 4  ? 0.1672 0.1448 0.2231 -0.0184 -0.0324 0.0285  4   DT  A "O5'" 
62  C  "C5'" . DT  A 4  ? 0.1907 0.1410 0.1905 -0.0183 -0.0501 0.0204  4   DT  A "C5'" 
63  C  "C4'" . DT  A 4  ? 0.1762 0.1303 0.1664 -0.0199 -0.0443 0.0101  4   DT  A "C4'" 
64  O  "O4'" . DT  A 4  ? 0.1825 0.1229 0.1589 -0.0177 -0.0369 -0.0064 4   DT  A "O4'" 
65  C  "C3'" . DT  A 4  ? 0.1849 0.1376 0.1742 -0.0086 -0.0514 0.0082  4   DT  A "C3'" 
66  O  "O3'" . DT  A 4  ? 0.2278 0.1351 0.1876 -0.0224 -0.0710 0.0188  4   DT  A "O3'" 
67  C  "C2'" . DT  A 4  ? 0.1882 0.1381 0.1578 -0.0003 -0.0518 0.0043  4   DT  A "C2'" 
68  C  "C1'" . DT  A 4  ? 0.1681 0.1128 0.1450 -0.0146 -0.0336 0.0080  4   DT  A "C1'" 
69  N  N1    . DT  A 4  ? 0.1564 0.1271 0.1342 -0.0116 -0.0182 0.0021  4   DT  A N1    
70  C  C2    . DT  A 4  ? 0.1520 0.1137 0.1288 -0.0087 0.0011  -0.0055 4   DT  A C2    
71  O  O2    . DT  A 4  ? 0.1686 0.1230 0.1385 -0.0162 -0.0145 0.0152  4   DT  A O2    
72  N  N3    . DT  A 4  ? 0.1361 0.1108 0.1345 -0.0031 -0.0028 -0.0004 4   DT  A N3    
73  C  C4    . DT  A 4  ? 0.1615 0.1047 0.1341 -0.0028 -0.0061 -0.0040 4   DT  A C4    
74  O  O4    . DT  A 4  ? 0.1618 0.1148 0.1369 0.0061  -0.0147 0.0052  4   DT  A O4    
75  C  C5    . DT  A 4  ? 0.1617 0.1203 0.1375 -0.0167 -0.0006 -0.0008 4   DT  A C5    
76  C  C7    . DT  A 4  ? 0.1757 0.1428 0.1444 -0.0180 0.0074  -0.0017 4   DT  A C7    
77  C  C6    . DT  A 4  ? 0.1490 0.1200 0.1403 -0.0132 -0.0068 -0.0006 4   DT  A C6    
78  P  P     . DA  A 5  ? 0.2472 0.1487 0.2744 -0.0068 -0.0996 0.0149  5   DA  A P     
79  O  OP1   . DA  A 5  ? 0.3542 0.2002 0.2883 0.0356  -0.1649 0.0157  5   DA  A OP1   
80  O  OP2   . DA  A 5  ? 0.2142 0.1637 0.3604 -0.0010 -0.0530 0.0092  5   DA  A OP2   
81  O  "O5'" . DA  A 5  ? 0.2240 0.1305 0.1997 -0.0197 -0.0239 0.0164  5   DA  A "O5'" 
82  C  "C5'" . DA  A 5  ? 0.2532 0.1548 0.1474 -0.0091 -0.0085 0.0166  5   DA  A "C5'" 
83  C  "C4'" . DA  A 5  ? 0.1899 0.1358 0.1378 -0.0028 0.0025  0.0217  5   DA  A "C4'" 
84  O  "O4'" . DA  A 5  ? 0.1554 0.1489 0.1348 0.0051  -0.0043 0.0335  5   DA  A "O4'" 
85  C  "C3'" . DA  A 5  ? 0.1506 0.1323 0.1554 -0.0189 -0.0128 0.0352  5   DA  A "C3'" 
86  O  "O3'" . DA  A 5  ? 0.1648 0.1375 0.1756 -0.0175 -0.0199 0.0497  5   DA  A "O3'" 
87  C  "C2'" . DA  A 5  ? 0.1463 0.1271 0.1604 -0.0076 -0.0071 0.0366  5   DA  A "C2'" 
88  C  "C1'" . DA  A 5  ? 0.1471 0.1237 0.1410 -0.0060 -0.0022 0.0378  5   DA  A "C1'" 
89  N  N9    . DA  A 5  ? 0.1464 0.1120 0.1377 -0.0061 -0.0057 0.0206  5   DA  A N9    
90  C  C8    . DA  A 5  ? 0.1628 0.1110 0.1407 -0.0075 -0.0131 0.0194  5   DA  A C8    
91  N  N7    . DA  A 5  ? 0.1678 0.1109 0.1251 -0.0071 0.0048  0.0127  5   DA  A N7    
92  C  C5    . DA  A 5  ? 0.1468 0.1081 0.1255 -0.0048 0.0080  0.0154  5   DA  A C5    
93  C  C6    . DA  A 5  ? 0.1534 0.1244 0.1218 -0.0084 0.0024  0.0197  5   DA  A C6    
94  N  N6    . DA  A 5  ? 0.1963 0.1188 0.1269 -0.0134 0.0036  0.0190  5   DA  A N6    
95  N  N1    . DA  A 5  ? 0.1546 0.1255 0.1179 -0.0086 0.0087  0.0115  5   DA  A N1    
96  C  C2    . DA  A 5  ? 0.1397 0.1300 0.1305 -0.0046 0.0103  0.0118  5   DA  A C2    
97  N  N3    . DA  A 5  ? 0.1459 0.1187 0.1244 -0.0101 0.0076  0.0097  5   DA  A N3    
98  C  C4    . DA  A 5  ? 0.1414 0.1012 0.1206 -0.0008 0.0081  0.0079  5   DA  A C4    
99  P  P     . DT  A 6  ? 0.1770 0.1988 0.2207 -0.0041 -0.0112 0.1050  6   DT  A P     
100 O  OP1   . DT  A 6  ? 0.2021 0.2835 0.2706 -0.0706 -0.0807 0.1327  6   DT  A OP1   
101 O  OP2   . DT  A 6  ? 0.2470 0.2710 0.2987 0.0445  0.0318  0.1190  6   DT  A OP2   
102 O  "O5'" . DT  A 6  ? 0.2052 0.1687 0.1871 -0.0257 0.0163  0.0617  6   DT  A "O5'" 
103 C  "C5'" . DT  A 6  ? 0.2161 0.1755 0.1437 -0.0411 -0.0147 0.0241  6   DT  A "C5'" 
104 C  "C4'" . DT  A 6  ? 0.1798 0.1833 0.1167 -0.0377 -0.0179 0.0128  6   DT  A "C4'" 
105 O  "O4'" . DT  A 6  ? 0.1923 0.1659 0.1283 -0.0102 -0.0249 0.0163  6   DT  A "O4'" 
106 C  "C3'" . DT  A 6  ? 0.1648 0.1924 0.1096 -0.0427 -0.0327 0.0423  6   DT  A "C3'" 
107 O  "O3'" . DT  A 6  ? 0.1916 0.2432 0.1261 -0.0719 -0.0483 0.0537  6   DT  A "O3'" 
108 C  "C2'" . DT  A 6  ? 0.1650 0.1913 0.1176 -0.0460 -0.0179 0.0260  6   DT  A "C2'" 
109 C  "C1'" . DT  A 6  ? 0.1434 0.1635 0.1287 -0.0257 -0.0118 0.0176  6   DT  A "C1'" 
110 N  N1    . DT  A 6  ? 0.1331 0.1333 0.1172 -0.0145 -0.0164 0.0180  6   DT  A N1    
111 C  C2    . DT  A 6  ? 0.1159 0.1188 0.1231 -0.0092 -0.0122 0.0186  6   DT  A C2    
112 O  O2    . DT  A 6  ? 0.1301 0.1483 0.1267 0.0009  -0.0068 0.0092  6   DT  A O2    
113 N  N3    . DT  A 6  ? 0.1114 0.1190 0.1176 -0.0037 -0.0075 0.0189  6   DT  A N3    
114 C  C4    . DT  A 6  ? 0.1232 0.1032 0.1214 -0.0048 -0.0015 0.0246  6   DT  A C4    
115 O  O4    . DT  A 6  ? 0.1251 0.1124 0.1258 -0.0008 -0.0031 0.0175  6   DT  A O4    
116 C  C5    . DT  A 6  ? 0.1226 0.1243 0.1379 -0.0067 -0.0163 0.0219  6   DT  A C5    
117 C  C7    . DT  A 6  ? 0.1479 0.1533 0.1498 -0.0023 -0.0228 0.0162  6   DT  A C7    
118 C  C6    . DT  A 6  ? 0.1261 0.1310 0.1335 -0.0156 -0.0244 0.0318  6   DT  A C6    
119 P  P     . DA  A 7  ? 0.1697 0.3100 0.1582 -0.0668 -0.0552 0.0857  7   DA  A P     
120 O  OP1   . DA  A 7  ? 0.2678 0.3566 0.2413 -0.1316 -0.0062 0.0735  7   DA  A OP1   
121 O  OP2   . DA  A 7  ? 0.1701 0.3348 0.2137 -0.0180 -0.0541 0.1200  7   DA  A OP2   
122 O  "O5'" . DA  A 7  ? 0.1578 0.2350 0.1471 -0.0488 -0.0313 0.0608  7   DA  A "O5'" 
123 C  "C5'" . DA  A 7  ? 0.1849 0.2155 0.1196 -0.0436 -0.0252 0.0363  7   DA  A "C5'" 
124 C  "C4'" . DA  A 7  ? 0.1507 0.1911 0.0949 -0.0277 -0.0142 0.0110  7   DA  A "C4'" 
125 O  "O4'" . DA  A 7  ? 0.1638 0.1644 0.1069 -0.0033 -0.0174 0.0125  7   DA  A "O4'" 
126 C  "C3'" . DA  A 7  ? 0.1544 0.1756 0.1125 -0.0208 -0.0205 0.0172  7   DA  A "C3'" 
127 O  "O3'" . DA  A 7  ? 0.1465 0.1673 0.1113 -0.0160 -0.0105 0.0194  7   DA  A "O3'" 
128 C  "C2'" . DA  A 7  ? 0.1448 0.1621 0.1211 0.0077  -0.0164 0.0215  7   DA  A "C2'" 
129 C  "C1'" . DA  A 7  ? 0.1525 0.1490 0.1073 -0.0022 -0.0140 0.0148  7   DA  A "C1'" 
130 N  N9    . DA  A 7  ? 0.1305 0.1471 0.0970 -0.0019 -0.0091 0.0143  7   DA  A N9    
131 C  C8    . DA  A 7  ? 0.1401 0.1724 0.1171 -0.0012 -0.0084 0.0182  7   DA  A C8    
132 N  N7    . DA  A 7  ? 0.1281 0.1624 0.1196 0.0073  -0.0038 0.0197  7   DA  A N7    
133 C  C5    . DA  A 7  ? 0.1225 0.1219 0.1130 -0.0040 -0.0061 0.0247  7   DA  A C5    
134 C  C6    . DA  A 7  ? 0.1293 0.1105 0.1152 -0.0131 -0.0030 0.0096  7   DA  A C6    
135 N  N6    . DA  A 7  ? 0.1328 0.1256 0.1156 0.0005  -0.0071 0.0166  7   DA  A N6    
136 N  N1    . DA  A 7  ? 0.1262 0.1173 0.0992 -0.0147 -0.0108 0.0176  7   DA  A N1    
137 C  C2    . DA  A 7  ? 0.1334 0.1166 0.1119 -0.0155 -0.0162 0.0104  7   DA  A C2    
138 N  N3    . DA  A 7  ? 0.1245 0.1241 0.1033 -0.0114 -0.0086 0.0175  7   DA  A N3    
139 C  C4    . DA  A 7  ? 0.1343 0.1251 0.1064 -0.0068 -0.0133 0.0168  7   DA  A C4    
140 P  P     . DA  A 8  ? 0.1476 0.1554 0.1023 -0.0102 -0.0161 0.0177  8   DA  A P     
141 O  OP1   . DA  A 8  ? 0.1641 0.1547 0.1167 -0.0157 -0.0127 0.0221  8   DA  A OP1   
142 O  OP2   . DA  A 8  ? 0.1655 0.1504 0.1043 0.0050  -0.0135 0.0338  8   DA  A OP2   
143 O  "O5'" . DA  A 8  ? 0.1469 0.1494 0.1038 -0.0135 -0.0175 0.0263  8   DA  A "O5'" 
144 C  "C5'" . DA  A 8  ? 0.1610 0.1418 0.1082 -0.0150 -0.0250 0.0203  8   DA  A "C5'" 
145 C  "C4'" . DA  A 8  ? 0.1600 0.1289 0.1125 -0.0016 -0.0299 0.0185  8   DA  A "C4'" 
146 O  "O4'" . DA  A 8  ? 0.1419 0.1443 0.1112 -0.0127 -0.0261 0.0096  8   DA  A "O4'" 
147 C  "C3'" . DA  A 8  ? 0.1553 0.1226 0.1094 0.0003  -0.0253 0.0109  8   DA  A "C3'" 
148 O  "O3'" . DA  A 8  ? 0.1674 0.1264 0.1182 -0.0046 -0.0383 0.0189  8   DA  A "O3'" 
149 C  "C2'" . DA  A 8  ? 0.1484 0.1307 0.1136 0.0001  -0.0201 0.0177  8   DA  A "C2'" 
150 C  "C1'" . DA  A 8  ? 0.1390 0.1328 0.1107 -0.0022 -0.0192 0.0149  8   DA  A "C1'" 
151 N  N9    . DA  A 8  ? 0.1440 0.1367 0.1050 0.0080  -0.0178 0.0177  8   DA  A N9    
152 C  C8    . DA  A 8  ? 0.1638 0.1414 0.1101 0.0095  -0.0330 0.0066  8   DA  A C8    
153 N  N7    . DA  A 8  ? 0.1710 0.1380 0.1181 0.0077  -0.0209 0.0098  8   DA  A N7    
154 C  C5    . DA  A 8  ? 0.1466 0.1415 0.1041 0.0081  -0.0062 0.0193  8   DA  A C5    
155 C  C6    . DA  A 8  ? 0.1363 0.1354 0.1156 0.0024  0.0055  0.0212  8   DA  A C6    
156 N  N6    . DA  A 8  ? 0.1530 0.1413 0.1209 0.0084  -0.0004 0.0252  8   DA  A N6    
157 N  N1    . DA  A 8  ? 0.1403 0.1335 0.1151 -0.0018 -0.0051 0.0130  8   DA  A N1    
158 C  C2    . DA  A 8  ? 0.1407 0.1278 0.1122 -0.0012 -0.0081 0.0123  8   DA  A C2    
159 N  N3    . DA  A 8  ? 0.1488 0.1408 0.1062 -0.0052 -0.0178 0.0205  8   DA  A N3    
160 C  C4    . DA  A 8  ? 0.1388 0.1414 0.1114 -0.0016 -0.0136 0.0154  8   DA  A C4    
161 P  P     . DT  A 9  ? 0.1598 0.1283 0.1318 -0.0035 -0.0280 0.0134  9   DT  A P     
162 O  OP1   . DT  A 9  ? 0.1852 0.1267 0.1743 -0.0059 -0.0396 0.0099  9   DT  A OP1   
163 O  OP2   . DT  A 9  ? 0.1599 0.1376 0.1313 -0.0030 -0.0261 0.0106  9   DT  A OP2   
164 O  "O5'" . DT  A 9  ? 0.1579 0.1538 0.1190 0.0074  -0.0197 0.0049  9   DT  A "O5'" 
165 C  "C5'" . DT  A 9  ? 0.1750 0.1720 0.1311 0.0052  -0.0198 0.0040  9   DT  A "C5'" 
166 C  "C4'" . DT  A 9  ? 0.1833 0.1606 0.1365 0.0001  -0.0252 0.0018  9   DT  A "C4'" 
167 O  "O4'" . DT  A 9  ? 0.1887 0.1833 0.1251 0.0174  -0.0329 -0.0003 9   DT  A "O4'" 
168 C  "C3'" . DT  A 9  ? 0.1875 0.1679 0.1256 -0.0094 -0.0088 0.0086  9   DT  A "C3'" 
169 O  "O3'" . DT  A 9  ? 0.1909 0.1916 0.1504 -0.0264 -0.0154 0.0123  9   DT  A "O3'" 
170 C  "C2'" . DT  A 9  ? 0.1968 0.1711 0.1563 -0.0048 -0.0172 -0.0069 9   DT  A "C2'" 
171 C  "C1'" . DT  A 9  ? 0.2133 0.1798 0.1427 0.0037  -0.0184 -0.0117 9   DT  A "C1'" 
172 N  N1    . DT  A 9  ? 0.2021 0.1699 0.1287 0.0147  -0.0220 0.0012  9   DT  A N1    
173 C  C2    . DT  A 9  ? 0.2719 0.1832 0.1228 0.0384  -0.0261 -0.0033 9   DT  A C2    
174 O  O2    . DT  A 9  ? 0.3625 0.1784 0.1423 0.0370  -0.0392 -0.0002 9   DT  A O2    
175 N  N3    . DT  A 9  ? 0.2622 0.1742 0.1546 0.0446  -0.0532 -0.0128 9   DT  A N3    
176 C  C4    . DT  A 9  ? 0.2380 0.1865 0.1600 0.0281  -0.0635 -0.0093 9   DT  A C4    
177 O  O4    . DT  A 9  ? 0.2706 0.2095 0.1936 0.0444  -0.0873 -0.0307 9   DT  A O4    
178 C  C5    . DT  A 9  ? 0.2357 0.1902 0.1711 0.0107  -0.0427 0.0037  9   DT  A C5    
179 C  C7    . DT  A 9  ? 0.2593 0.1869 0.2015 -0.0109 -0.0479 0.0027  9   DT  A C7    
180 C  C6    . DT  A 9  ? 0.2144 0.1709 0.1303 0.0044  -0.0311 0.0118  9   DT  A C6    
181 P  P     . DG  A 10 ? 0.1985 0.2128 0.1801 -0.0239 0.0078  -0.0348 10  DG  A P     
182 O  OP1   . DG  A 10 ? 0.2014 0.2499 0.2241 -0.0177 -0.0173 -0.0849 10  DG  A OP1   
183 O  OP2   . DG  A 10 ? 0.2494 0.2484 0.2434 -0.0672 0.0398  -0.0288 10  DG  A OP2   
184 O  "O5'" . DG  A 10 ? 0.1764 0.1651 0.1477 -0.0032 -0.0140 -0.0167 10  DG  A "O5'" 
185 C  "C5'" . DG  A 10 ? 0.1773 0.1405 0.1544 0.0019  -0.0166 0.0001  10  DG  A "C5'" 
186 C  "C4'" . DG  A 10 ? 0.1537 0.1263 0.1379 -0.0195 -0.0083 0.0043  10  DG  A "C4'" 
187 O  "O4'" . DG  A 10 ? 0.1520 0.1223 0.1453 -0.0138 -0.0128 0.0057  10  DG  A "O4'" 
188 C  "C3'" . DG  A 10 ? 0.1800 0.1449 0.1566 -0.0396 -0.0145 -0.0025 10  DG  A "C3'" 
189 O  "O3'" . DG  A 10 ? 0.1752 0.1519 0.1730 -0.0144 -0.0247 0.0238  10  DG  A "O3'" 
190 C  "C2'" . DG  A 10 ? 0.1797 0.1421 0.2158 -0.0170 -0.0318 0.0064  10  DG  A "C2'" 
191 C  "C1'" . DG  A 10 ? 0.1700 0.1222 0.1440 -0.0086 -0.0315 0.0114  10  DG  A "C1'" 
192 N  N9    . DG  A 10 ? 0.1405 0.1235 0.1259 -0.0043 -0.0127 0.0092  10  DG  A N9    
193 C  C8    . DG  A 10 ? 0.1871 0.1321 0.1322 -0.0285 -0.0076 0.0131  10  DG  A C8    
194 N  N7    . DG  A 10 ? 0.1864 0.1324 0.1325 -0.0033 -0.0065 0.0145  10  DG  A N7    
195 C  C5    . DG  A 10 ? 0.1475 0.1203 0.1250 -0.0159 -0.0086 0.0157  10  DG  A C5    
196 C  C6    . DG  A 10 ? 0.1579 0.1267 0.1220 -0.0198 -0.0019 0.0221  10  DG  A C6    
197 O  O6    . DG  A 10 ? 0.1868 0.1327 0.1276 -0.0209 -0.0175 0.0326  10  DG  A O6    
198 N  N1    . DG  A 10 ? 0.1407 0.1107 0.1253 -0.0129 -0.0037 0.0188  10  DG  A N1    
199 C  C2    . DG  A 10 ? 0.1345 0.1185 0.1187 -0.0157 0.0009  0.0209  10  DG  A C2    
200 N  N2    . DG  A 10 ? 0.1450 0.1241 0.1255 -0.0180 -0.0092 0.0149  10  DG  A N2    
201 N  N3    . DG  A 10 ? 0.1294 0.1117 0.1239 -0.0044 0.0039  0.0164  10  DG  A N3    
202 C  C4    . DG  A 10 ? 0.1480 0.1189 0.1153 -0.0127 -0.0025 0.0216  10  DG  A C4    
203 P  P     A DC  A 11 ? 0.2130 0.1845 0.2610 -0.0179 -0.0488 0.0121  11  DC  A P     
204 P  P     B DC  A 11 ? 0.1649 0.1452 0.1526 0.0040  -0.0180 0.0024  11  DC  A P     
205 O  OP1   A DC  A 11 ? 0.2647 0.1566 0.3136 -0.0084 -0.0470 0.0549  11  DC  A OP1   
206 O  OP1   B DC  A 11 ? 0.1528 0.1570 0.1695 0.0087  -0.0171 0.0176  11  DC  A OP1   
207 O  OP2   A DC  A 11 ? 0.2178 0.2518 0.2884 -0.0196 -0.0465 -0.0339 11  DC  A OP2   
208 O  OP2   B DC  A 11 ? 0.1510 0.1511 0.1442 -0.0080 -0.0033 0.0053  11  DC  A OP2   
209 O  "O5'" A DC  A 11 ? 0.2350 0.1505 0.3109 -0.0146 -0.0684 0.0105  11  DC  A "O5'" 
210 O  "O5'" B DC  A 11 ? 0.1513 0.1411 0.1745 0.0099  -0.0135 0.0089  11  DC  A "O5'" 
211 C  "C5'" A DC  A 11 ? 0.2767 0.1797 0.3201 -0.0163 -0.0578 0.0270  11  DC  A "C5'" 
212 C  "C5'" B DC  A 11 ? 0.1599 0.1767 0.1756 -0.0007 0.0008  0.0001  11  DC  A "C5'" 
213 C  "C4'" A DC  A 11 ? 0.2463 0.1561 0.3066 0.0217  -0.0710 0.0379  11  DC  A "C4'" 
214 C  "C4'" B DC  A 11 ? 0.1367 0.1395 0.1670 -0.0097 0.0003  0.0166  11  DC  A "C4'" 
215 O  "O4'" A DC  A 11 ? 0.2417 0.1563 0.2839 0.0116  -0.0894 0.0310  11  DC  A "O4'" 
216 O  "O4'" B DC  A 11 ? 0.1160 0.1394 0.1854 -0.0021 0.0095  0.0190  11  DC  A "O4'" 
217 C  "C3'" A DC  A 11 ? 0.2253 0.2156 0.3000 -0.0137 -0.0820 0.0232  11  DC  A "C3'" 
218 C  "C3'" B DC  A 11 ? 0.1458 0.1535 0.1813 -0.0041 -0.0057 0.0266  11  DC  A "C3'" 
219 O  "O3'" A DC  A 11 ? 0.2488 0.2408 0.2696 0.0300  -0.0756 -0.0143 11  DC  A "O3'" 
220 O  "O3'" B DC  A 11 ? 0.1599 0.1759 0.1762 0.0029  -0.0288 0.0234  11  DC  A "O3'" 
221 C  "C2'" A DC  A 11 ? 0.2832 0.2558 0.3496 0.0041  -0.0657 0.0444  11  DC  A "C2'" 
222 C  "C2'" B DC  A 11 ? 0.1272 0.1331 0.1829 -0.0077 0.0077  0.0298  11  DC  A "C2'" 
223 C  "C1'" A DC  A 11 ? 0.2421 0.1790 0.3070 -0.0028 -0.0822 0.0577  11  DC  A "C1'" 
224 C  "C1'" B DC  A 11 ? 0.1419 0.1273 0.1692 -0.0030 0.0072  0.0237  11  DC  A "C1'" 
225 N  N1    A DC  A 11 ? 0.1862 0.1136 0.2703 -0.0194 -0.0368 0.0690  11  DC  A N1    
226 N  N1    B DC  A 11 ? 0.1408 0.1154 0.1584 0.0057  0.0075  0.0125  11  DC  A N1    
227 C  C2    A DC  A 11 ? 0.1543 0.1152 0.2354 -0.0024 -0.0034 0.0611  11  DC  A C2    
228 C  C2    B DC  A 11 ? 0.1256 0.1165 0.1498 -0.0122 -0.0143 0.0152  11  DC  A C2    
229 O  O2    A DC  A 11 ? 0.1650 0.1412 0.2460 0.0080  -0.0224 0.0718  11  DC  A O2    
230 O  O2    B DC  A 11 ? 0.1560 0.1199 0.1506 -0.0193 -0.0080 0.0160  11  DC  A O2    
231 N  N3    A DC  A 11 ? 0.1339 0.1136 0.2121 0.0035  0.0085  0.0460  11  DC  A N3    
232 N  N3    B DC  A 11 ? 0.1290 0.1058 0.1459 -0.0129 -0.0054 0.0207  11  DC  A N3    
233 C  C4    A DC  A 11 ? 0.1734 0.1398 0.2124 -0.0268 0.0199  0.0457  11  DC  A C4    
234 C  C4    B DC  A 11 ? 0.1303 0.0984 0.1511 -0.0098 -0.0090 0.0144  11  DC  A C4    
235 N  N4    A DC  A 11 ? 0.1907 0.1461 0.2030 -0.0306 0.0114  0.0344  11  DC  A N4    
236 N  N4    B DC  A 11 ? 0.1395 0.1118 0.1559 -0.0235 -0.0114 0.0128  11  DC  A N4    
237 C  C5    A DC  A 11 ? 0.1846 0.1410 0.2441 -0.0277 0.0178  0.0597  11  DC  A C5    
238 C  C5    B DC  A 11 ? 0.1431 0.1022 0.1522 0.0051  0.0126  0.0104  11  DC  A C5    
239 C  C6    A DC  A 11 ? 0.2126 0.1343 0.2643 -0.0079 -0.0083 0.0562  11  DC  A C6    
240 C  C6    B DC  A 11 ? 0.1349 0.0837 0.1540 -0.0003 0.0009  0.0154  11  DC  A C6    
241 P  P     A DG  A 12 ? 0.2000 0.1115 0.1927 0.0368  -0.0913 0.0009  12  DG  A P     
242 P  P     B DG  A 12 ? 0.2020 0.2245 0.1916 -0.0026 -0.0451 0.0261  12  DG  A P     
243 O  OP1   A DG  A 12 ? 0.2148 0.1185 0.2183 0.0055  -0.0554 0.0365  12  DG  A OP1   
244 O  OP1   B DG  A 12 ? 0.2234 0.2845 0.2149 -0.0012 -0.0458 -0.0061 12  DG  A OP1   
245 O  OP2   A DG  A 12 ? 0.2160 0.1272 0.2600 0.0057  -0.0518 0.0072  12  DG  A OP2   
246 O  OP2   B DG  A 12 ? 0.1983 0.1981 0.2348 -0.0013 -0.0807 0.0413  12  DG  A OP2   
247 O  "O5'" A DG  A 12 ? 0.2339 0.1407 0.1988 -0.0076 -0.0609 0.0206  12  DG  A "O5'" 
248 O  "O5'" B DG  A 12 ? 0.2456 0.1927 0.2534 0.0080  -0.0486 0.0409  12  DG  A "O5'" 
249 C  "C5'" A DG  A 12 ? 0.2000 0.1168 0.1893 -0.0119 -0.0620 0.0153  12  DG  A "C5'" 
250 C  "C5'" B DG  A 12 ? 0.2119 0.1896 0.2243 0.0124  -0.0459 0.0476  12  DG  A "C5'" 
251 C  "C4'" A DG  A 12 ? 0.1661 0.1135 0.1683 -0.0161 -0.0422 0.0123  12  DG  A "C4'" 
252 C  "C4'" B DG  A 12 ? 0.1703 0.1927 0.2255 -0.0108 -0.0425 0.0353  12  DG  A "C4'" 
253 O  "O4'" A DG  A 12 ? 0.1419 0.1105 0.1708 -0.0133 -0.0289 0.0147  12  DG  A "O4'" 
254 O  "O4'" B DG  A 12 ? 0.1497 0.2086 0.1923 -0.0084 -0.0256 0.0091  12  DG  A "O4'" 
255 C  "C3'" A DG  A 12 ? 0.1464 0.1334 0.1997 -0.0094 -0.0446 0.0010  12  DG  A "C3'" 
256 C  "C3'" B DG  A 12 ? 0.1448 0.1654 0.2486 -0.0177 -0.0474 0.0123  12  DG  A "C3'" 
257 O  "O3'" A DG  A 12 ? 0.1574 0.1626 0.1951 -0.0058 -0.0533 0.0043  12  DG  A "O3'" 
258 O  "O3'" B DG  A 12 ? 0.1465 0.1693 0.2618 -0.0383 -0.0481 -0.0076 12  DG  A "O3'" 
259 C  "C2'" A DG  A 12 ? 0.1335 0.1212 0.1906 -0.0109 -0.0207 -0.0032 12  DG  A "C2'" 
260 C  "C2'" B DG  A 12 ? 0.1706 0.1676 0.2365 -0.0225 -0.0266 0.0160  12  DG  A "C2'" 
261 C  "C1'" A DG  A 12 ? 0.1377 0.0962 0.1782 -0.0096 -0.0179 0.0098  12  DG  A "C1'" 
262 C  "C1'" B DG  A 12 ? 0.1758 0.1438 0.2181 -0.0070 -0.0328 0.0171  12  DG  A "C1'" 
263 N  N9    A DG  A 12 ? 0.1347 0.1171 0.1582 -0.0071 -0.0165 0.0194  12  DG  A N9    
264 N  N9    B DG  A 12 ? 0.1433 0.1202 0.2001 -0.0091 -0.0171 0.0315  12  DG  A N9    
265 C  C8    A DG  A 12 ? 0.1223 0.1134 0.1580 -0.0140 -0.0067 0.0204  12  DG  A C8    
266 C  C8    B DG  A 12 ? 0.1480 0.1331 0.2048 -0.0095 -0.0177 0.0192  12  DG  A C8    
267 N  N7    A DG  A 12 ? 0.1381 0.1208 0.1598 -0.0076 -0.0160 0.0246  12  DG  A N7    
268 N  N7    B DG  A 12 ? 0.1603 0.1310 0.1999 -0.0088 -0.0163 0.0298  12  DG  A N7    
269 C  C5    A DG  A 12 ? 0.1221 0.1218 0.1800 -0.0069 -0.0223 0.0232  12  DG  A C5    
270 C  C5    B DG  A 12 ? 0.1350 0.1344 0.2074 -0.0041 -0.0165 0.0387  12  DG  A C5    
271 C  C6    A DG  A 12 ? 0.1297 0.1273 0.1977 0.0015  -0.0439 0.0218  12  DG  A C6    
272 C  C6    B DG  A 12 ? 0.1232 0.1305 0.2112 -0.0190 -0.0241 0.0371  12  DG  A C6    
273 O  O6    A DG  A 12 ? 0.1781 0.1089 0.2052 -0.0070 -0.0684 0.0303  12  DG  A O6    
274 O  O6    B DG  A 12 ? 0.1772 0.1424 0.2385 -0.0398 -0.0547 0.0410  12  DG  A O6    
275 N  N1    A DG  A 12 ? 0.1173 0.1318 0.1859 -0.0085 -0.0311 0.0256  12  DG  A N1    
276 N  N1    B DG  A 12 ? 0.1284 0.1335 0.2045 -0.0126 -0.0189 0.0457  12  DG  A N1    
277 C  C2    A DG  A 12 ? 0.1019 0.1302 0.1734 -0.0011 -0.0177 0.0273  12  DG  A C2    
278 C  C2    B DG  A 12 ? 0.1078 0.1206 0.2028 -0.0117 -0.0082 0.0432  12  DG  A C2    
279 N  N2    A DG  A 12 ? 0.1254 0.1358 0.1709 0.0043  -0.0212 0.0300  12  DG  A N2    
280 N  N2    B DG  A 12 ? 0.1184 0.1159 0.1874 -0.0032 -0.0184 0.0431  12  DG  A N2    
281 N  N3    A DG  A 12 ? 0.0968 0.1180 0.1785 0.0062  -0.0164 0.0257  12  DG  A N3    
282 N  N3    B DG  A 12 ? 0.1144 0.1243 0.2097 -0.0108 -0.0072 0.0438  12  DG  A N3    
283 C  C4    A DG  A 12 ? 0.1080 0.1111 0.1572 -0.0003 -0.0120 0.0269  12  DG  A C4    
284 C  C4    B DG  A 12 ? 0.1287 0.1225 0.1956 -0.0096 -0.0097 0.0380  12  DG  A C4    
285 C  C01   . V70 B .  ? 0.1721 0.1370 0.1176 -0.0219 0.0064  0.0159  101 V70 A C01   
286 C  C02   . V70 B .  ? 0.1489 0.1436 0.1086 0.0202  -0.0132 0.0280  101 V70 A C02   
287 C  C03   . V70 B .  ? 0.1469 0.1550 0.0996 0.0159  -0.0110 0.0347  101 V70 A C03   
288 C  C04   . V70 B .  ? 0.1413 0.1432 0.1109 0.0016  0.0051  0.0238  101 V70 A C04   
289 C  C05   . V70 B .  ? 0.1659 0.1493 0.1151 -0.0114 -0.0148 0.0158  101 V70 A C05   
290 C  C06   . V70 B .  ? 0.1476 0.1510 0.1554 -0.0100 -0.0140 0.0134  101 V70 A C06   
291 C  C07   . V70 B .  ? 0.1789 0.1343 0.1159 0.0291  -0.0094 0.0260  101 V70 A C07   
292 C  C08   . V70 B .  ? 0.1687 0.1184 0.1205 -0.0094 -0.0016 0.0154  101 V70 A C08   
293 C  C09   . V70 B .  ? 0.1491 0.1503 0.1003 0.0237  0.0009  0.0336  101 V70 A C09   
294 C  C10   . V70 B .  ? 0.1270 0.1393 0.1208 0.0077  -0.0027 0.0129  101 V70 A C10   
295 C  C11   . V70 B .  ? 0.1852 0.1575 0.1276 -0.0362 0.0049  0.0264  101 V70 A C11   
296 C  C12   . V70 B .  ? 0.1886 0.1893 0.1570 -0.0361 -0.0176 0.0230  101 V70 A C12   
297 C  C13   . V70 B .  ? 0.1410 0.1381 0.1352 0.0008  -0.0031 0.0172  101 V70 A C13   
298 C  C14   . V70 B .  ? 0.1659 0.1384 0.1154 0.0181  -0.0075 0.0317  101 V70 A C14   
299 C  C15   . V70 B .  ? 0.1485 0.1411 0.1553 -0.0108 -0.0038 0.0174  101 V70 A C15   
300 C  C16   . V70 B .  ? 0.1451 0.1311 0.1121 0.0198  -0.0131 0.0326  101 V70 A C16   
301 C  C17   . V70 B .  ? 0.1764 0.1256 0.1178 -0.0086 0.0029  0.0157  101 V70 A C17   
302 C  C18   . V70 B .  ? 0.1648 0.1558 0.1072 0.0069  -0.0077 0.0199  101 V70 A C18   
303 C  C19   . V70 B .  ? 0.1514 0.1371 0.1451 -0.0117 -0.0151 0.0213  101 V70 A C19   
304 C  C20   . V70 B .  ? 0.1620 0.1360 0.1237 -0.0014 -0.0129 0.0156  101 V70 A C20   
305 C  C21   . V70 B .  ? 0.1944 0.2035 0.1449 -0.0449 -0.0138 0.0114  101 V70 A C21   
306 C  C22   . V70 B .  ? 0.1502 0.1411 0.1358 -0.0038 0.0020  0.0241  101 V70 A C22   
307 C  C23   . V70 B .  ? 0.1479 0.1445 0.1144 0.0037  -0.0106 0.0143  101 V70 A C23   
308 C  C24   . V70 B .  ? 0.1625 0.1428 0.1137 -0.0004 -0.0156 0.0185  101 V70 A C24   
309 C  C25   . V70 B .  ? 0.2002 0.1823 0.1531 -0.0601 -0.0058 0.0219  101 V70 A C25   
310 C  C26   . V70 B .  ? 0.1559 0.1363 0.1120 0.0306  -0.0037 0.0197  101 V70 A C26   
311 C  C27   . V70 B .  ? 0.1534 0.1449 0.1342 0.0031  -0.0172 0.0104  101 V70 A C27   
312 C  C28   . V70 B .  ? 0.1597 0.1443 0.1202 0.0078  -0.0097 0.0203  101 V70 A C28   
313 C  C29   . V70 B .  ? 0.1815 0.1343 0.1245 -0.0141 0.0059  0.0284  101 V70 A C29   
314 C  C30   . V70 B .  ? 0.1326 0.1459 0.1359 0.0148  0.0065  0.0312  101 V70 A C30   
315 C  C31   . V70 B .  ? 0.1870 0.1564 0.1160 -0.0295 0.0161  0.0177  101 V70 A C31   
316 C  C32   . V70 B .  ? 0.1625 0.1609 0.1269 0.0032  0.0052  0.0250  101 V70 A C32   
317 C  C33   . V70 B .  ? 0.1709 0.1475 0.1285 0.0022  -0.0033 0.0195  101 V70 A C33   
318 C  C34   . V70 B .  ? 0.1615 0.1537 0.1412 0.0123  -0.0019 0.0229  101 V70 A C34   
319 C  C35   . V70 B .  ? 0.1667 0.1584 0.1454 0.0178  -0.0002 0.0229  101 V70 A C35   
320 C  C36   . V70 B .  ? 0.1508 0.1734 0.1222 0.0118  -0.0022 0.0341  101 V70 A C36   
321 C  C37   . V70 B .  ? 0.1703 0.1396 0.1580 0.0061  0.0057  0.0150  101 V70 A C37   
322 C  C38   . V70 B .  ? 0.1376 0.1898 0.1258 0.0135  0.0077  0.0103  101 V70 A C38   
323 N  N01   . V70 B .  ? 0.1420 0.1275 0.1168 -0.0110 0.0023  0.0226  101 V70 A N01   
324 N  N02   . V70 B .  ? 0.1763 0.1313 0.1345 0.0245  -0.0128 0.0270  101 V70 A N02   
325 N  N03   . V70 B .  ? 0.1655 0.1538 0.1275 -0.0159 0.0021  0.0277  101 V70 A N03   
326 N  N04   . V70 B .  ? 0.1562 0.1487 0.1049 0.0286  0.0172  0.0229  101 V70 A N04   
327 N  N05   . V70 B .  ? 0.1584 0.1205 0.1392 -0.0018 -0.0093 0.0203  101 V70 A N05   
328 N  N06   . V70 B .  ? 0.1609 0.1348 0.1223 -0.0093 -0.0058 0.0164  101 V70 A N06   
329 RU RU01  . V70 B .  ? 0.1384 0.1244 0.1109 -0.0022 -0.0087 0.0192  101 V70 A RU01  
330 C  C11   . V7F C .  ? 0.1369 0.0964 0.1444 -0.0080 0.0025  0.0109  102 V7F A C11   
331 C  C12   . V7F C .  ? 0.1406 0.1318 0.1184 -0.0209 0.0041  -0.0011 102 V7F A C12   
332 C  C13   . V7F C .  ? 0.1406 0.1151 0.1277 0.0027  0.0040  -0.0041 102 V7F A C13   
333 C  C14   . V7F C .  ? 0.1337 0.1194 0.1021 0.0098  -0.0144 0.0185  102 V7F A C14   
334 C  C15   . V7F C .  ? 0.1498 0.1092 0.1437 -0.0031 -0.0122 -0.0061 102 V7F A C15   
335 C  C16   . V7F C .  ? 0.1307 0.1272 0.1049 0.0055  -0.0225 0.0290  102 V7F A C16   
336 C  C17   . V7F C .  ? 0.1282 0.1086 0.1308 -0.0144 -0.0022 0.0229  102 V7F A C17   
337 C  C18   . V7F C .  ? 0.1425 0.1182 0.1185 -0.0004 -0.0188 0.0128  102 V7F A C18   
338 C  C19   . V7F C .  ? 0.1440 0.1048 0.1404 0.0042  -0.0182 0.0086  102 V7F A C19   
339 C  C20   . V7F C .  ? 0.1314 0.1225 0.1325 0.0056  -0.0122 0.0060  102 V7F A C20   
340 C  C21   . V7F C .  ? 0.1520 0.1357 0.1289 -0.0233 -0.0006 0.0081  102 V7F A C21   
341 C  C22   . V7F C .  ? 0.1352 0.1164 0.1262 0.0018  -0.0148 0.0092  102 V7F A C22   
342 C  C23   . V7F C .  ? 0.1417 0.1221 0.1135 0.0000  -0.0099 0.0002  102 V7F A C23   
343 C  C24   . V7F C .  ? 0.1552 0.1325 0.1307 0.0016  -0.0122 0.0194  102 V7F A C24   
344 C  C25   . V7F C .  ? 0.1461 0.1169 0.1437 -0.0170 0.0137  0.0019  102 V7F A C25   
345 C  C26   . V7F C .  ? 0.1493 0.1156 0.1125 0.0142  -0.0193 0.0120  102 V7F A C26   
346 C  C29   . V7F C .  ? 0.1201 0.1088 0.1591 -0.0071 0.0040  0.0252  102 V7F A C29   
347 C  C30   . V7F C .  ? 0.1552 0.1387 0.1144 -0.0067 -0.0211 0.0300  102 V7F A C30   
348 C  C31   . V7F C .  ? 0.1234 0.0984 0.1672 -0.0010 0.0091  0.0172  102 V7F A C31   
349 C  C32   . V7F C .  ? 0.1648 0.1310 0.1166 0.0179  -0.0153 0.0138  102 V7F A C32   
350 C  C33   . V7F C .  ? 0.1434 0.1099 0.1399 -0.0021 -0.0184 0.0241  102 V7F A C33   
351 C  C34   . V7F C .  ? 0.1488 0.1220 0.1316 -0.0041 -0.0294 0.0141  102 V7F A C34   
352 C  C35   . V7F C .  ? 0.1481 0.1268 0.1272 -0.0114 -0.0146 0.0123  102 V7F A C35   
353 C  C36   . V7F C .  ? 0.1457 0.1347 0.1212 0.0186  -0.0153 0.0200  102 V7F A C36   
354 C  C37   . V7F C .  ? 0.1424 0.1347 0.1209 -0.0153 -0.0095 0.0246  102 V7F A C37   
355 C  C38   . V7F C .  ? 0.1696 0.1318 0.1192 0.0242  -0.0037 0.0211  102 V7F A C38   
356 C  C01   . V7F C .  ? 0.1317 0.0997 0.1391 -0.0122 -0.0120 0.0224  102 V7F A C01   
357 C  C02   . V7F C .  ? 0.1311 0.1086 0.1089 0.0127  -0.0229 0.0178  102 V7F A C02   
358 C  C03   . V7F C .  ? 0.1240 0.0982 0.1155 0.0156  -0.0164 0.0151  102 V7F A C03   
359 C  C04   . V7F C .  ? 0.1390 0.1035 0.1150 0.0015  -0.0080 0.0102  102 V7F A C04   
360 C  C05   . V7F C .  ? 0.1317 0.1346 0.1306 0.0113  -0.0265 0.0072  102 V7F A C05   
361 C  C06   . V7F C .  ? 0.1620 0.1097 0.1421 -0.0042 -0.0077 -0.0086 102 V7F A C06   
362 C  C07   . V7F C .  ? 0.1470 0.1032 0.1078 0.0077  -0.0308 0.0143  102 V7F A C07   
363 C  C08   . V7F C .  ? 0.1192 0.1070 0.1150 -0.0129 -0.0038 0.0114  102 V7F A C08   
364 C  C09   . V7F C .  ? 0.1510 0.1240 0.1081 0.0116  -0.0214 0.0300  102 V7F A C09   
365 C  C10   . V7F C .  ? 0.1306 0.1128 0.1157 0.0028  -0.0078 0.0087  102 V7F A C10   
366 C  C27   . V7F C .  ? 0.1615 0.1116 0.1242 -0.0026 0.0012  0.0042  102 V7F A C27   
367 C  C28   . V7F C .  ? 0.1475 0.1269 0.1186 -0.0066 0.0035  0.0030  102 V7F A C28   
368 N  N01   . V7F C .  ? 0.1338 0.1030 0.1217 0.0154  -0.0109 0.0038  102 V7F A N01   
369 N  N02   . V7F C .  ? 0.1340 0.1225 0.0984 0.0092  -0.0031 -0.0010 102 V7F A N02   
370 N  N03   . V7F C .  ? 0.1326 0.0977 0.1200 -0.0040 -0.0003 -0.0041 102 V7F A N03   
371 N  N04   . V7F C .  ? 0.1378 0.0991 0.1213 0.0109  -0.0185 0.0029  102 V7F A N04   
372 N  N05   . V7F C .  ? 0.1344 0.1139 0.1171 -0.0027 -0.0089 0.0121  102 V7F A N05   
373 N  N06   . V7F C .  ? 0.1286 0.1171 0.1194 0.0009  0.0002  -0.0012 102 V7F A N06   
374 RU RU01  . V7F C .  ? 0.1280 0.1051 0.1190 0.0029  -0.0151 0.0070  102 V7F A RU01  
375 K  K     . K   D .  ? 0.1942 0.1724 0.2969 -0.0124 -0.0140 0.0066  103 K   A K     
376 K  K     . K   E .  ? 0.2074 0.1761 0.1701 -0.0018 -0.0363 0.0123  104 K   A K     
377 LI LI    . LI  F .  ? 0.1407 0.1763 0.1409 -0.0451 -0.0295 0.0260  105 LI  A LI    
378 O  O     . HOH G .  ? 0.2012 0.2143 0.2935 0.0208  -0.0066 -0.0418 201 HOH A O     
379 O  O     . HOH G .  ? 0.2900 0.2582 0.4616 0.0084  -0.1236 -0.0722 202 HOH A O     
380 O  O     . HOH G .  ? 0.4062 0.2932 0.4642 0.0188  -0.1604 -0.1195 203 HOH A O     
381 O  O     . HOH G .  ? 0.2859 0.3141 0.4736 0.0270  0.0013  -0.1652 204 HOH A O     
382 O  O     . HOH G .  ? 0.4081 0.2690 0.3947 0.0402  -0.1095 0.1027  205 HOH A O     
383 O  O     . HOH G .  ? 0.2907 0.3146 0.4574 -0.0461 -0.0325 0.0314  206 HOH A O     
384 O  O     . HOH G .  ? 0.3404 0.3036 0.1822 -0.0750 -0.0269 0.0435  207 HOH A O     
385 O  O     . HOH G .  ? 0.1619 0.1399 0.1698 -0.0259 -0.0142 0.0118  208 HOH A O     
386 O  O     . HOH G .  ? 0.5514 0.5331 0.6433 0.0400  -0.0747 -0.0642 209 HOH A O     
387 O  O     . HOH G .  ? 0.1697 0.1428 0.1244 -0.0160 -0.0160 0.0110  210 HOH A O     
388 O  O     . HOH G .  ? 0.2470 0.2914 0.1572 0.0187  -0.0199 0.0202  211 HOH A O     
389 O  O     . HOH G .  ? 0.2326 0.1631 0.1757 -0.0513 -0.0581 0.0288  212 HOH A O     
390 O  O     . HOH G .  ? 0.3509 0.3134 0.1711 0.1614  -0.0419 0.0137  213 HOH A O     
391 O  O     . HOH G .  ? 0.4604 0.2561 0.2701 0.0903  -0.0038 -0.0508 214 HOH A O     
392 O  O     . HOH G .  ? 0.3284 0.2474 0.3264 -0.0106 0.0640  -0.0021 215 HOH A O     
393 O  O     . HOH G .  ? 0.2539 0.2128 0.2183 -0.0190 -0.0222 0.0153  216 HOH A O     
394 O  O     . HOH G .  ? 0.4201 0.3628 0.3915 0.1350  -0.0842 -0.0023 217 HOH A O     
395 O  O     . HOH G .  ? 0.3409 0.2006 0.1858 0.0378  -0.0810 0.0198  218 HOH A O     
396 O  O     . HOH G .  ? 0.3552 0.3086 0.3449 -0.1535 0.1199  -0.0797 219 HOH A O     
397 O  O     . HOH G .  ? 0.3818 0.1662 0.2383 -0.0599 0.0575  0.0132  220 HOH A O     
398 O  O     . HOH G .  ? 0.1876 0.1892 0.1633 0.0108  -0.0248 0.0018  221 HOH A O     
399 O  O     . HOH G .  ? 0.2339 0.1596 0.1629 0.0081  -0.0478 0.0072  222 HOH A O     
400 O  O     . HOH G .  ? 0.2409 0.4526 0.2998 -0.0045 -0.0519 0.1596  223 HOH A O     
401 O  O     . HOH G .  ? 0.1902 0.1412 0.1460 -0.0027 -0.0379 0.0211  224 HOH A O     
402 O  O     . HOH G .  ? 0.2903 0.3035 0.2943 -0.0970 0.0258  -0.0131 225 HOH A O     
403 O  O     . HOH G .  ? 0.3476 0.1467 0.2002 -0.0292 -0.0112 0.0076  226 HOH A O     
404 O  O     . HOH G .  ? 0.2441 0.3262 0.2555 -0.0112 -0.0339 -0.0013 227 HOH A O     
405 O  O     . HOH G .  ? 0.1958 0.1653 0.1495 0.0138  0.0105  0.0094  228 HOH A O     
406 O  O     . HOH G .  ? 0.6405 0.9847 1.1514 -0.3584 0.1416  0.4337  229 HOH A O     
407 O  O     . HOH G .  ? 0.2244 0.1725 0.4672 0.0301  -0.0486 0.0137  230 HOH A O     
408 O  O     . HOH G .  ? 0.2970 0.3659 0.3867 -0.0234 -0.0896 -0.0162 231 HOH A O     
409 O  O     . HOH G .  ? 0.4094 0.2201 0.3331 0.1213  -0.1145 0.0004  232 HOH A O     
410 O  O     . HOH G .  ? 0.2046 0.2820 0.2754 0.0047  -0.0026 0.0006  233 HOH A O     
411 O  O     . HOH G .  ? 0.3687 1.1034 1.0192 0.4350  0.1335  -0.0459 234 HOH A O     
412 O  O     . HOH G .  ? 0.2191 0.3135 0.3571 -0.0273 -0.0581 0.0916  235 HOH A O     
413 O  O     . HOH G .  ? 0.3663 0.3139 0.3594 -0.0144 0.0608  0.1293  236 HOH A O     
414 O  O     . HOH G .  ? 0.3878 0.1548 0.2229 -0.0530 -0.0813 0.0427  237 HOH A O     
415 O  O     . HOH G .  ? 0.3127 0.2741 0.4940 -0.0062 -0.0682 -0.1239 238 HOH A O     
416 O  O     . HOH G .  ? 0.1670 0.2666 0.1754 -0.0450 -0.0121 -0.0054 239 HOH A O     
417 O  O     . HOH G .  ? 0.4984 0.3397 0.4956 -0.0439 -0.1277 0.1688  240 HOH A O     
418 O  O     . HOH G .  ? 0.6255 0.3045 0.3663 -0.1333 -0.0087 -0.0029 241 HOH A O     
419 O  O     . HOH G .  ? 0.3827 0.2806 0.3506 -0.0524 0.0015  0.0304  242 HOH A O     
420 O  O     . HOH G .  ? 0.2282 0.4001 0.2369 0.1132  -0.0036 0.0116  243 HOH A O     
421 O  O     . HOH G .  ? 0.1808 0.2050 0.1178 -0.0021 -0.0284 0.0097  244 HOH A O     
422 O  O     . HOH G .  ? 0.8392 1.5975 0.6471 0.0416  -0.7126 0.1867  245 HOH A O     
423 O  O     . HOH G .  ? 0.2707 0.1167 0.1149 -0.0566 -0.0086 0.0053  246 HOH A O     
424 O  O     . HOH G .  ? 0.4213 0.3058 0.3486 0.0083  0.0735  0.0201  247 HOH A O     
425 O  O     . HOH G .  ? 0.2379 0.2413 0.2366 -0.0595 0.0000  0.0018  248 HOH A O     
426 O  O     . HOH G .  ? 0.1951 0.3357 0.3785 0.0179  -0.0139 0.0809  249 HOH A O     
427 O  O     . HOH G .  ? 0.2025 0.1615 0.1706 -0.0230 -0.0173 0.0198  250 HOH A O     
428 O  O     . HOH G .  ? 0.2765 0.2417 0.2407 0.0015  -0.0181 0.0794  251 HOH A O     
429 O  O     . HOH G .  ? 0.2811 0.1898 0.1625 -0.0761 0.0368  -0.0270 252 HOH A O     
430 O  O     . HOH G .  ? 0.2094 0.1504 0.3683 -0.0062 -0.0852 -0.0621 253 HOH A O     
431 O  O     . HOH G .  ? 0.2987 0.2827 0.3082 -0.0072 0.0637  -0.0987 254 HOH A O     
432 O  O     . HOH G .  ? 0.2192 0.2482 0.2341 0.0382  -0.0134 0.0041  255 HOH A O     
433 O  O     . HOH G .  ? 0.2557 0.1268 0.1905 0.0545  0.0120  0.0373  256 HOH A O     
434 O  O     . HOH G .  ? 0.7539 0.4461 0.4067 -0.1878 0.1235  -0.0817 257 HOH A O     
435 O  O     . HOH G .  ? 0.4055 0.2453 0.3445 -0.1341 0.0917  -0.0616 258 HOH A O     
436 O  O     . HOH G .  ? 0.4482 0.3045 0.3524 0.0065  0.0360  -0.0156 259 HOH A O     
437 O  O     . HOH G .  ? 0.4683 0.8604 1.7735 -0.5881 0.3066  0.0154  260 HOH A O     
438 O  O     . HOH G .  ? 0.3674 0.3195 0.2196 -0.0384 -0.0350 0.0671  261 HOH A O     
439 O  O     . HOH G .  ? 0.3281 0.2362 0.6055 0.0234  -0.1967 -0.0311 262 HOH A O     
440 O  O     . HOH G .  ? 0.3646 0.2909 0.3469 -0.0625 -0.1605 0.1007  263 HOH A O     
441 O  O     . HOH G .  ? 0.2753 0.1710 0.2444 -0.0253 -0.0110 0.0117  264 HOH A O     
442 O  O     . HOH G .  ? 0.3000 0.2942 0.3884 -0.0035 -0.0224 -0.1158 265 HOH A O     
443 O  O     . HOH G .  ? 0.5659 0.8187 1.1040 -0.0790 -0.0776 0.0379  266 HOH A O     
444 O  O     . HOH G .  ? 0.5095 0.3526 0.2331 0.2014  -0.0209 -0.0314 267 HOH A O     
445 O  O     . HOH G .  ? 0.2394 0.2482 0.1806 0.0392  -0.0101 0.0486  268 HOH A O     
446 O  O     . HOH G .  ? 0.2985 0.2174 0.3763 -0.0504 0.0090  -0.0292 269 HOH A O     
447 O  O     . HOH G .  ? 0.4159 0.3408 0.3914 0.0884  -0.1135 -0.0138 270 HOH A O     
# 
